data_3Q7K
#
_entry.id   3Q7K
#
_cell.length_a   105.951
_cell.length_b   205.723
_cell.length_c   106.046
_cell.angle_alpha   90.00
_cell.angle_beta   115.49
_cell.angle_gamma   90.00
#
_symmetry.space_group_name_H-M   'P 1 21 1'
#
loop_
_entity.id
_entity.type
_entity.pdbx_description
1 polymer 'Probable formate transporter'
2 non-polymer 'FORMIC ACID'
3 water water
#
_entity_poly.entity_id   1
_entity_poly.type   'polypeptide(L)'
_entity_poly.pdbx_seq_one_letter_code
;MKADNPFDLLLPAAMAKVAEEAGVYKATKHPLKTFYLAITAGVFISIAFVFYITATTGTGAMPYGMAKLIGGICFSLGLI
LCVICGADLFTSTVLIVVAKASGRITWGQLAKNWLNVYFGNLIGALLFVLLMWLSGEYMTANGQWGLNVLQTADHKMHHT
FIEAVCLGILANLMVCLAVWMSYSGRSLMDKAFIMVLPVAMFVASGFEHSIANMFMIPMGIVIRDFATPEFWTAVGSSPE
SFSHLTVMSFITDNLIPVTIGNIIGGGLLVGLTYWVIYLRGNEHHLEHHHHHH
;
_entity_poly.pdbx_strand_id   A,B,C,D,E,G,H,I,J,K
#
loop_
_chem_comp.id
_chem_comp.type
_chem_comp.name
_chem_comp.formula
FMT non-polymer 'FORMIC ACID' 'C H2 O2'
#
# COMPACT_ATOMS: atom_id res chain seq x y z
N ALA A 13 20.29 -17.87 1.94
CA ALA A 13 19.29 -17.40 2.96
C ALA A 13 19.38 -18.16 4.31
N ALA A 14 20.41 -17.83 5.12
CA ALA A 14 20.48 -18.20 6.56
C ALA A 14 19.65 -17.27 7.53
N MET A 15 18.45 -17.79 7.83
CA MET A 15 17.55 -17.30 8.87
C MET A 15 18.11 -17.77 10.19
N ALA A 16 18.95 -18.81 10.13
CA ALA A 16 19.59 -19.35 11.32
C ALA A 16 20.29 -18.21 12.10
N LYS A 17 20.87 -17.25 11.37
CA LYS A 17 21.46 -16.04 11.96
C LYS A 17 20.45 -15.12 12.66
N VAL A 18 19.40 -14.67 11.95
CA VAL A 18 18.36 -13.86 12.62
C VAL A 18 17.77 -14.57 13.85
N ALA A 19 17.24 -15.78 13.68
CA ALA A 19 16.73 -16.58 14.80
C ALA A 19 17.73 -16.78 15.97
N GLU A 20 19.01 -16.92 15.67
CA GLU A 20 20.09 -17.05 16.68
C GLU A 20 20.15 -15.76 17.42
N GLU A 21 20.15 -14.67 16.69
CA GLU A 21 20.31 -13.39 17.31
C GLU A 21 19.08 -13.06 18.13
N ALA A 22 17.89 -13.29 17.56
CA ALA A 22 16.62 -13.27 18.31
C ALA A 22 16.71 -14.22 19.52
N GLY A 23 17.27 -15.40 19.25
CA GLY A 23 17.64 -16.37 20.27
C GLY A 23 18.49 -15.74 21.33
N VAL A 24 19.71 -15.36 20.96
CA VAL A 24 20.62 -14.67 21.88
C VAL A 24 19.91 -13.56 22.63
N TYR A 25 19.18 -12.71 21.91
CA TYR A 25 18.45 -11.60 22.57
C TYR A 25 17.51 -12.08 23.71
N LYS A 26 16.59 -12.98 23.37
CA LYS A 26 15.62 -13.47 24.34
C LYS A 26 16.25 -14.18 25.55
N ALA A 27 17.39 -14.86 25.37
CA ALA A 27 18.03 -15.56 26.49
C ALA A 27 18.86 -14.66 27.40
N THR A 28 19.13 -13.44 26.95
CA THR A 28 20.15 -12.55 27.54
C THR A 28 19.55 -11.24 28.09
N LYS A 29 18.73 -10.60 27.24
CA LYS A 29 17.47 -9.89 27.58
C LYS A 29 17.25 -9.10 28.86
N HIS A 30 16.40 -8.09 28.72
CA HIS A 30 16.07 -7.17 29.79
C HIS A 30 15.61 -7.92 31.01
N PRO A 31 15.66 -7.21 32.17
CA PRO A 31 15.85 -7.89 33.48
C PRO A 31 14.83 -9.05 33.80
N LEU A 32 13.81 -8.64 34.54
CA LEU A 32 12.70 -9.42 34.93
C LEU A 32 11.48 -9.04 34.07
N LYS A 33 11.72 -8.45 32.89
CA LYS A 33 10.67 -8.32 31.89
C LYS A 33 10.26 -9.74 31.50
N THR A 34 11.25 -10.64 31.51
CA THR A 34 11.13 -12.04 31.14
C THR A 34 10.46 -12.85 32.24
N PHE A 35 10.80 -12.56 33.48
CA PHE A 35 10.09 -13.14 34.62
C PHE A 35 8.59 -12.78 34.59
N TYR A 36 8.33 -11.50 34.30
CA TYR A 36 6.98 -10.95 34.25
C TYR A 36 6.22 -11.71 33.18
N LEU A 37 6.87 -11.82 32.02
CA LEU A 37 6.28 -12.44 30.86
C LEU A 37 6.05 -13.94 31.04
N ALA A 38 6.91 -14.60 31.83
CA ALA A 38 6.76 -16.03 32.11
C ALA A 38 5.60 -16.32 33.08
N ILE A 39 5.42 -15.45 34.07
CA ILE A 39 4.25 -15.48 34.97
C ILE A 39 3.00 -15.34 34.12
N THR A 40 3.03 -14.36 33.22
CA THR A 40 1.95 -14.12 32.28
C THR A 40 1.61 -15.39 31.49
N ALA A 41 2.62 -16.05 30.93
CA ALA A 41 2.37 -17.29 30.23
C ALA A 41 1.76 -18.37 31.14
N GLY A 42 2.21 -18.48 32.38
CA GLY A 42 1.62 -19.44 33.31
C GLY A 42 0.14 -19.18 33.53
N VAL A 43 -0.23 -17.90 33.52
CA VAL A 43 -1.64 -17.52 33.68
C VAL A 43 -2.40 -17.95 32.43
N PHE A 44 -1.80 -17.76 31.24
CA PHE A 44 -2.48 -18.05 29.99
C PHE A 44 -2.68 -19.55 29.85
N ILE A 45 -1.67 -20.33 30.18
CA ILE A 45 -1.83 -21.76 30.04
C ILE A 45 -2.85 -22.33 31.06
N SER A 46 -2.93 -21.69 32.23
CA SER A 46 -3.94 -22.05 33.21
C SER A 46 -5.36 -21.77 32.70
N ILE A 47 -5.51 -20.62 32.04
CA ILE A 47 -6.74 -20.24 31.39
C ILE A 47 -7.15 -21.33 30.38
N ALA A 48 -6.23 -21.69 29.47
CA ALA A 48 -6.44 -22.78 28.55
C ALA A 48 -7.01 -24.04 29.23
N PHE A 49 -6.37 -24.46 30.34
CA PHE A 49 -6.83 -25.69 31.00
C PHE A 49 -8.18 -25.53 31.69
N VAL A 50 -8.44 -24.34 32.26
CA VAL A 50 -9.75 -24.04 32.82
C VAL A 50 -10.80 -24.13 31.71
N PHE A 51 -10.50 -23.55 30.56
CA PHE A 51 -11.44 -23.58 29.45
C PHE A 51 -11.75 -25.02 29.14
N TYR A 52 -10.71 -25.84 29.00
CA TYR A 52 -10.83 -27.27 28.70
C TYR A 52 -11.72 -28.02 29.68
N ILE A 53 -11.57 -27.70 30.96
CA ILE A 53 -12.38 -28.33 32.02
C ILE A 53 -13.84 -27.87 31.90
N THR A 54 -14.05 -26.59 31.63
CA THR A 54 -15.40 -26.09 31.46
C THR A 54 -16.08 -26.84 30.32
N ALA A 55 -15.48 -26.79 29.13
CA ALA A 55 -16.05 -27.42 27.95
C ALA A 55 -16.36 -28.91 28.11
N THR A 56 -15.51 -29.63 28.85
CA THR A 56 -15.68 -31.08 28.93
C THR A 56 -16.43 -31.56 30.16
N THR A 57 -16.82 -30.63 31.05
CA THR A 57 -17.65 -31.00 32.20
C THR A 57 -19.00 -31.61 31.73
N GLY A 58 -19.34 -32.76 32.30
CA GLY A 58 -20.55 -33.46 31.94
C GLY A 58 -20.51 -34.20 30.63
N THR A 59 -19.33 -34.43 30.07
CA THR A 59 -19.25 -35.07 28.73
C THR A 59 -18.99 -36.57 28.78
N GLY A 60 -19.13 -37.15 29.98
CA GLY A 60 -18.98 -38.60 30.21
C GLY A 60 -19.71 -39.48 29.23
N ALA A 61 -20.87 -39.06 28.73
CA ALA A 61 -21.71 -39.90 27.84
C ALA A 61 -21.53 -39.57 26.36
N MET A 62 -20.77 -38.52 26.04
CA MET A 62 -20.39 -38.20 24.66
C MET A 62 -19.33 -39.18 24.21
N PRO A 63 -19.22 -39.41 22.87
CA PRO A 63 -18.08 -40.19 22.40
C PRO A 63 -16.75 -39.59 22.87
N TYR A 64 -15.90 -40.44 23.43
CA TYR A 64 -14.61 -40.04 23.98
C TYR A 64 -13.89 -38.98 23.13
N GLY A 65 -13.51 -39.39 21.91
CA GLY A 65 -12.76 -38.53 20.99
C GLY A 65 -13.36 -37.16 20.71
N MET A 66 -14.69 -37.09 20.58
CA MET A 66 -15.40 -35.84 20.29
C MET A 66 -15.31 -34.83 21.45
N ALA A 67 -15.51 -35.32 22.68
CA ALA A 67 -15.38 -34.47 23.87
C ALA A 67 -13.95 -33.92 23.95
N LYS A 68 -12.97 -34.82 23.87
CA LYS A 68 -11.55 -34.45 23.90
C LYS A 68 -11.18 -33.45 22.81
N LEU A 69 -11.66 -33.70 21.58
CA LEU A 69 -11.42 -32.77 20.46
C LEU A 69 -11.93 -31.37 20.76
N ILE A 70 -13.18 -31.26 21.24
CA ILE A 70 -13.74 -29.95 21.59
C ILE A 70 -12.96 -29.24 22.69
N GLY A 71 -12.66 -29.98 23.77
CA GLY A 71 -11.78 -29.48 24.84
C GLY A 71 -10.46 -28.98 24.32
N GLY A 72 -9.89 -29.71 23.33
CA GLY A 72 -8.60 -29.37 22.73
C GLY A 72 -8.65 -28.05 21.96
N ILE A 73 -9.69 -27.87 21.14
CA ILE A 73 -9.91 -26.58 20.47
C ILE A 73 -9.99 -25.42 21.48
N CYS A 74 -10.77 -25.60 22.53
CA CYS A 74 -10.87 -24.56 23.57
C CYS A 74 -9.52 -24.23 24.20
N PHE A 75 -8.73 -25.26 24.48
CA PHE A 75 -7.41 -25.11 25.10
C PHE A 75 -6.53 -24.16 24.29
N SER A 76 -6.66 -24.19 22.97
CA SER A 76 -5.77 -23.42 22.11
C SER A 76 -5.80 -21.91 22.41
N LEU A 77 -6.83 -21.43 23.13
CA LEU A 77 -6.86 -20.05 23.68
C LEU A 77 -5.53 -19.68 24.32
N GLY A 78 -5.00 -20.59 25.15
CA GLY A 78 -3.78 -20.36 25.94
C GLY A 78 -2.61 -19.96 25.09
N LEU A 79 -2.35 -20.77 24.07
CA LEU A 79 -1.20 -20.54 23.21
C LEU A 79 -1.44 -19.32 22.35
N ILE A 80 -2.68 -19.10 21.92
CA ILE A 80 -3.05 -17.90 21.19
C ILE A 80 -2.74 -16.69 22.04
N LEU A 81 -3.20 -16.70 23.30
CA LEU A 81 -2.90 -15.65 24.24
C LEU A 81 -1.38 -15.44 24.33
N CYS A 82 -0.61 -16.50 24.49
CA CYS A 82 0.86 -16.40 24.56
C CYS A 82 1.51 -15.77 23.36
N VAL A 83 1.16 -16.22 22.18
CA VAL A 83 1.78 -15.70 20.98
C VAL A 83 1.34 -14.26 20.67
N ILE A 84 0.04 -14.00 20.67
CA ILE A 84 -0.44 -12.66 20.32
C ILE A 84 -0.03 -11.61 21.33
N CYS A 85 0.02 -11.98 22.60
CA CYS A 85 0.43 -11.01 23.65
C CYS A 85 1.93 -10.99 23.93
N GLY A 86 2.68 -11.94 23.37
CA GLY A 86 4.10 -12.05 23.63
C GLY A 86 4.52 -12.50 25.02
N ALA A 87 3.76 -13.38 25.64
CA ALA A 87 4.18 -13.96 26.91
C ALA A 87 5.25 -15.02 26.66
N ASP A 88 5.92 -15.45 27.72
CA ASP A 88 7.04 -16.39 27.64
C ASP A 88 6.75 -17.78 28.16
N LEU A 89 6.45 -18.70 27.25
CA LEU A 89 6.15 -20.07 27.63
C LEU A 89 7.35 -21.03 27.46
N PHE A 90 7.70 -21.71 28.55
CA PHE A 90 8.82 -22.65 28.60
C PHE A 90 9.00 -23.50 27.35
N THR A 91 10.15 -23.33 26.71
CA THR A 91 10.60 -24.09 25.51
C THR A 91 9.65 -24.14 24.37
N SER A 92 8.91 -23.06 24.20
CA SER A 92 8.35 -22.80 22.91
C SER A 92 7.54 -21.56 22.86
N THR A 93 7.73 -20.89 21.71
CA THR A 93 8.88 -21.32 20.85
C THR A 93 10.16 -20.72 21.36
N VAL A 94 10.67 -21.37 22.38
CA VAL A 94 12.09 -21.48 22.39
C VAL A 94 12.23 -22.68 21.39
N LEU A 95 12.12 -22.32 20.11
CA LEU A 95 12.80 -22.99 19.05
C LEU A 95 14.08 -22.19 18.87
N ILE A 96 13.92 -20.86 18.87
CA ILE A 96 14.96 -19.85 19.14
C ILE A 96 15.93 -20.28 20.25
N VAL A 97 16.05 -19.52 21.35
CA VAL A 97 17.10 -19.74 22.37
C VAL A 97 17.91 -21.05 22.23
N VAL A 98 17.29 -22.21 22.45
CA VAL A 98 17.94 -23.54 22.26
C VAL A 98 18.60 -23.67 20.90
N ALA A 99 17.76 -23.98 19.90
CA ALA A 99 18.21 -24.08 18.53
C ALA A 99 18.78 -22.75 18.24
N LYS A 100 20.10 -22.66 18.36
CA LYS A 100 20.80 -21.43 18.12
C LYS A 100 21.25 -20.84 19.48
N ALA A 101 21.50 -21.76 20.42
CA ALA A 101 22.61 -21.68 21.39
C ALA A 101 23.47 -22.87 20.99
N SER A 102 23.53 -23.04 19.66
CA SER A 102 24.65 -23.60 18.93
C SER A 102 25.36 -22.40 18.22
N GLY A 103 26.46 -21.97 18.82
CA GLY A 103 27.04 -20.64 18.59
C GLY A 103 27.15 -19.89 19.92
N ARG A 104 26.43 -18.78 20.03
CA ARG A 104 26.46 -17.94 21.26
C ARG A 104 25.63 -18.53 22.40
N ILE A 105 25.62 -17.84 23.54
CA ILE A 105 24.90 -18.28 24.74
C ILE A 105 25.59 -19.50 25.35
N THR A 106 25.97 -19.39 26.62
CA THR A 106 26.62 -20.49 27.35
C THR A 106 25.60 -21.49 27.97
N TRP A 107 26.07 -22.67 28.39
CA TRP A 107 25.25 -23.54 29.25
C TRP A 107 24.80 -22.74 30.46
N GLY A 108 25.71 -21.94 31.02
CA GLY A 108 25.38 -21.09 32.14
C GLY A 108 24.28 -20.11 31.77
N GLN A 109 24.14 -19.79 30.48
CA GLN A 109 23.15 -18.79 30.04
C GLN A 109 21.78 -19.38 29.68
N LEU A 110 21.79 -20.43 28.84
CA LEU A 110 20.60 -21.18 28.43
C LEU A 110 19.92 -21.79 29.65
N ALA A 111 20.71 -22.12 30.67
CA ALA A 111 20.14 -22.51 31.95
C ALA A 111 19.62 -21.28 32.71
N LYS A 112 20.42 -20.25 32.88
CA LYS A 112 19.98 -19.09 33.67
C LYS A 112 18.56 -18.67 33.34
N ASN A 113 18.12 -18.85 32.09
CA ASN A 113 16.80 -18.35 31.75
C ASN A 113 15.73 -19.40 31.52
N TRP A 114 16.07 -20.56 30.96
CA TRP A 114 15.11 -21.66 31.00
C TRP A 114 14.60 -21.80 32.41
N LEU A 115 15.52 -21.72 33.37
CA LEU A 115 15.17 -21.79 34.77
C LEU A 115 14.34 -20.60 35.17
N ASN A 116 14.66 -19.45 34.60
CA ASN A 116 13.92 -18.22 34.90
C ASN A 116 12.46 -18.31 34.40
N VAL A 117 12.29 -18.73 33.15
CA VAL A 117 10.98 -18.91 32.54
C VAL A 117 10.20 -19.99 33.26
N TYR A 118 10.81 -21.15 33.43
CA TYR A 118 10.19 -22.28 34.13
C TYR A 118 9.62 -21.88 35.47
N PHE A 119 10.43 -21.20 36.28
CA PHE A 119 10.00 -20.83 37.62
C PHE A 119 8.89 -19.75 37.58
N GLY A 120 8.95 -18.89 36.57
CA GLY A 120 7.91 -17.92 36.29
C GLY A 120 6.59 -18.54 35.82
N ASN A 121 6.67 -19.42 34.86
CA ASN A 121 5.53 -20.19 34.45
C ASN A 121 4.84 -20.80 35.70
N LEU A 122 5.63 -21.44 36.57
CA LEU A 122 5.09 -22.07 37.79
C LEU A 122 4.34 -21.05 38.67
N ILE A 123 4.88 -19.85 38.80
CA ILE A 123 4.28 -18.90 39.70
C ILE A 123 2.94 -18.45 39.16
N GLY A 124 2.90 -18.16 37.87
CA GLY A 124 1.64 -17.88 37.15
C GLY A 124 0.60 -18.98 37.33
N ALA A 125 0.97 -20.21 37.02
CA ALA A 125 0.10 -21.36 37.23
C ALA A 125 -0.43 -21.42 38.67
N LEU A 126 0.46 -21.31 39.66
CA LEU A 126 0.02 -21.41 41.06
C LEU A 126 -0.88 -20.25 41.50
N LEU A 127 -0.63 -19.05 40.98
CA LEU A 127 -1.52 -17.91 41.25
C LEU A 127 -2.89 -18.18 40.70
N PHE A 128 -2.96 -18.72 39.49
CA PHE A 128 -4.26 -19.07 38.94
C PHE A 128 -4.97 -20.17 39.71
N VAL A 129 -4.21 -21.18 40.20
CA VAL A 129 -4.78 -22.20 41.11
C VAL A 129 -5.46 -21.52 42.29
N LEU A 130 -4.74 -20.62 42.98
CA LEU A 130 -5.31 -19.91 44.14
C LEU A 130 -6.58 -19.14 43.76
N LEU A 131 -6.52 -18.41 42.65
CA LEU A 131 -7.65 -17.62 42.22
C LEU A 131 -8.84 -18.50 41.82
N MET A 132 -8.58 -19.61 41.13
CA MET A 132 -9.70 -20.54 40.79
C MET A 132 -10.33 -21.11 42.04
N TRP A 133 -9.49 -21.43 43.04
CA TRP A 133 -9.96 -22.00 44.29
C TRP A 133 -10.84 -21.02 45.03
N LEU A 134 -10.42 -19.76 45.08
CA LEU A 134 -11.18 -18.74 45.79
C LEU A 134 -12.51 -18.45 45.09
N SER A 135 -12.60 -18.77 43.80
CA SER A 135 -13.78 -18.45 43.00
C SER A 135 -14.95 -19.35 43.32
N GLY A 136 -14.69 -20.53 43.87
CA GLY A 136 -15.74 -21.52 44.12
C GLY A 136 -16.03 -22.44 42.96
N GLU A 137 -15.35 -22.22 41.83
CA GLU A 137 -15.64 -22.95 40.58
C GLU A 137 -15.76 -24.47 40.70
N TYR A 138 -15.01 -25.08 41.61
CA TYR A 138 -15.07 -26.52 41.76
C TYR A 138 -16.48 -27.06 42.05
N MET A 139 -17.35 -26.21 42.60
CA MET A 139 -18.73 -26.61 42.91
C MET A 139 -19.66 -26.53 41.70
N THR A 140 -19.17 -25.96 40.58
CA THR A 140 -19.97 -25.79 39.36
C THR A 140 -20.51 -27.11 38.92
N ALA A 141 -21.71 -27.07 38.36
CA ALA A 141 -22.38 -28.24 37.78
C ALA A 141 -22.58 -29.34 38.83
N ASN A 142 -22.91 -28.90 40.03
CA ASN A 142 -23.19 -29.79 41.15
C ASN A 142 -21.95 -30.61 41.51
N GLY A 143 -20.80 -29.95 41.39
CA GLY A 143 -19.51 -30.52 41.71
C GLY A 143 -18.82 -31.22 40.55
N GLN A 144 -19.51 -31.36 39.42
CA GLN A 144 -18.92 -32.07 38.27
C GLN A 144 -17.68 -31.38 37.69
N TRP A 145 -17.62 -30.06 37.77
CA TRP A 145 -16.45 -29.30 37.36
C TRP A 145 -15.22 -29.76 38.16
N GLY A 146 -15.33 -29.77 39.48
CA GLY A 146 -14.25 -30.19 40.35
C GLY A 146 -13.88 -31.64 40.17
N LEU A 147 -14.89 -32.51 40.05
CA LEU A 147 -14.63 -33.91 39.75
C LEU A 147 -13.86 -34.06 38.40
N ASN A 148 -14.24 -33.26 37.43
CA ASN A 148 -13.53 -33.24 36.16
C ASN A 148 -12.05 -32.91 36.38
N VAL A 149 -11.74 -31.94 37.25
CA VAL A 149 -10.35 -31.59 37.55
C VAL A 149 -9.63 -32.73 38.23
N LEU A 150 -10.30 -33.34 39.22
CA LEU A 150 -9.72 -34.48 39.95
C LEU A 150 -9.33 -35.58 38.98
N GLN A 151 -10.25 -35.94 38.07
CA GLN A 151 -10.06 -37.05 37.17
C GLN A 151 -9.01 -36.75 36.12
N THR A 152 -9.03 -35.53 35.59
CA THR A 152 -8.07 -35.11 34.57
C THR A 152 -6.66 -35.16 35.12
N ALA A 153 -6.51 -34.69 36.35
CA ALA A 153 -5.23 -34.69 37.03
C ALA A 153 -4.79 -36.10 37.37
N ASP A 154 -5.71 -36.93 37.86
CA ASP A 154 -5.38 -38.27 38.24
C ASP A 154 -4.91 -39.11 37.04
N HIS A 155 -5.53 -38.90 35.89
CA HIS A 155 -5.15 -39.61 34.67
C HIS A 155 -3.73 -39.27 34.23
N LYS A 156 -3.20 -38.15 34.71
CA LYS A 156 -1.82 -37.79 34.40
C LYS A 156 -0.81 -38.37 35.41
N MET A 157 -1.29 -39.12 36.39
CA MET A 157 -0.46 -39.59 37.48
C MET A 157 -0.12 -41.07 37.43
N HIS A 158 -0.59 -41.78 36.40
CA HIS A 158 -0.33 -43.22 36.31
C HIS A 158 0.55 -43.68 35.16
N HIS A 159 1.44 -42.82 34.66
CA HIS A 159 2.41 -43.22 33.62
C HIS A 159 3.69 -43.84 34.20
N THR A 160 4.24 -44.83 33.51
CA THR A 160 5.63 -45.21 33.74
C THR A 160 6.52 -44.05 33.27
N PHE A 161 7.75 -43.99 33.77
CA PHE A 161 8.65 -42.85 33.50
C PHE A 161 8.82 -42.71 32.00
N ILE A 162 9.00 -43.83 31.30
CA ILE A 162 9.26 -43.79 29.83
C ILE A 162 8.05 -43.26 29.11
N GLU A 163 6.86 -43.71 29.52
CA GLU A 163 5.60 -43.13 29.03
C GLU A 163 5.50 -41.62 29.21
N ALA A 164 5.77 -41.12 30.42
CA ALA A 164 5.63 -39.70 30.70
C ALA A 164 6.62 -38.86 29.86
N VAL A 165 7.88 -39.33 29.74
CA VAL A 165 8.87 -38.69 28.88
C VAL A 165 8.33 -38.60 27.48
N CYS A 166 7.80 -39.69 26.95
CA CYS A 166 7.33 -39.73 25.57
C CYS A 166 6.10 -38.88 25.31
N LEU A 167 5.13 -38.92 26.23
CA LEU A 167 4.02 -37.99 26.15
C LEU A 167 4.47 -36.54 26.21
N GLY A 168 5.56 -36.25 26.94
CA GLY A 168 6.20 -34.94 26.97
C GLY A 168 6.81 -34.54 25.64
N ILE A 169 7.44 -35.48 24.96
CA ILE A 169 8.07 -35.24 23.68
C ILE A 169 6.97 -34.84 22.72
N LEU A 170 5.92 -35.65 22.69
CA LEU A 170 4.81 -35.50 21.75
C LEU A 170 4.14 -34.14 21.94
N ALA A 171 3.87 -33.77 23.19
CA ALA A 171 3.22 -32.52 23.48
C ALA A 171 4.04 -31.34 22.96
N ASN A 172 5.31 -31.27 23.35
CA ASN A 172 6.08 -30.09 23.04
C ASN A 172 6.43 -30.00 21.57
N LEU A 173 6.51 -31.13 20.87
CA LEU A 173 6.63 -31.17 19.41
C LEU A 173 5.51 -30.35 18.81
N MET A 174 4.29 -30.63 19.24
CA MET A 174 3.12 -29.94 18.73
C MET A 174 3.08 -28.44 19.06
N VAL A 175 3.37 -28.08 20.31
CA VAL A 175 3.45 -26.67 20.71
C VAL A 175 4.48 -25.89 19.87
N CYS A 176 5.65 -26.48 19.66
CA CYS A 176 6.68 -25.85 18.87
C CYS A 176 6.33 -25.70 17.41
N LEU A 177 5.73 -26.73 16.84
CA LEU A 177 5.26 -26.67 15.46
C LEU A 177 4.20 -25.60 15.29
N ALA A 178 3.29 -25.49 16.28
CA ALA A 178 2.24 -24.46 16.30
C ALA A 178 2.84 -23.06 16.27
N VAL A 179 3.81 -22.82 17.13
CA VAL A 179 4.45 -21.53 17.26
C VAL A 179 5.29 -21.21 16.02
N TRP A 180 6.01 -22.22 15.52
CA TRP A 180 6.75 -22.13 14.28
C TRP A 180 5.86 -21.71 13.12
N MET A 181 4.72 -22.37 12.92
CA MET A 181 3.80 -22.02 11.83
C MET A 181 3.28 -20.58 11.98
N SER A 182 3.07 -20.17 13.24
CA SER A 182 2.61 -18.85 13.60
C SER A 182 3.47 -17.74 13.00
N TYR A 183 4.78 -17.99 12.87
CA TYR A 183 5.71 -17.05 12.25
C TYR A 183 5.39 -16.68 10.83
N SER A 184 4.93 -17.66 10.04
CA SER A 184 4.47 -17.39 8.66
C SER A 184 3.25 -16.50 8.63
N GLY A 185 2.67 -16.27 9.80
CA GLY A 185 1.42 -15.54 9.92
C GLY A 185 1.59 -14.10 9.57
N ARG A 186 0.73 -13.58 8.72
CA ARG A 186 0.71 -12.13 8.49
C ARG A 186 -0.41 -11.41 9.26
N SER A 187 -1.60 -12.00 9.32
CA SER A 187 -2.69 -11.42 10.12
C SER A 187 -2.79 -11.99 11.55
N LEU A 188 -3.66 -11.38 12.35
CA LEU A 188 -4.08 -11.93 13.65
C LEU A 188 -4.78 -13.29 13.43
N MET A 189 -5.67 -13.32 12.46
CA MET A 189 -6.33 -14.52 11.99
C MET A 189 -5.33 -15.64 11.72
N ASP A 190 -4.29 -15.35 10.94
CA ASP A 190 -3.27 -16.33 10.54
C ASP A 190 -2.58 -16.92 11.74
N LYS A 191 -2.08 -16.05 12.61
CA LYS A 191 -1.27 -16.45 13.76
C LYS A 191 -2.09 -17.21 14.76
N ALA A 192 -3.33 -16.80 14.98
CA ALA A 192 -4.15 -17.46 16.00
C ALA A 192 -4.63 -18.80 15.50
N PHE A 193 -5.29 -18.78 14.35
CA PHE A 193 -5.98 -19.96 13.87
C PHE A 193 -5.11 -21.09 13.32
N ILE A 194 -3.87 -20.82 12.94
CA ILE A 194 -2.97 -21.88 12.47
C ILE A 194 -2.50 -22.76 13.66
N MET A 195 -2.75 -22.30 14.88
CA MET A 195 -2.36 -23.03 16.09
C MET A 195 -3.47 -23.90 16.68
N VAL A 196 -4.72 -23.68 16.26
CA VAL A 196 -5.85 -24.46 16.77
C VAL A 196 -5.67 -25.98 16.56
N LEU A 197 -5.52 -26.42 15.32
CA LEU A 197 -5.36 -27.84 15.00
C LEU A 197 -4.18 -28.54 15.72
N PRO A 198 -2.94 -28.00 15.63
CA PRO A 198 -1.88 -28.70 16.36
C PRO A 198 -2.00 -28.69 17.89
N VAL A 199 -2.59 -27.66 18.49
CA VAL A 199 -2.77 -27.66 19.93
C VAL A 199 -3.89 -28.63 20.31
N ALA A 200 -5.02 -28.54 19.61
CA ALA A 200 -6.14 -29.46 19.83
C ALA A 200 -5.69 -30.91 19.75
N MET A 201 -4.85 -31.23 18.73
CA MET A 201 -4.29 -32.54 18.55
C MET A 201 -3.55 -33.07 19.80
N PHE A 202 -2.61 -32.28 20.33
CA PHE A 202 -1.91 -32.70 21.56
C PHE A 202 -2.79 -32.81 22.80
N VAL A 203 -3.70 -31.86 23.01
CA VAL A 203 -4.51 -31.88 24.19
C VAL A 203 -5.55 -33.02 24.15
N ALA A 204 -6.24 -33.18 23.00
CA ALA A 204 -7.19 -34.27 22.85
C ALA A 204 -6.56 -35.67 22.94
N SER A 205 -5.32 -35.80 22.49
CA SER A 205 -4.62 -37.08 22.56
C SER A 205 -4.01 -37.34 23.94
N GLY A 206 -4.15 -36.38 24.85
CA GLY A 206 -3.59 -36.52 26.16
C GLY A 206 -2.07 -36.54 26.25
N PHE A 207 -1.40 -35.86 25.34
CA PHE A 207 0.04 -35.63 25.47
C PHE A 207 0.32 -34.70 26.65
N GLU A 208 1.54 -34.68 27.16
CA GLU A 208 1.83 -34.04 28.43
C GLU A 208 2.70 -32.79 28.31
N HIS A 209 2.13 -31.67 28.75
CA HIS A 209 2.85 -30.43 28.77
C HIS A 209 3.12 -30.01 30.23
N SER A 210 4.38 -29.79 30.58
CA SER A 210 4.78 -29.54 31.98
C SER A 210 4.11 -28.32 32.60
N ILE A 211 4.06 -27.21 31.86
CA ILE A 211 3.50 -25.98 32.40
C ILE A 211 1.98 -26.09 32.56
N ALA A 212 1.33 -26.71 31.59
CA ALA A 212 -0.10 -26.98 31.73
C ALA A 212 -0.34 -27.81 33.00
N ASN A 213 0.48 -28.83 33.21
CA ASN A 213 0.39 -29.65 34.40
C ASN A 213 0.66 -28.90 35.72
N MET A 214 1.44 -27.83 35.68
CA MET A 214 1.67 -27.01 36.85
C MET A 214 0.36 -26.34 37.30
N PHE A 215 -0.59 -26.14 36.38
CA PHE A 215 -1.91 -25.77 36.81
C PHE A 215 -2.71 -27.02 37.21
N MET A 216 -2.92 -27.95 36.28
CA MET A 216 -3.89 -29.01 36.45
C MET A 216 -3.71 -29.88 37.70
N ILE A 217 -2.47 -30.31 37.98
CA ILE A 217 -2.27 -31.25 39.10
C ILE A 217 -2.36 -30.56 40.48
N PRO A 218 -1.67 -29.43 40.66
CA PRO A 218 -1.94 -28.62 41.85
C PRO A 218 -3.43 -28.29 42.06
N MET A 219 -4.14 -27.95 40.99
CA MET A 219 -5.57 -27.70 41.09
C MET A 219 -6.27 -28.92 41.68
N GLY A 220 -5.92 -30.10 41.18
CA GLY A 220 -6.46 -31.34 41.68
C GLY A 220 -6.11 -31.60 43.12
N ILE A 221 -4.85 -31.39 43.48
CA ILE A 221 -4.40 -31.53 44.89
C ILE A 221 -5.19 -30.59 45.79
N VAL A 222 -5.25 -29.31 45.45
CA VAL A 222 -6.08 -28.36 46.22
C VAL A 222 -7.54 -28.83 46.38
N ILE A 223 -8.17 -29.30 45.32
CA ILE A 223 -9.52 -29.79 45.43
C ILE A 223 -9.60 -30.99 46.37
N ARG A 224 -8.68 -31.93 46.19
CA ARG A 224 -8.67 -33.16 46.96
C ARG A 224 -8.56 -32.86 48.45
N ASP A 225 -7.74 -31.88 48.78
CA ASP A 225 -7.41 -31.58 50.17
C ASP A 225 -8.36 -30.64 50.89
N PHE A 226 -9.10 -29.82 50.13
CA PHE A 226 -9.90 -28.77 50.75
C PHE A 226 -11.37 -28.81 50.38
N ALA A 227 -11.76 -29.72 49.50
CA ALA A 227 -13.15 -29.87 49.18
C ALA A 227 -13.94 -30.17 50.44
N THR A 228 -15.16 -29.64 50.52
CA THR A 228 -16.03 -29.88 51.69
C THR A 228 -16.70 -31.27 51.62
N PRO A 229 -17.23 -31.76 52.77
CA PRO A 229 -17.94 -33.05 52.69
C PRO A 229 -19.09 -33.01 51.72
N GLU A 230 -19.75 -31.85 51.64
CA GLU A 230 -20.86 -31.68 50.68
C GLU A 230 -20.45 -31.97 49.23
N PHE A 231 -19.27 -31.46 48.83
CA PHE A 231 -18.72 -31.78 47.50
C PHE A 231 -18.55 -33.28 47.21
N TRP A 232 -17.90 -34.01 48.13
CA TRP A 232 -17.72 -35.46 47.97
C TRP A 232 -19.03 -36.25 47.89
N THR A 233 -20.04 -35.83 48.65
CA THR A 233 -21.32 -36.51 48.58
C THR A 233 -22.00 -36.25 47.23
N ALA A 234 -21.97 -34.99 46.78
CA ALA A 234 -22.57 -34.59 45.52
C ALA A 234 -22.01 -35.36 44.33
N VAL A 235 -20.70 -35.56 44.30
CA VAL A 235 -20.04 -36.19 43.17
C VAL A 235 -19.82 -37.68 43.38
N GLY A 236 -20.11 -38.16 44.59
CA GLY A 236 -20.04 -39.57 44.93
C GLY A 236 -18.64 -40.16 44.88
N SER A 237 -17.71 -39.48 45.53
CA SER A 237 -16.31 -39.93 45.58
C SER A 237 -15.75 -39.54 46.93
N SER A 238 -14.45 -39.71 47.12
CA SER A 238 -13.81 -39.36 48.41
C SER A 238 -12.36 -38.97 48.18
N PRO A 239 -11.74 -38.24 49.12
CA PRO A 239 -10.33 -37.89 48.87
C PRO A 239 -9.42 -39.12 48.68
N GLU A 240 -9.82 -40.24 49.27
CA GLU A 240 -9.09 -41.49 49.13
C GLU A 240 -9.06 -42.01 47.71
N SER A 241 -10.10 -41.72 46.94
CA SER A 241 -10.16 -42.20 45.57
C SER A 241 -9.10 -41.54 44.67
N PHE A 242 -8.38 -40.57 45.20
CA PHE A 242 -7.41 -39.81 44.43
C PHE A 242 -6.10 -39.71 45.25
N SER A 243 -5.66 -40.87 45.74
CA SER A 243 -4.49 -40.94 46.60
C SER A 243 -3.16 -40.48 45.95
N HIS A 244 -3.04 -40.55 44.62
CA HIS A 244 -1.82 -40.08 43.94
C HIS A 244 -1.67 -38.56 43.78
N LEU A 245 -2.70 -37.82 44.13
CA LEU A 245 -2.65 -36.38 44.04
C LEU A 245 -2.00 -35.84 45.29
N THR A 246 -0.67 -35.71 45.22
CA THR A 246 0.14 -35.12 46.31
C THR A 246 1.29 -34.38 45.64
N VAL A 247 1.84 -33.36 46.31
CA VAL A 247 2.95 -32.57 45.78
C VAL A 247 4.15 -33.45 45.43
N MET A 248 4.46 -34.40 46.32
CA MET A 248 5.59 -35.32 46.10
C MET A 248 5.41 -36.16 44.87
N SER A 249 4.26 -36.83 44.75
CA SER A 249 3.94 -37.65 43.58
C SER A 249 3.89 -36.85 42.29
N PHE A 250 3.32 -35.65 42.35
CA PHE A 250 3.32 -34.76 41.23
C PHE A 250 4.73 -34.58 40.69
N ILE A 251 5.66 -34.19 41.55
CA ILE A 251 7.02 -33.89 41.12
C ILE A 251 7.73 -35.12 40.52
N THR A 252 7.64 -36.25 41.19
CA THR A 252 8.42 -37.39 40.77
C THR A 252 7.77 -38.18 39.68
N ASP A 253 6.46 -38.31 39.71
CA ASP A 253 5.78 -39.16 38.72
C ASP A 253 5.30 -38.47 37.45
N ASN A 254 5.22 -37.15 37.51
CA ASN A 254 4.80 -36.38 36.35
C ASN A 254 5.76 -35.24 35.92
N LEU A 255 6.00 -34.31 36.82
CA LEU A 255 6.68 -33.08 36.45
C LEU A 255 8.09 -33.29 35.91
N ILE A 256 8.88 -34.11 36.61
CA ILE A 256 10.25 -34.41 36.19
C ILE A 256 10.28 -35.07 34.80
N PRO A 257 9.65 -36.28 34.66
CA PRO A 257 9.74 -36.95 33.35
C PRO A 257 9.06 -36.18 32.18
N VAL A 258 7.95 -35.51 32.45
CA VAL A 258 7.30 -34.68 31.43
C VAL A 258 8.18 -33.52 30.99
N THR A 259 8.83 -32.83 31.94
CA THR A 259 9.72 -31.72 31.62
C THR A 259 10.93 -32.18 30.75
N ILE A 260 11.58 -33.28 31.18
CA ILE A 260 12.63 -33.93 30.41
C ILE A 260 12.09 -34.14 28.99
N GLY A 261 10.93 -34.79 28.89
CA GLY A 261 10.24 -34.99 27.62
C GLY A 261 9.98 -33.73 26.80
N ASN A 262 9.41 -32.71 27.41
CA ASN A 262 9.25 -31.44 26.70
C ASN A 262 10.54 -30.91 26.11
N ILE A 263 11.65 -30.95 26.86
CA ILE A 263 12.97 -30.48 26.36
C ILE A 263 13.43 -31.27 25.13
N ILE A 264 13.45 -32.59 25.24
CA ILE A 264 13.77 -33.41 24.09
C ILE A 264 12.83 -33.06 22.92
N GLY A 265 11.54 -32.93 23.22
CA GLY A 265 10.51 -32.66 22.22
C GLY A 265 10.70 -31.39 21.45
N GLY A 266 10.95 -30.28 22.13
CA GLY A 266 11.17 -28.99 21.47
C GLY A 266 12.55 -28.76 20.84
N GLY A 267 13.60 -29.20 21.57
CA GLY A 267 15.00 -29.30 21.09
C GLY A 267 15.21 -30.16 19.83
N LEU A 268 14.50 -31.30 19.74
CA LEU A 268 14.39 -32.11 18.51
C LEU A 268 14.15 -31.23 17.29
N LEU A 269 13.75 -30.00 17.54
CA LEU A 269 13.56 -29.05 16.47
C LEU A 269 14.87 -28.28 16.19
N VAL A 270 15.83 -28.33 17.12
CA VAL A 270 17.25 -28.07 16.79
C VAL A 270 17.72 -29.03 15.71
N GLY A 271 18.15 -30.22 16.12
CA GLY A 271 18.76 -31.23 15.26
C GLY A 271 18.16 -31.19 13.88
N LEU A 272 16.85 -31.02 13.85
CA LEU A 272 16.05 -30.79 12.64
C LEU A 272 16.56 -29.57 11.89
N THR A 273 16.12 -29.39 10.65
CA THR A 273 16.59 -28.27 9.83
C THR A 273 17.92 -28.65 9.10
N TYR A 274 18.88 -29.17 9.88
CA TYR A 274 20.18 -29.71 9.45
C TYR A 274 20.24 -31.23 9.61
N ALA B 13 5.31 -7.45 8.09
CA ALA B 13 5.70 -7.59 6.67
C ALA B 13 6.91 -8.50 6.60
N ALA B 14 7.18 -9.13 5.43
CA ALA B 14 8.54 -9.60 5.08
C ALA B 14 9.14 -10.83 5.81
N MET B 15 9.08 -10.84 7.13
CA MET B 15 9.38 -12.04 7.95
C MET B 15 8.56 -13.30 7.49
N ALA B 16 7.27 -13.08 7.22
CA ALA B 16 6.40 -14.11 6.74
C ALA B 16 6.83 -14.69 5.36
N LYS B 17 7.30 -13.86 4.43
CA LYS B 17 7.59 -14.43 3.11
C LYS B 17 8.99 -14.97 3.05
N VAL B 18 9.77 -14.52 4.02
CA VAL B 18 11.05 -15.14 4.28
C VAL B 18 10.85 -16.62 4.66
N ALA B 19 10.07 -16.89 5.74
CA ALA B 19 9.82 -18.27 6.24
C ALA B 19 9.21 -19.26 5.18
N GLU B 20 8.37 -18.74 4.27
CA GLU B 20 7.80 -19.60 3.21
C GLU B 20 8.40 -19.65 1.79
N GLU B 21 9.52 -18.98 1.55
CA GLU B 21 10.32 -19.24 0.36
C GLU B 21 11.28 -20.35 0.69
N ALA B 22 11.79 -20.31 1.92
CA ALA B 22 12.55 -21.41 2.44
C ALA B 22 11.71 -22.70 2.52
N GLY B 23 10.36 -22.63 2.53
CA GLY B 23 9.50 -23.81 2.19
C GLY B 23 9.19 -23.81 0.69
N VAL B 24 9.58 -24.87 -0.04
CA VAL B 24 9.42 -25.03 -1.54
C VAL B 24 10.35 -26.18 -2.13
N TYR B 25 10.60 -26.25 -3.46
CA TYR B 25 11.16 -27.50 -4.11
C TYR B 25 12.02 -27.48 -5.42
N LYS B 26 12.70 -28.61 -5.67
CA LYS B 26 13.35 -29.08 -6.95
C LYS B 26 14.88 -28.83 -7.28
N ALA B 27 15.72 -28.76 -6.23
CA ALA B 27 17.15 -29.00 -6.39
C ALA B 27 17.36 -30.51 -6.19
N THR B 28 17.94 -31.18 -7.19
CA THR B 28 18.03 -32.65 -7.19
C THR B 28 19.48 -33.12 -7.01
N LYS B 29 19.76 -33.70 -5.85
CA LYS B 29 21.14 -33.88 -5.35
C LYS B 29 21.85 -32.51 -5.20
N HIS B 30 22.04 -31.99 -3.96
CA HIS B 30 21.88 -32.68 -2.65
C HIS B 30 20.54 -33.36 -2.39
N PRO B 31 20.58 -34.70 -2.13
CA PRO B 31 19.47 -35.39 -1.47
C PRO B 31 19.73 -35.17 0.02
N LEU B 32 19.92 -36.23 0.82
CA LEU B 32 20.12 -36.10 2.28
C LEU B 32 19.20 -35.05 2.96
N LYS B 33 19.32 -33.78 2.54
CA LYS B 33 18.36 -32.72 2.89
C LYS B 33 16.93 -33.03 2.40
N THR B 34 16.83 -33.70 1.25
CA THR B 34 15.57 -34.19 0.72
C THR B 34 15.05 -35.39 1.54
N PHE B 35 15.93 -36.34 1.79
CA PHE B 35 15.67 -37.43 2.71
C PHE B 35 15.23 -36.97 4.09
N TYR B 36 15.63 -35.77 4.49
CA TYR B 36 15.30 -35.33 5.85
C TYR B 36 13.96 -34.55 5.87
N LEU B 37 13.72 -33.81 4.79
CA LEU B 37 12.42 -33.21 4.59
C LEU B 37 11.32 -34.27 4.41
N ALA B 38 11.67 -35.39 3.79
CA ALA B 38 10.74 -36.52 3.61
C ALA B 38 10.46 -37.31 4.91
N ILE B 39 11.49 -37.52 5.75
CA ILE B 39 11.30 -38.03 7.12
C ILE B 39 10.30 -37.07 7.81
N THR B 40 10.56 -35.77 7.70
CA THR B 40 9.67 -34.80 8.31
C THR B 40 8.22 -35.01 7.85
N ALA B 41 8.00 -35.20 6.55
CA ALA B 41 6.67 -35.41 6.04
C ALA B 41 6.02 -36.68 6.62
N GLY B 42 6.79 -37.76 6.75
CA GLY B 42 6.31 -38.99 7.37
C GLY B 42 5.85 -38.73 8.79
N VAL B 43 6.55 -37.87 9.52
CA VAL B 43 6.17 -37.54 10.88
C VAL B 43 4.88 -36.70 10.83
N PHE B 44 4.77 -35.83 9.82
CA PHE B 44 3.55 -35.02 9.75
C PHE B 44 2.31 -35.84 9.37
N ILE B 45 2.45 -36.74 8.43
CA ILE B 45 1.32 -37.56 8.05
C ILE B 45 0.90 -38.54 9.20
N SER B 46 1.89 -38.96 10.00
CA SER B 46 1.66 -39.83 11.15
C SER B 46 0.89 -39.05 12.21
N ILE B 47 1.28 -37.81 12.44
CA ILE B 47 0.50 -36.91 13.29
C ILE B 47 -0.98 -36.85 12.84
N ALA B 48 -1.23 -36.43 11.61
CA ALA B 48 -2.55 -36.50 11.01
C ALA B 48 -3.35 -37.77 11.43
N PHE B 49 -2.78 -38.95 11.17
CA PHE B 49 -3.47 -40.17 11.52
C PHE B 49 -3.71 -40.39 13.01
N VAL B 50 -2.82 -39.88 13.88
CA VAL B 50 -2.97 -40.02 15.32
C VAL B 50 -4.14 -39.10 15.74
N PHE B 51 -4.16 -37.90 15.17
CA PHE B 51 -5.21 -36.95 15.44
C PHE B 51 -6.54 -37.65 15.05
N TYR B 52 -6.59 -38.22 13.84
CA TYR B 52 -7.79 -38.87 13.38
C TYR B 52 -8.27 -39.90 14.41
N ILE B 53 -7.38 -40.82 14.80
CA ILE B 53 -7.67 -41.88 15.78
C ILE B 53 -8.12 -41.30 17.10
N THR B 54 -7.47 -40.26 17.58
CA THR B 54 -7.93 -39.63 18.82
C THR B 54 -9.40 -39.20 18.73
N ALA B 55 -9.72 -38.34 17.76
CA ALA B 55 -11.07 -37.81 17.54
C ALA B 55 -12.13 -38.90 17.25
N THR B 56 -11.77 -39.98 16.56
CA THR B 56 -12.82 -40.95 16.28
C THR B 56 -12.90 -42.08 17.32
N THR B 57 -12.06 -42.04 18.35
CA THR B 57 -12.12 -43.04 19.41
C THR B 57 -13.43 -42.94 20.18
N GLY B 58 -14.14 -44.06 20.29
CA GLY B 58 -15.47 -44.11 20.93
C GLY B 58 -16.63 -43.60 20.09
N THR B 59 -16.46 -43.46 18.79
CA THR B 59 -17.53 -42.88 17.98
C THR B 59 -18.32 -43.97 17.26
N GLY B 60 -18.29 -45.17 17.81
CA GLY B 60 -18.99 -46.30 17.21
C GLY B 60 -20.48 -46.16 17.10
N ALA B 61 -21.10 -45.30 17.93
CA ALA B 61 -22.56 -45.09 17.99
C ALA B 61 -22.98 -43.73 17.44
N MET B 62 -22.04 -42.92 16.95
CA MET B 62 -22.38 -41.70 16.17
C MET B 62 -22.76 -42.16 14.77
N PRO B 63 -23.48 -41.32 14.00
CA PRO B 63 -23.64 -41.64 12.58
C PRO B 63 -22.29 -41.80 11.89
N TYR B 64 -22.12 -42.92 11.21
CA TYR B 64 -20.90 -43.21 10.47
C TYR B 64 -20.22 -41.98 9.86
N GLY B 65 -20.91 -41.41 8.88
CA GLY B 65 -20.45 -40.29 8.09
C GLY B 65 -20.02 -39.06 8.86
N MET B 66 -20.70 -38.74 9.96
CA MET B 66 -20.31 -37.60 10.82
C MET B 66 -18.97 -37.82 11.58
N ALA B 67 -18.80 -39.00 12.15
CA ALA B 67 -17.55 -39.37 12.78
C ALA B 67 -16.39 -39.24 11.79
N LYS B 68 -16.53 -39.87 10.62
CA LYS B 68 -15.52 -39.89 9.60
C LYS B 68 -15.17 -38.48 9.12
N LEU B 69 -16.21 -37.65 8.90
CA LEU B 69 -16.00 -36.25 8.54
C LEU B 69 -15.16 -35.53 9.57
N ILE B 70 -15.41 -35.77 10.86
CA ILE B 70 -14.65 -35.04 11.87
C ILE B 70 -13.22 -35.54 11.98
N GLY B 71 -13.05 -36.85 11.88
CA GLY B 71 -11.71 -37.45 11.78
C GLY B 71 -10.95 -36.86 10.59
N GLY B 72 -11.68 -36.61 9.50
CA GLY B 72 -11.11 -36.13 8.24
C GLY B 72 -10.62 -34.70 8.39
N ILE B 73 -11.45 -33.83 8.96
CA ILE B 73 -11.04 -32.47 9.22
C ILE B 73 -9.78 -32.46 10.06
N CYS B 74 -9.75 -33.26 11.12
CA CYS B 74 -8.59 -33.33 12.02
C CYS B 74 -7.33 -33.74 11.26
N PHE B 75 -7.44 -34.73 10.38
CA PHE B 75 -6.32 -35.26 9.61
C PHE B 75 -5.61 -34.17 8.77
N SER B 76 -6.37 -33.20 8.25
CA SER B 76 -5.82 -32.21 7.39
C SER B 76 -4.66 -31.44 8.06
N LEU B 77 -4.59 -31.42 9.41
CA LEU B 77 -3.38 -31.02 10.13
C LEU B 77 -2.10 -31.48 9.41
N GLY B 78 -2.04 -32.77 9.05
CA GLY B 78 -0.84 -33.39 8.48
C GLY B 78 -0.36 -32.70 7.22
N LEU B 79 -1.28 -32.45 6.30
CA LEU B 79 -0.93 -31.87 5.02
C LEU B 79 -0.64 -30.38 5.21
N ILE B 80 -1.39 -29.73 6.10
CA ILE B 80 -1.10 -28.35 6.44
C ILE B 80 0.36 -28.26 6.94
N LEU B 81 0.77 -29.20 7.80
CA LEU B 81 2.10 -29.15 8.39
C LEU B 81 3.10 -29.27 7.26
N CYS B 82 2.89 -30.24 6.35
CA CYS B 82 3.70 -30.41 5.15
C CYS B 82 3.81 -29.15 4.28
N VAL B 83 2.71 -28.45 4.02
CA VAL B 83 2.83 -27.33 3.13
C VAL B 83 3.44 -26.07 3.79
N ILE B 84 3.01 -25.74 5.00
CA ILE B 84 3.47 -24.52 5.68
C ILE B 84 4.93 -24.64 6.13
N CYS B 85 5.35 -25.85 6.48
CA CYS B 85 6.74 -26.11 6.88
C CYS B 85 7.63 -26.54 5.73
N GLY B 86 7.03 -26.95 4.63
CA GLY B 86 7.82 -27.31 3.47
C GLY B 86 8.45 -28.68 3.54
N ALA B 87 7.84 -29.62 4.25
CA ALA B 87 8.28 -31.02 4.17
C ALA B 87 7.91 -31.68 2.81
N ASP B 88 8.44 -32.87 2.59
CA ASP B 88 8.40 -33.49 1.27
C ASP B 88 7.57 -34.75 1.22
N LEU B 89 6.33 -34.61 0.78
CA LEU B 89 5.42 -35.74 0.82
C LEU B 89 5.32 -36.45 -0.53
N PHE B 90 5.56 -37.75 -0.54
CA PHE B 90 5.50 -38.55 -1.77
C PHE B 90 4.39 -38.17 -2.78
N THR B 91 4.83 -37.72 -3.95
CA THR B 91 4.00 -37.31 -5.09
C THR B 91 2.92 -36.27 -4.75
N SER B 92 3.08 -35.55 -3.65
CA SER B 92 2.04 -34.61 -3.21
C SER B 92 2.12 -33.35 -4.02
N THR B 93 3.31 -33.13 -4.57
CA THR B 93 3.52 -32.03 -5.48
C THR B 93 3.43 -32.58 -6.92
N VAL B 94 3.68 -31.72 -7.92
CA VAL B 94 3.27 -31.91 -9.35
C VAL B 94 2.59 -30.59 -9.79
N LEU B 95 3.11 -29.55 -9.13
CA LEU B 95 2.96 -28.16 -9.45
C LEU B 95 4.37 -27.93 -9.92
N ILE B 96 5.01 -29.06 -10.17
CA ILE B 96 6.18 -29.22 -11.01
C ILE B 96 5.69 -29.18 -12.47
N VAL B 97 5.39 -27.96 -12.91
CA VAL B 97 5.19 -27.62 -14.31
C VAL B 97 6.20 -26.50 -14.62
N VAL B 98 7.13 -26.82 -15.53
CA VAL B 98 8.19 -25.92 -15.96
C VAL B 98 8.39 -26.11 -17.48
N LEU B 110 13.05 -37.74 -12.44
CA LEU B 110 11.88 -37.68 -11.58
C LEU B 110 11.76 -38.86 -10.59
N ALA B 111 12.01 -40.08 -11.06
CA ALA B 111 11.72 -41.30 -10.27
C ALA B 111 12.83 -41.75 -9.31
N LYS B 112 14.09 -41.52 -9.66
CA LYS B 112 15.18 -41.68 -8.67
C LYS B 112 14.87 -40.85 -7.38
N ASN B 113 14.43 -39.60 -7.60
CA ASN B 113 13.99 -38.68 -6.54
C ASN B 113 12.79 -39.15 -5.70
N TRP B 114 11.84 -39.81 -6.38
CA TRP B 114 10.67 -40.42 -5.74
C TRP B 114 11.06 -41.51 -4.78
N LEU B 115 12.02 -42.33 -5.17
CA LEU B 115 12.51 -43.37 -4.27
C LEU B 115 13.10 -42.75 -2.99
N ASN B 116 13.74 -41.60 -3.13
CA ASN B 116 14.38 -40.97 -2.00
C ASN B 116 13.32 -40.51 -1.03
N VAL B 117 12.30 -39.81 -1.55
CA VAL B 117 11.19 -39.31 -0.73
C VAL B 117 10.38 -40.45 -0.07
N TYR B 118 9.94 -41.41 -0.85
CA TYR B 118 9.24 -42.56 -0.36
C TYR B 118 9.95 -43.22 0.80
N PHE B 119 11.22 -43.60 0.63
CA PHE B 119 11.97 -44.28 1.70
C PHE B 119 12.07 -43.41 2.96
N GLY B 120 12.12 -42.10 2.75
CA GLY B 120 12.16 -41.15 3.85
C GLY B 120 10.85 -40.89 4.60
N ASN B 121 9.78 -40.69 3.82
CA ASN B 121 8.41 -40.86 4.32
C ASN B 121 8.31 -42.13 5.21
N LEU B 122 8.64 -43.30 4.65
CA LEU B 122 8.63 -44.52 5.45
C LEU B 122 9.38 -44.44 6.79
N ILE B 123 10.54 -43.78 6.83
CA ILE B 123 11.33 -43.77 8.06
C ILE B 123 10.67 -42.88 9.08
N GLY B 124 10.24 -41.71 8.62
CA GLY B 124 9.44 -40.82 9.44
C GLY B 124 8.27 -41.53 10.08
N ALA B 125 7.49 -42.25 9.27
CA ALA B 125 6.30 -42.98 9.75
C ALA B 125 6.65 -44.04 10.75
N LEU B 126 7.67 -44.87 10.45
CA LEU B 126 8.12 -45.89 11.40
C LEU B 126 8.69 -45.30 12.73
N LEU B 127 9.42 -44.18 12.65
CA LEU B 127 9.83 -43.46 13.87
C LEU B 127 8.65 -43.00 14.73
N PHE B 128 7.58 -42.52 14.09
CA PHE B 128 6.43 -42.12 14.87
C PHE B 128 5.67 -43.32 15.44
N VAL B 129 5.65 -44.43 14.72
CA VAL B 129 5.10 -45.68 15.27
C VAL B 129 5.82 -46.03 16.56
N LEU B 130 7.15 -46.05 16.50
CA LEU B 130 7.95 -46.38 17.68
C LEU B 130 7.64 -45.44 18.84
N LEU B 131 7.56 -44.14 18.56
CA LEU B 131 7.28 -43.14 19.60
C LEU B 131 5.88 -43.26 20.17
N MET B 132 4.90 -43.51 19.30
CA MET B 132 3.53 -43.75 19.77
C MET B 132 3.46 -44.98 20.61
N TRP B 133 4.18 -46.04 20.19
CA TRP B 133 4.25 -47.25 20.96
C TRP B 133 4.82 -47.05 22.37
N LEU B 134 5.92 -46.31 22.45
CA LEU B 134 6.58 -46.00 23.73
C LEU B 134 5.75 -45.12 24.67
N SER B 135 4.75 -44.43 24.13
CA SER B 135 3.97 -43.43 24.90
C SER B 135 2.89 -44.08 25.72
N GLY B 136 2.55 -45.34 25.38
CA GLY B 136 1.45 -46.05 26.04
C GLY B 136 0.07 -45.81 25.46
N GLU B 137 -0.01 -44.95 24.43
CA GLU B 137 -1.29 -44.38 23.95
C GLU B 137 -2.32 -45.43 23.54
N TYR B 138 -1.89 -46.63 23.18
CA TYR B 138 -2.86 -47.63 22.74
C TYR B 138 -3.83 -47.94 23.87
N MET B 139 -3.41 -47.75 25.13
CA MET B 139 -4.27 -48.03 26.30
C MET B 139 -5.33 -46.91 26.62
N THR B 140 -5.32 -45.82 25.86
CA THR B 140 -6.15 -44.69 26.14
C THR B 140 -7.58 -45.14 25.99
N ALA B 141 -8.44 -44.57 26.85
CA ALA B 141 -9.90 -44.79 26.79
C ALA B 141 -10.20 -46.26 27.00
N ASN B 142 -9.49 -46.84 27.98
CA ASN B 142 -9.62 -48.22 28.37
C ASN B 142 -9.40 -49.18 27.22
N GLY B 143 -8.37 -48.87 26.41
CA GLY B 143 -7.92 -49.68 25.27
C GLY B 143 -8.60 -49.36 23.95
N GLN B 144 -9.61 -48.49 23.97
CA GLN B 144 -10.40 -48.23 22.77
C GLN B 144 -9.64 -47.50 21.61
N TRP B 145 -8.60 -46.73 21.95
CA TRP B 145 -7.75 -46.01 21.04
C TRP B 145 -6.99 -47.06 20.26
N GLY B 146 -6.42 -48.01 21.00
CA GLY B 146 -5.67 -49.08 20.38
C GLY B 146 -6.54 -49.95 19.50
N LEU B 147 -7.73 -50.31 19.97
CA LEU B 147 -8.65 -51.06 19.12
C LEU B 147 -9.07 -50.25 17.88
N ASN B 148 -9.22 -48.93 18.06
CA ASN B 148 -9.53 -48.08 16.93
C ASN B 148 -8.40 -48.22 15.87
N VAL B 149 -7.14 -48.23 16.30
CA VAL B 149 -6.02 -48.46 15.38
C VAL B 149 -6.11 -49.85 14.76
N LEU B 150 -6.35 -50.87 15.59
CA LEU B 150 -6.52 -52.24 15.07
C LEU B 150 -7.57 -52.38 13.95
N GLN B 151 -8.79 -51.85 14.20
CA GLN B 151 -9.88 -51.82 13.19
C GLN B 151 -9.64 -50.91 12.01
N THR B 152 -9.08 -49.72 12.23
CA THR B 152 -8.80 -48.84 11.11
C THR B 152 -7.79 -49.45 10.17
N ALA B 153 -6.73 -50.01 10.73
CA ALA B 153 -5.74 -50.73 9.92
C ALA B 153 -6.35 -51.95 9.25
N ASP B 154 -7.04 -52.81 10.01
CA ASP B 154 -7.66 -54.03 9.43
C ASP B 154 -8.59 -53.77 8.23
N HIS B 155 -9.46 -52.76 8.30
CA HIS B 155 -10.32 -52.36 7.18
C HIS B 155 -9.53 -52.04 5.90
N LYS B 156 -8.30 -51.56 6.02
CA LYS B 156 -7.47 -51.31 4.82
C LYS B 156 -6.89 -52.60 4.22
N MET B 157 -7.07 -53.71 4.94
CA MET B 157 -6.42 -54.97 4.59
C MET B 157 -7.22 -55.91 3.72
N HIS B 158 -8.47 -55.62 3.40
CA HIS B 158 -9.32 -56.56 2.67
C HIS B 158 -9.72 -56.20 1.24
N HIS B 159 -9.00 -55.26 0.63
CA HIS B 159 -9.31 -54.84 -0.74
C HIS B 159 -8.79 -55.82 -1.79
N THR B 160 -9.52 -55.96 -2.87
CA THR B 160 -8.99 -56.63 -4.02
C THR B 160 -7.94 -55.68 -4.58
N PHE B 161 -7.03 -56.17 -5.44
CA PHE B 161 -5.95 -55.36 -6.01
C PHE B 161 -6.52 -54.17 -6.78
N ILE B 162 -7.56 -54.39 -7.57
CA ILE B 162 -8.10 -53.30 -8.36
C ILE B 162 -8.68 -52.24 -7.43
N GLU B 163 -9.41 -52.68 -6.39
CA GLU B 163 -9.96 -51.73 -5.39
C GLU B 163 -8.85 -50.90 -4.77
N ALA B 164 -7.78 -51.54 -4.34
CA ALA B 164 -6.73 -50.82 -3.64
C ALA B 164 -6.08 -49.80 -4.56
N VAL B 165 -5.81 -50.20 -5.81
CA VAL B 165 -5.32 -49.26 -6.81
C VAL B 165 -6.28 -48.10 -7.01
N CYS B 166 -7.59 -48.37 -7.10
CA CYS B 166 -8.55 -47.28 -7.30
C CYS B 166 -8.70 -46.35 -6.09
N LEU B 167 -8.68 -46.91 -4.87
CA LEU B 167 -8.74 -46.08 -3.70
C LEU B 167 -7.46 -45.21 -3.57
N GLY B 168 -6.35 -45.74 -4.07
CA GLY B 168 -5.12 -44.96 -4.16
C GLY B 168 -5.22 -43.81 -5.15
N ILE B 169 -5.92 -44.03 -6.26
CA ILE B 169 -6.08 -43.04 -7.31
C ILE B 169 -6.83 -41.88 -6.73
N LEU B 170 -7.96 -42.17 -6.09
CA LEU B 170 -8.84 -41.20 -5.43
C LEU B 170 -8.16 -40.39 -4.33
N ALA B 171 -7.37 -41.04 -3.47
CA ALA B 171 -6.68 -40.36 -2.37
C ALA B 171 -5.70 -39.34 -2.90
N ASN B 172 -4.81 -39.78 -3.79
CA ASN B 172 -3.79 -38.86 -4.27
C ASN B 172 -4.31 -37.77 -5.21
N LEU B 173 -5.35 -38.05 -5.97
CA LEU B 173 -6.10 -36.99 -6.66
C LEU B 173 -6.40 -35.82 -5.69
N MET B 174 -7.00 -36.15 -4.54
CA MET B 174 -7.42 -35.16 -3.58
C MET B 174 -6.25 -34.43 -2.92
N VAL B 175 -5.18 -35.15 -2.61
CA VAL B 175 -3.99 -34.55 -2.03
C VAL B 175 -3.38 -33.57 -3.02
N CYS B 176 -3.28 -33.97 -4.28
CA CYS B 176 -2.69 -33.07 -5.27
C CYS B 176 -3.55 -31.83 -5.54
N LEU B 177 -4.86 -31.99 -5.60
CA LEU B 177 -5.72 -30.83 -5.81
C LEU B 177 -5.62 -29.87 -4.60
N ALA B 178 -5.49 -30.44 -3.41
CA ALA B 178 -5.36 -29.65 -2.19
C ALA B 178 -4.11 -28.77 -2.25
N VAL B 179 -2.98 -29.44 -2.56
CA VAL B 179 -1.67 -28.79 -2.67
C VAL B 179 -1.70 -27.76 -3.79
N TRP B 180 -2.30 -28.12 -4.91
CA TRP B 180 -2.40 -27.24 -6.05
C TRP B 180 -3.13 -25.96 -5.72
N MET B 181 -4.31 -26.05 -5.12
CA MET B 181 -5.07 -24.86 -4.62
C MET B 181 -4.25 -24.01 -3.66
N SER B 182 -3.56 -24.67 -2.73
CA SER B 182 -2.68 -24.03 -1.79
C SER B 182 -1.77 -22.93 -2.41
N TYR B 183 -1.31 -23.17 -3.62
CA TYR B 183 -0.51 -22.24 -4.33
C TYR B 183 -1.16 -20.88 -4.63
N SER B 184 -2.43 -20.85 -4.98
CA SER B 184 -3.14 -19.58 -5.14
C SER B 184 -3.12 -18.82 -3.81
N GLY B 185 -2.67 -19.51 -2.76
CA GLY B 185 -2.74 -18.94 -1.44
C GLY B 185 -1.88 -17.72 -1.28
N ARG B 186 -2.41 -16.68 -0.66
CA ARG B 186 -1.54 -15.57 -0.23
C ARG B 186 -1.25 -15.65 1.28
N SER B 187 -2.27 -15.80 2.12
CA SER B 187 -2.07 -15.84 3.56
C SER B 187 -1.86 -17.25 4.06
N LEU B 188 -1.44 -17.35 5.33
CA LEU B 188 -1.39 -18.60 6.03
C LEU B 188 -2.79 -19.23 6.03
N MET B 189 -3.77 -18.49 6.54
CA MET B 189 -5.18 -18.81 6.44
C MET B 189 -5.53 -19.42 5.07
N ASP B 190 -5.29 -18.73 3.96
CA ASP B 190 -5.58 -19.29 2.63
C ASP B 190 -5.00 -20.69 2.41
N LYS B 191 -3.68 -20.81 2.54
CA LYS B 191 -2.95 -22.03 2.26
C LYS B 191 -3.35 -23.18 3.17
N ALA B 192 -3.65 -22.88 4.43
CA ALA B 192 -4.03 -23.94 5.36
C ALA B 192 -5.43 -24.42 5.05
N PHE B 193 -6.36 -23.48 5.06
CA PHE B 193 -7.76 -23.78 5.17
C PHE B 193 -8.38 -24.22 3.83
N ILE B 194 -7.75 -23.85 2.72
CA ILE B 194 -8.24 -24.34 1.43
C ILE B 194 -8.01 -25.87 1.26
N MET B 195 -7.21 -26.44 2.16
CA MET B 195 -6.85 -27.85 2.09
C MET B 195 -7.70 -28.75 2.96
N VAL B 196 -8.40 -28.17 3.95
CA VAL B 196 -9.29 -28.94 4.85
C VAL B 196 -10.32 -29.87 4.11
N LEU B 197 -11.20 -29.24 3.32
CA LEU B 197 -12.28 -29.89 2.59
C LEU B 197 -11.77 -31.03 1.66
N PRO B 198 -10.74 -30.78 0.79
CA PRO B 198 -10.34 -31.95 -0.01
C PRO B 198 -9.65 -33.04 0.82
N VAL B 199 -8.97 -32.67 1.90
CA VAL B 199 -8.29 -33.69 2.66
C VAL B 199 -9.35 -34.46 3.43
N ALA B 200 -10.21 -33.73 4.15
CA ALA B 200 -11.35 -34.34 4.85
C ALA B 200 -12.14 -35.31 3.96
N MET B 201 -12.43 -34.87 2.73
CA MET B 201 -13.10 -35.68 1.78
C MET B 201 -12.41 -37.04 1.54
N PHE B 202 -11.12 -37.10 1.22
CA PHE B 202 -10.49 -38.40 1.01
C PHE B 202 -10.37 -39.27 2.25
N VAL B 203 -10.15 -38.65 3.42
CA VAL B 203 -9.98 -39.43 4.64
C VAL B 203 -11.28 -40.00 5.21
N ALA B 204 -12.34 -39.22 5.18
CA ALA B 204 -13.66 -39.71 5.61
C ALA B 204 -14.22 -40.76 4.63
N SER B 205 -13.96 -40.56 3.34
CA SER B 205 -14.34 -41.52 2.31
C SER B 205 -13.51 -42.80 2.33
N GLY B 206 -12.40 -42.81 3.08
CA GLY B 206 -11.61 -44.01 3.21
C GLY B 206 -10.76 -44.30 1.97
N PHE B 207 -10.43 -43.27 1.21
CA PHE B 207 -9.52 -43.44 0.12
C PHE B 207 -8.14 -43.78 0.70
N GLU B 208 -7.24 -44.37 -0.11
CA GLU B 208 -6.00 -44.89 0.41
C GLU B 208 -4.75 -44.12 0.02
N HIS B 209 -4.03 -43.59 1.00
CA HIS B 209 -2.79 -42.90 0.78
C HIS B 209 -1.64 -43.76 1.35
N SER B 210 -0.65 -44.07 0.52
CA SER B 210 0.43 -45.00 0.88
C SER B 210 1.26 -44.54 2.07
N ILE B 211 1.58 -43.26 2.14
CA ILE B 211 2.38 -42.79 3.24
C ILE B 211 1.60 -42.81 4.56
N ALA B 212 0.36 -42.33 4.52
CA ALA B 212 -0.55 -42.49 5.67
C ALA B 212 -0.61 -43.95 6.14
N ASN B 213 -0.73 -44.87 5.20
CA ASN B 213 -0.69 -46.29 5.52
C ASN B 213 0.65 -46.80 6.11
N MET B 214 1.76 -46.11 5.84
CA MET B 214 3.04 -46.50 6.42
C MET B 214 3.10 -46.20 7.92
N PHE B 215 2.25 -45.29 8.37
CA PHE B 215 1.98 -45.21 9.82
C PHE B 215 0.93 -46.25 10.26
N MET B 216 -0.26 -46.24 9.63
CA MET B 216 -1.46 -46.90 10.20
C MET B 216 -1.37 -48.41 10.37
N ILE B 217 -0.91 -49.08 9.34
CA ILE B 217 -0.88 -50.54 9.33
C ILE B 217 0.27 -51.08 10.18
N PRO B 218 1.52 -50.54 10.00
CA PRO B 218 2.53 -50.77 11.04
C PRO B 218 2.06 -50.53 12.49
N MET B 219 1.41 -49.39 12.76
CA MET B 219 0.94 -49.12 14.13
C MET B 219 0.03 -50.28 14.60
N GLY B 220 -0.86 -50.75 13.69
CA GLY B 220 -1.75 -51.88 13.94
C GLY B 220 -0.97 -53.16 14.18
N ILE B 221 0.01 -53.44 13.31
CA ILE B 221 0.91 -54.59 13.53
C ILE B 221 1.61 -54.61 14.91
N VAL B 222 2.28 -53.52 15.25
CA VAL B 222 2.89 -53.41 16.54
C VAL B 222 1.83 -53.66 17.61
N ILE B 223 0.67 -52.99 17.58
CA ILE B 223 -0.34 -53.24 18.63
C ILE B 223 -0.76 -54.73 18.67
N ARG B 224 -1.07 -55.31 17.51
CA ARG B 224 -1.44 -56.70 17.44
C ARG B 224 -0.41 -57.66 18.06
N ASP B 225 0.87 -57.34 17.91
CA ASP B 225 1.98 -58.20 18.38
C ASP B 225 2.49 -57.96 19.82
N PHE B 226 2.29 -56.76 20.31
CA PHE B 226 2.85 -56.43 21.60
C PHE B 226 1.89 -55.97 22.66
N ALA B 227 0.61 -55.94 22.35
CA ALA B 227 -0.41 -55.60 23.34
C ALA B 227 -0.36 -56.64 24.43
N THR B 228 -0.63 -56.20 25.67
CA THR B 228 -0.65 -57.08 26.82
C THR B 228 -1.92 -57.90 26.90
N PRO B 229 -1.89 -59.00 27.67
CA PRO B 229 -3.16 -59.71 27.84
C PRO B 229 -4.24 -58.83 28.39
N GLU B 230 -3.91 -57.96 29.32
CA GLU B 230 -4.84 -57.00 29.87
C GLU B 230 -5.59 -56.19 28.79
N PHE B 231 -4.87 -55.69 27.78
CA PHE B 231 -5.47 -54.88 26.71
C PHE B 231 -6.58 -55.64 26.01
N TRP B 232 -6.29 -56.88 25.59
CA TRP B 232 -7.28 -57.74 24.87
C TRP B 232 -8.53 -58.09 25.68
N THR B 233 -8.37 -58.23 26.98
CA THR B 233 -9.51 -58.43 27.85
C THR B 233 -10.36 -57.19 27.82
N ALA B 234 -9.73 -56.04 28.07
CA ALA B 234 -10.41 -54.74 28.14
C ALA B 234 -11.19 -54.47 26.87
N VAL B 235 -10.68 -54.85 25.72
CA VAL B 235 -11.34 -54.44 24.48
C VAL B 235 -12.20 -55.56 23.89
N GLY B 236 -12.07 -56.74 24.49
CA GLY B 236 -12.88 -57.87 24.13
C GLY B 236 -12.52 -58.45 22.79
N SER B 237 -11.23 -58.57 22.52
CA SER B 237 -10.75 -59.17 21.28
C SER B 237 -9.51 -60.01 21.57
N SER B 238 -8.84 -60.44 20.51
CA SER B 238 -7.60 -61.21 20.63
C SER B 238 -6.72 -60.92 19.45
N PRO B 239 -5.41 -61.17 19.56
CA PRO B 239 -4.56 -60.99 18.36
C PRO B 239 -5.00 -61.77 17.12
N GLU B 240 -5.74 -62.86 17.31
CA GLU B 240 -6.24 -63.69 16.20
C GLU B 240 -7.30 -63.02 15.39
N SER B 241 -8.05 -62.13 16.02
CA SER B 241 -9.10 -61.42 15.34
C SER B 241 -8.53 -60.49 14.28
N PHE B 242 -7.20 -60.39 14.21
CA PHE B 242 -6.52 -59.44 13.35
C PHE B 242 -5.40 -60.09 12.54
N SER B 243 -5.69 -61.29 12.07
CA SER B 243 -4.73 -62.11 11.35
C SER B 243 -4.13 -61.51 10.07
N HIS B 244 -4.78 -60.54 9.44
CA HIS B 244 -4.14 -59.91 8.27
C HIS B 244 -3.11 -58.81 8.56
N LEU B 245 -2.99 -58.39 9.81
CA LEU B 245 -2.00 -57.39 10.15
C LEU B 245 -0.64 -58.07 10.29
N THR B 246 0.05 -58.24 9.16
CA THR B 246 1.44 -58.72 9.11
C THR B 246 2.22 -57.92 8.06
N VAL B 247 3.51 -57.71 8.31
CA VAL B 247 4.38 -56.94 7.38
C VAL B 247 4.24 -57.47 5.97
N MET B 248 4.29 -58.78 5.79
CA MET B 248 4.07 -59.37 4.46
C MET B 248 2.74 -58.95 3.82
N SER B 249 1.62 -59.25 4.49
CA SER B 249 0.32 -58.87 3.99
C SER B 249 0.19 -57.36 3.73
N PHE B 250 0.77 -56.55 4.61
CA PHE B 250 0.75 -55.13 4.45
C PHE B 250 1.36 -54.80 3.11
N ILE B 251 2.61 -55.21 2.87
CA ILE B 251 3.28 -54.91 1.58
C ILE B 251 2.46 -55.35 0.36
N THR B 252 2.05 -56.61 0.34
CA THR B 252 1.40 -57.15 -0.85
C THR B 252 -0.05 -56.72 -1.09
N ASP B 253 -0.86 -56.70 -0.02
CA ASP B 253 -2.30 -56.43 -0.16
C ASP B 253 -2.68 -54.97 -0.11
N ASN B 254 -1.80 -54.14 0.46
CA ASN B 254 -2.09 -52.72 0.60
C ASN B 254 -1.04 -51.81 -0.07
N LEU B 255 0.19 -51.90 0.40
CA LEU B 255 1.19 -50.88 0.09
C LEU B 255 1.46 -50.82 -1.40
N ILE B 256 1.74 -51.99 -2.00
CA ILE B 256 2.06 -52.03 -3.44
C ILE B 256 0.90 -51.43 -4.27
N PRO B 257 -0.34 -52.02 -4.18
CA PRO B 257 -1.41 -51.54 -5.06
C PRO B 257 -1.83 -50.15 -4.73
N VAL B 258 -1.74 -49.74 -3.46
CA VAL B 258 -2.04 -48.34 -3.12
C VAL B 258 -1.02 -47.39 -3.75
N THR B 259 0.27 -47.69 -3.58
CA THR B 259 1.32 -46.83 -4.14
C THR B 259 1.17 -46.68 -5.65
N ILE B 260 0.94 -47.80 -6.36
CA ILE B 260 0.68 -47.71 -7.79
C ILE B 260 -0.48 -46.76 -8.07
N GLY B 261 -1.58 -46.95 -7.34
CA GLY B 261 -2.77 -46.05 -7.34
C GLY B 261 -2.51 -44.58 -7.05
N ASN B 262 -1.70 -44.27 -6.03
CA ASN B 262 -1.25 -42.88 -5.81
C ASN B 262 -0.48 -42.25 -6.97
N ILE B 263 0.41 -43.02 -7.61
CA ILE B 263 1.14 -42.56 -8.79
C ILE B 263 0.18 -42.23 -9.93
N ILE B 264 -0.64 -43.19 -10.29
CA ILE B 264 -1.63 -42.92 -11.32
C ILE B 264 -2.45 -41.69 -10.92
N GLY B 265 -2.81 -41.63 -9.63
CA GLY B 265 -3.67 -40.59 -9.08
C GLY B 265 -3.13 -39.20 -9.30
N GLY B 266 -1.90 -38.97 -8.82
CA GLY B 266 -1.18 -37.70 -9.03
C GLY B 266 -0.87 -37.42 -10.51
N GLY B 267 -0.59 -38.47 -11.29
CA GLY B 267 -0.46 -38.36 -12.75
C GLY B 267 -1.75 -38.13 -13.54
N LEU B 268 -2.85 -38.71 -13.08
CA LEU B 268 -4.19 -38.62 -13.73
C LEU B 268 -4.56 -37.20 -14.16
N LEU B 269 -3.95 -36.20 -13.54
CA LEU B 269 -4.33 -34.83 -13.84
C LEU B 269 -3.58 -34.25 -15.02
N VAL B 270 -2.24 -34.21 -14.90
CA VAL B 270 -1.33 -33.90 -16.02
C VAL B 270 -1.94 -34.25 -17.42
N GLY B 271 -2.11 -35.54 -17.70
CA GLY B 271 -2.74 -36.00 -18.96
C GLY B 271 -4.07 -35.30 -19.31
N LEU C 11 -19.88 6.99 -10.32
CA LEU C 11 -19.88 7.04 -11.82
C LEU C 11 -20.15 5.64 -12.39
N PRO C 12 -20.94 5.53 -13.48
CA PRO C 12 -21.24 4.20 -14.04
C PRO C 12 -20.10 3.35 -14.67
N ALA C 13 -19.70 2.30 -13.93
CA ALA C 13 -18.85 1.21 -14.42
C ALA C 13 -19.72 0.16 -15.12
N ALA C 14 -19.67 0.19 -16.46
CA ALA C 14 -20.52 -0.65 -17.31
C ALA C 14 -19.73 -1.75 -18.07
N MET C 15 -18.75 -2.32 -17.35
CA MET C 15 -18.15 -3.65 -17.56
C MET C 15 -19.10 -4.88 -17.72
N ALA C 16 -20.23 -4.67 -18.40
CA ALA C 16 -20.91 -5.75 -19.10
C ALA C 16 -19.98 -6.11 -20.27
N LYS C 17 -19.28 -5.07 -20.75
CA LYS C 17 -18.26 -5.17 -21.81
C LYS C 17 -17.20 -6.23 -21.52
N VAL C 18 -16.47 -6.04 -20.42
CA VAL C 18 -15.58 -7.05 -19.84
C VAL C 18 -16.27 -8.42 -19.68
N ALA C 19 -17.50 -8.41 -19.15
CA ALA C 19 -18.33 -9.61 -19.04
C ALA C 19 -18.50 -10.25 -20.42
N GLU C 20 -18.97 -9.47 -21.40
CA GLU C 20 -19.10 -9.89 -22.82
C GLU C 20 -17.80 -10.33 -23.51
N GLU C 21 -16.77 -9.51 -23.35
CA GLU C 21 -15.45 -9.76 -23.91
C GLU C 21 -14.92 -11.10 -23.37
N ALA C 22 -14.94 -11.27 -22.04
CA ALA C 22 -14.69 -12.59 -21.41
C ALA C 22 -15.52 -13.70 -22.11
N GLY C 23 -16.83 -13.43 -22.24
CA GLY C 23 -17.77 -14.32 -22.93
C GLY C 23 -17.33 -14.73 -24.35
N VAL C 24 -16.87 -13.77 -25.14
CA VAL C 24 -16.45 -14.06 -26.51
C VAL C 24 -15.24 -15.00 -26.59
N TYR C 25 -14.24 -14.79 -25.74
CA TYR C 25 -13.09 -15.70 -25.69
C TYR C 25 -13.56 -17.11 -25.34
N LYS C 26 -14.26 -17.23 -24.20
CA LYS C 26 -14.63 -18.53 -23.64
C LYS C 26 -15.51 -19.34 -24.58
N ALA C 27 -16.41 -18.64 -25.26
CA ALA C 27 -17.38 -19.27 -26.13
C ALA C 27 -16.80 -19.80 -27.46
N THR C 28 -15.80 -19.13 -28.03
CA THR C 28 -15.31 -19.55 -29.35
C THR C 28 -13.85 -19.95 -29.43
N LYS C 29 -13.06 -19.47 -28.48
CA LYS C 29 -11.62 -19.65 -28.60
C LYS C 29 -11.13 -21.05 -28.24
N HIS C 30 -10.00 -21.11 -27.54
CA HIS C 30 -9.13 -22.29 -27.54
C HIS C 30 -9.77 -23.65 -27.85
N PRO C 31 -8.95 -24.57 -28.48
CA PRO C 31 -9.59 -25.73 -29.11
C PRO C 31 -10.54 -26.57 -28.16
N LEU C 32 -9.99 -27.65 -27.63
CA LEU C 32 -10.74 -28.51 -26.76
C LEU C 32 -10.29 -28.22 -25.34
N LYS C 33 -9.44 -27.21 -25.17
CA LYS C 33 -9.12 -26.72 -23.83
C LYS C 33 -10.39 -26.71 -22.98
N THR C 34 -11.50 -26.32 -23.61
CA THR C 34 -12.83 -26.21 -22.99
C THR C 34 -13.43 -27.58 -22.71
N PHE C 35 -13.54 -28.41 -23.74
CA PHE C 35 -13.94 -29.80 -23.54
C PHE C 35 -13.15 -30.40 -22.37
N TYR C 36 -11.82 -30.30 -22.42
CA TYR C 36 -10.97 -30.84 -21.38
C TYR C 36 -11.18 -30.20 -20.00
N LEU C 37 -11.42 -28.89 -19.94
CA LEU C 37 -11.77 -28.24 -18.68
C LEU C 37 -13.15 -28.65 -18.16
N ALA C 38 -14.04 -29.04 -19.08
CA ALA C 38 -15.41 -29.39 -18.76
C ALA C 38 -15.44 -30.81 -18.17
N ILE C 39 -14.61 -31.72 -18.70
CA ILE C 39 -14.40 -33.03 -18.14
C ILE C 39 -13.92 -32.87 -16.71
N THR C 40 -12.90 -32.03 -16.54
CA THR C 40 -12.40 -31.65 -15.21
C THR C 40 -13.53 -31.16 -14.27
N ALA C 41 -14.44 -30.31 -14.76
CA ALA C 41 -15.53 -29.86 -13.90
C ALA C 41 -16.47 -31.04 -13.54
N GLY C 42 -16.72 -31.95 -14.49
CA GLY C 42 -17.55 -33.14 -14.24
C GLY C 42 -16.96 -34.01 -13.13
N VAL C 43 -15.63 -34.15 -13.14
CA VAL C 43 -14.91 -34.85 -12.06
C VAL C 43 -15.10 -34.08 -10.73
N PHE C 44 -15.08 -32.75 -10.78
CA PHE C 44 -15.13 -31.99 -9.54
C PHE C 44 -16.50 -32.08 -8.93
N ILE C 45 -17.53 -31.98 -9.76
CA ILE C 45 -18.90 -32.09 -9.22
C ILE C 45 -19.22 -33.51 -8.72
N SER C 46 -18.66 -34.52 -9.38
CA SER C 46 -18.70 -35.90 -8.87
C SER C 46 -18.14 -36.04 -7.44
N ILE C 47 -16.95 -35.46 -7.26
CA ILE C 47 -16.22 -35.38 -5.99
C ILE C 47 -17.10 -34.75 -4.94
N ALA C 48 -17.76 -33.67 -5.30
CA ALA C 48 -18.64 -33.00 -4.38
C ALA C 48 -19.75 -33.94 -3.89
N PHE C 49 -20.38 -34.70 -4.80
CA PHE C 49 -21.48 -35.56 -4.42
C PHE C 49 -21.00 -36.78 -3.64
N VAL C 50 -19.84 -37.32 -4.02
CA VAL C 50 -19.22 -38.37 -3.23
C VAL C 50 -18.98 -37.89 -1.78
N PHE C 51 -18.56 -36.64 -1.65
CA PHE C 51 -18.34 -36.07 -0.34
C PHE C 51 -19.70 -35.99 0.41
N TYR C 52 -20.75 -35.58 -0.28
CA TYR C 52 -22.03 -35.48 0.34
C TYR C 52 -22.48 -36.86 0.86
N ILE C 53 -22.22 -37.92 0.09
CA ILE C 53 -22.68 -39.27 0.46
C ILE C 53 -21.95 -39.83 1.67
N THR C 54 -20.63 -39.69 1.64
CA THR C 54 -19.78 -40.02 2.78
C THR C 54 -20.28 -39.33 4.02
N ALA C 55 -20.36 -38.01 4.03
CA ALA C 55 -20.80 -37.25 5.25
C ALA C 55 -22.17 -37.64 5.81
N THR C 56 -23.07 -38.04 4.93
CA THR C 56 -24.43 -38.31 5.29
C THR C 56 -24.74 -39.78 5.38
N THR C 57 -23.75 -40.63 5.23
CA THR C 57 -23.95 -42.05 5.45
C THR C 57 -24.22 -42.35 6.92
N GLY C 58 -25.26 -43.12 7.19
CA GLY C 58 -25.64 -43.44 8.55
C GLY C 58 -26.34 -42.34 9.33
N THR C 59 -26.86 -41.31 8.61
CA THR C 59 -27.43 -40.15 9.31
C THR C 59 -28.95 -40.19 9.48
N GLY C 60 -29.54 -41.30 9.03
CA GLY C 60 -30.98 -41.64 9.20
C GLY C 60 -31.69 -41.20 10.50
N ALA C 61 -31.00 -41.30 11.62
CA ALA C 61 -31.53 -40.95 12.92
C ALA C 61 -31.24 -39.51 13.38
N MET C 62 -30.35 -38.77 12.71
CA MET C 62 -30.14 -37.36 12.96
C MET C 62 -31.35 -36.60 12.43
N PRO C 63 -31.65 -35.42 13.04
CA PRO C 63 -32.64 -34.52 12.44
C PRO C 63 -32.35 -34.30 10.96
N TYR C 64 -33.35 -34.55 10.15
CA TYR C 64 -33.32 -34.34 8.71
C TYR C 64 -32.48 -33.16 8.26
N GLY C 65 -32.94 -31.96 8.62
CA GLY C 65 -32.24 -30.74 8.21
C GLY C 65 -30.76 -30.66 8.49
N MET C 66 -30.34 -31.18 9.66
CA MET C 66 -28.95 -31.10 10.12
C MET C 66 -28.05 -31.97 9.27
N ALA C 67 -28.53 -33.15 9.00
CA ALA C 67 -27.78 -34.07 8.18
C ALA C 67 -27.57 -33.47 6.79
N LYS C 68 -28.65 -33.00 6.16
CA LYS C 68 -28.61 -32.28 4.89
C LYS C 68 -27.75 -31.03 4.87
N LEU C 69 -27.88 -30.22 5.92
CA LEU C 69 -27.07 -29.03 6.03
C LEU C 69 -25.57 -29.36 6.03
N ILE C 70 -25.16 -30.40 6.78
CA ILE C 70 -23.76 -30.82 6.81
C ILE C 70 -23.26 -31.32 5.43
N GLY C 71 -24.00 -32.27 4.85
CA GLY C 71 -23.69 -32.77 3.51
C GLY C 71 -23.54 -31.66 2.46
N GLY C 72 -24.34 -30.61 2.61
CA GLY C 72 -24.29 -29.49 1.68
C GLY C 72 -23.04 -28.65 1.81
N ILE C 73 -22.57 -28.45 3.04
CA ILE C 73 -21.31 -27.78 3.25
C ILE C 73 -20.27 -28.62 2.54
N CYS C 74 -20.30 -29.92 2.77
CA CYS C 74 -19.26 -30.76 2.19
C CYS C 74 -19.29 -30.69 0.67
N PHE C 75 -20.50 -30.59 0.13
CA PHE C 75 -20.71 -30.56 -1.32
C PHE C 75 -19.99 -29.38 -1.93
N SER C 76 -19.94 -28.28 -1.19
CA SER C 76 -19.35 -27.03 -1.70
C SER C 76 -17.91 -27.15 -2.15
N LEU C 77 -17.21 -28.21 -1.74
CA LEU C 77 -15.88 -28.57 -2.28
C LEU C 77 -15.86 -28.55 -3.79
N GLY C 78 -16.91 -29.12 -4.39
CA GLY C 78 -16.90 -29.21 -5.82
C GLY C 78 -16.85 -27.85 -6.51
N LEU C 79 -17.69 -26.93 -6.05
CA LEU C 79 -17.73 -25.64 -6.70
C LEU C 79 -16.41 -24.88 -6.39
N ILE C 80 -15.86 -25.13 -5.19
CA ILE C 80 -14.64 -24.50 -4.78
C ILE C 80 -13.58 -24.92 -5.73
N LEU C 81 -13.49 -26.23 -5.97
CA LEU C 81 -12.57 -26.82 -6.93
C LEU C 81 -12.74 -26.12 -8.28
N CYS C 82 -13.94 -26.10 -8.83
CA CYS C 82 -14.21 -25.50 -10.15
C CYS C 82 -13.74 -24.06 -10.31
N VAL C 83 -14.15 -23.20 -9.40
CA VAL C 83 -13.75 -21.82 -9.46
C VAL C 83 -12.23 -21.64 -9.28
N ILE C 84 -11.64 -22.23 -8.21
CA ILE C 84 -10.24 -21.98 -7.90
C ILE C 84 -9.33 -22.54 -8.96
N CYS C 85 -9.66 -23.72 -9.50
CA CYS C 85 -8.81 -24.35 -10.53
C CYS C 85 -9.17 -23.97 -11.95
N GLY C 86 -10.26 -23.22 -12.14
CA GLY C 86 -10.64 -22.77 -13.46
C GLY C 86 -11.23 -23.83 -14.36
N ALA C 87 -11.93 -24.81 -13.80
CA ALA C 87 -12.60 -25.81 -14.66
C ALA C 87 -13.90 -25.23 -15.17
N ASP C 88 -14.52 -25.94 -16.13
CA ASP C 88 -15.75 -25.49 -16.82
C ASP C 88 -17.08 -26.18 -16.52
N LEU C 89 -17.87 -25.60 -15.64
CA LEU C 89 -19.15 -26.16 -15.22
C LEU C 89 -20.34 -25.53 -15.95
N PHE C 90 -21.08 -26.38 -16.68
CA PHE C 90 -22.27 -25.99 -17.43
C PHE C 90 -23.12 -24.91 -16.79
N THR C 91 -23.32 -23.80 -17.53
CA THR C 91 -24.12 -22.61 -17.13
C THR C 91 -23.92 -22.15 -15.70
N SER C 92 -22.72 -22.31 -15.20
CA SER C 92 -22.56 -22.39 -13.78
C SER C 92 -21.22 -21.88 -13.30
N THR C 93 -21.16 -20.61 -12.89
CA THR C 93 -21.97 -19.51 -13.35
C THR C 93 -21.28 -19.29 -14.63
N VAL C 94 -22.02 -18.95 -15.65
CA VAL C 94 -21.41 -18.10 -16.63
C VAL C 94 -22.52 -17.31 -17.27
N LEU C 95 -22.67 -16.09 -16.76
CA LEU C 95 -23.39 -15.05 -17.45
C LEU C 95 -22.62 -14.81 -18.73
N ILE C 96 -21.35 -14.48 -18.55
CA ILE C 96 -20.37 -14.76 -19.57
C ILE C 96 -20.95 -15.88 -20.46
N VAL C 97 -20.86 -15.76 -21.80
CA VAL C 97 -21.43 -16.79 -22.75
C VAL C 97 -22.91 -16.60 -23.03
N VAL C 98 -23.76 -16.66 -22.01
CA VAL C 98 -25.20 -16.45 -22.21
C VAL C 98 -25.39 -14.99 -22.60
N ALA C 99 -25.57 -14.09 -21.63
CA ALA C 99 -25.40 -12.70 -21.96
C ALA C 99 -24.03 -12.79 -22.55
N LYS C 100 -23.61 -11.82 -23.36
CA LYS C 100 -22.43 -11.98 -24.22
C LYS C 100 -22.93 -12.61 -25.53
N ALA C 101 -24.26 -12.65 -25.63
CA ALA C 101 -25.09 -12.89 -26.83
C ALA C 101 -26.19 -11.88 -26.48
N SER C 102 -26.06 -10.75 -27.16
CA SER C 102 -26.38 -9.37 -26.73
C SER C 102 -25.18 -8.67 -27.41
N GLY C 103 -25.08 -8.96 -28.71
CA GLY C 103 -24.00 -8.54 -29.55
C GLY C 103 -23.23 -9.75 -30.07
N ARG C 104 -22.12 -10.03 -29.38
CA ARG C 104 -20.94 -10.66 -29.99
C ARG C 104 -20.98 -12.16 -30.40
N ILE C 105 -22.07 -12.87 -30.11
CA ILE C 105 -22.13 -14.32 -30.38
C ILE C 105 -23.45 -14.83 -30.98
N THR C 106 -23.32 -15.73 -31.97
CA THR C 106 -24.46 -16.31 -32.71
C THR C 106 -25.03 -17.55 -32.03
N TRP C 107 -26.35 -17.69 -32.05
CA TRP C 107 -27.04 -18.88 -31.51
C TRP C 107 -26.29 -20.17 -31.81
N GLY C 108 -25.76 -20.29 -33.02
CA GLY C 108 -24.94 -21.43 -33.42
C GLY C 108 -23.67 -21.66 -32.62
N GLN C 109 -22.98 -20.59 -32.22
CA GLN C 109 -21.72 -20.70 -31.44
C GLN C 109 -21.98 -21.08 -29.98
N LEU C 110 -22.98 -20.41 -29.37
CA LEU C 110 -23.54 -20.78 -28.08
C LEU C 110 -23.83 -22.28 -28.09
N ALA C 111 -24.72 -22.72 -28.99
CA ALA C 111 -24.97 -24.15 -29.21
C ALA C 111 -23.67 -24.94 -29.09
N LYS C 112 -22.74 -24.74 -30.04
CA LYS C 112 -21.45 -25.46 -30.11
C LYS C 112 -20.80 -25.59 -28.74
N ASN C 113 -20.78 -24.47 -28.01
CA ASN C 113 -20.11 -24.36 -26.72
C ASN C 113 -20.86 -24.99 -25.54
N TRP C 114 -22.14 -24.65 -25.36
CA TRP C 114 -22.96 -25.22 -24.29
C TRP C 114 -23.02 -26.71 -24.50
N LEU C 115 -23.06 -27.12 -25.75
CA LEU C 115 -23.06 -28.53 -26.11
C LEU C 115 -21.71 -29.19 -25.84
N ASN C 116 -20.66 -28.41 -26.03
CA ASN C 116 -19.30 -28.86 -25.77
C ASN C 116 -19.05 -29.12 -24.26
N VAL C 117 -19.40 -28.11 -23.44
CA VAL C 117 -19.29 -28.14 -21.97
C VAL C 117 -20.21 -29.20 -21.35
N TYR C 118 -21.49 -29.20 -21.73
CA TYR C 118 -22.38 -30.25 -21.29
C TYR C 118 -21.81 -31.64 -21.55
N PHE C 119 -21.40 -31.90 -22.77
CA PHE C 119 -21.02 -33.25 -23.11
C PHE C 119 -19.72 -33.63 -22.38
N GLY C 120 -18.95 -32.61 -22.05
CA GLY C 120 -17.69 -32.83 -21.32
C GLY C 120 -17.95 -33.02 -19.82
N ASN C 121 -18.80 -32.16 -19.27
CA ASN C 121 -19.29 -32.35 -17.94
C ASN C 121 -19.76 -33.79 -17.69
N LEU C 122 -20.53 -34.35 -18.65
CA LEU C 122 -21.03 -35.72 -18.60
C LEU C 122 -19.91 -36.72 -18.59
N ILE C 123 -18.93 -36.53 -19.46
CA ILE C 123 -17.87 -37.54 -19.58
C ILE C 123 -17.04 -37.63 -18.30
N GLY C 124 -16.79 -36.47 -17.66
CA GLY C 124 -16.12 -36.42 -16.36
C GLY C 124 -16.94 -37.20 -15.33
N ALA C 125 -18.21 -36.81 -15.21
CA ALA C 125 -19.14 -37.50 -14.35
C ALA C 125 -19.09 -39.04 -14.58
N LEU C 126 -19.29 -39.48 -15.82
CA LEU C 126 -19.27 -40.95 -16.07
C LEU C 126 -17.95 -41.65 -15.76
N LEU C 127 -16.80 -41.02 -16.07
CA LEU C 127 -15.52 -41.57 -15.61
C LEU C 127 -15.44 -41.73 -14.07
N PHE C 128 -15.90 -40.74 -13.32
CA PHE C 128 -15.87 -40.88 -11.87
C PHE C 128 -16.85 -41.96 -11.37
N VAL C 129 -18.03 -42.05 -11.98
CA VAL C 129 -18.87 -43.21 -11.76
C VAL C 129 -18.05 -44.49 -11.86
N LEU C 130 -17.36 -44.68 -13.00
CA LEU C 130 -16.64 -45.94 -13.27
C LEU C 130 -15.53 -46.16 -12.25
N LEU C 131 -14.85 -45.08 -11.91
CA LEU C 131 -13.76 -45.14 -10.95
C LEU C 131 -14.29 -45.41 -9.53
N MET C 132 -15.40 -44.79 -9.12
CA MET C 132 -15.99 -45.11 -7.79
C MET C 132 -16.43 -46.58 -7.74
N TRP C 133 -17.05 -47.05 -8.81
CA TRP C 133 -17.52 -48.42 -8.84
C TRP C 133 -16.34 -49.42 -8.72
N LEU C 134 -15.22 -49.17 -9.41
CA LEU C 134 -14.05 -50.04 -9.25
C LEU C 134 -13.41 -50.02 -7.84
N SER C 135 -13.69 -48.94 -7.09
CA SER C 135 -13.07 -48.69 -5.78
C SER C 135 -13.67 -49.57 -4.70
N GLY C 136 -14.88 -50.05 -4.93
CA GLY C 136 -15.57 -50.87 -3.94
C GLY C 136 -16.37 -50.05 -2.94
N GLU C 137 -16.31 -48.72 -3.05
CA GLU C 137 -16.92 -47.82 -2.08
C GLU C 137 -18.35 -48.14 -1.71
N TYR C 138 -19.10 -48.75 -2.63
CA TYR C 138 -20.50 -49.00 -2.34
C TYR C 138 -20.67 -49.90 -1.12
N MET C 139 -19.72 -50.79 -0.86
CA MET C 139 -19.75 -51.67 0.30
C MET C 139 -19.39 -51.04 1.66
N THR C 140 -18.94 -49.78 1.66
CA THR C 140 -18.60 -49.03 2.87
C THR C 140 -19.75 -48.87 3.84
N ALA C 141 -19.40 -49.04 5.11
CA ALA C 141 -20.27 -48.95 6.28
C ALA C 141 -21.29 -50.05 6.20
N ASN C 142 -20.85 -51.19 5.69
CA ASN C 142 -21.66 -52.40 5.68
C ASN C 142 -22.76 -52.26 4.62
N GLY C 143 -22.46 -51.48 3.60
CA GLY C 143 -23.33 -51.25 2.48
C GLY C 143 -24.10 -49.96 2.60
N GLN C 144 -24.02 -49.31 3.77
CA GLN C 144 -24.80 -48.08 3.99
C GLN C 144 -24.43 -46.87 3.08
N TRP C 145 -23.16 -46.77 2.70
CA TRP C 145 -22.71 -45.88 1.63
C TRP C 145 -23.50 -46.13 0.28
N GLY C 146 -23.52 -47.38 -0.18
CA GLY C 146 -24.27 -47.77 -1.37
C GLY C 146 -25.75 -47.43 -1.26
N LEU C 147 -26.41 -47.97 -0.25
CA LEU C 147 -27.79 -47.62 0.03
C LEU C 147 -28.09 -46.11 0.02
N ASN C 148 -27.19 -45.33 0.61
CA ASN C 148 -27.26 -43.87 0.58
C ASN C 148 -27.28 -43.31 -0.87
N VAL C 149 -26.47 -43.88 -1.76
CA VAL C 149 -26.49 -43.46 -3.17
C VAL C 149 -27.81 -43.84 -3.85
N LEU C 150 -28.26 -45.09 -3.63
CA LEU C 150 -29.55 -45.59 -4.15
C LEU C 150 -30.66 -44.66 -3.74
N GLN C 151 -30.75 -44.36 -2.44
CA GLN C 151 -31.81 -43.49 -1.92
C GLN C 151 -31.76 -42.07 -2.45
N THR C 152 -30.55 -41.53 -2.56
CA THR C 152 -30.35 -40.15 -2.97
C THR C 152 -30.75 -39.98 -4.43
N ALA C 153 -30.40 -40.99 -5.21
CA ALA C 153 -30.73 -41.03 -6.61
C ALA C 153 -32.23 -41.25 -6.81
N ASP C 154 -32.81 -42.11 -5.99
CA ASP C 154 -34.20 -42.39 -6.10
C ASP C 154 -35.05 -41.16 -5.75
N HIS C 155 -34.59 -40.37 -4.79
CA HIS C 155 -35.35 -39.20 -4.39
C HIS C 155 -35.31 -38.13 -5.48
N LYS C 156 -34.48 -38.36 -6.50
CA LYS C 156 -34.44 -37.40 -7.58
C LYS C 156 -35.32 -37.83 -8.76
N MET C 157 -36.00 -38.98 -8.60
CA MET C 157 -36.70 -39.68 -9.68
C MET C 157 -38.22 -39.57 -9.67
N HIS C 158 -38.83 -38.90 -8.68
CA HIS C 158 -40.30 -38.88 -8.58
C HIS C 158 -40.93 -37.49 -8.69
N HIS C 159 -40.30 -36.59 -9.44
CA HIS C 159 -40.83 -35.23 -9.59
C HIS C 159 -41.75 -35.19 -10.77
N THR C 160 -42.79 -34.38 -10.73
CA THR C 160 -43.49 -34.02 -11.99
C THR C 160 -42.56 -33.17 -12.86
N PHE C 161 -42.95 -32.90 -14.10
CA PHE C 161 -42.08 -32.15 -15.03
C PHE C 161 -41.88 -30.73 -14.49
N ILE C 162 -43.00 -30.10 -14.10
CA ILE C 162 -42.98 -28.74 -13.58
C ILE C 162 -42.10 -28.69 -12.34
N GLU C 163 -42.29 -29.64 -11.43
CA GLU C 163 -41.42 -29.74 -10.28
C GLU C 163 -39.91 -29.82 -10.64
N ALA C 164 -39.56 -30.68 -11.60
CA ALA C 164 -38.18 -30.89 -11.86
C ALA C 164 -37.57 -29.66 -12.50
N VAL C 165 -38.32 -28.98 -13.37
CA VAL C 165 -37.87 -27.69 -13.96
C VAL C 165 -37.65 -26.67 -12.86
N CYS C 166 -38.62 -26.54 -11.95
CA CYS C 166 -38.44 -25.56 -10.88
C CYS C 166 -37.25 -25.84 -9.92
N LEU C 167 -37.05 -27.11 -9.55
CA LEU C 167 -35.95 -27.43 -8.67
C LEU C 167 -34.64 -27.08 -9.40
N GLY C 168 -34.70 -27.18 -10.72
CA GLY C 168 -33.54 -26.85 -11.56
C GLY C 168 -33.30 -25.35 -11.61
N ILE C 169 -34.36 -24.57 -11.53
CA ILE C 169 -34.21 -23.12 -11.57
C ILE C 169 -33.59 -22.69 -10.28
N LEU C 170 -34.15 -23.24 -9.19
CA LEU C 170 -33.66 -22.95 -7.86
C LEU C 170 -32.17 -23.32 -7.69
N ALA C 171 -31.76 -24.48 -8.20
CA ALA C 171 -30.40 -24.93 -7.98
C ALA C 171 -29.44 -23.99 -8.68
N ASN C 172 -29.65 -23.78 -9.96
CA ASN C 172 -28.68 -23.04 -10.76
C ASN C 172 -28.63 -21.53 -10.43
N LEU C 173 -29.72 -20.99 -9.87
CA LEU C 173 -29.75 -19.64 -9.30
C LEU C 173 -28.69 -19.59 -8.23
N MET C 174 -28.71 -20.59 -7.35
CA MET C 174 -27.74 -20.67 -6.26
C MET C 174 -26.28 -20.81 -6.75
N VAL C 175 -25.98 -21.79 -7.61
CA VAL C 175 -24.65 -21.94 -8.19
C VAL C 175 -24.15 -20.63 -8.81
N CYS C 176 -25.00 -19.97 -9.60
CA CYS C 176 -24.67 -18.68 -10.19
C CYS C 176 -24.51 -17.52 -9.21
N LEU C 177 -25.33 -17.47 -8.18
CA LEU C 177 -25.07 -16.43 -7.21
C LEU C 177 -23.69 -16.68 -6.54
N ALA C 178 -23.40 -17.97 -6.27
CA ALA C 178 -22.15 -18.37 -5.66
C ALA C 178 -20.92 -17.92 -6.51
N VAL C 179 -21.00 -18.17 -7.81
CA VAL C 179 -19.87 -17.83 -8.63
C VAL C 179 -19.79 -16.29 -8.76
N TRP C 180 -20.95 -15.65 -8.82
CA TRP C 180 -21.00 -14.21 -9.00
C TRP C 180 -20.34 -13.50 -7.81
N MET C 181 -20.66 -13.97 -6.60
CA MET C 181 -20.06 -13.46 -5.39
C MET C 181 -18.56 -13.73 -5.33
N SER C 182 -18.16 -14.92 -5.76
CA SER C 182 -16.74 -15.23 -5.97
C SER C 182 -15.92 -14.07 -6.62
N TYR C 183 -16.49 -13.46 -7.66
CA TYR C 183 -15.81 -12.40 -8.38
C TYR C 183 -15.35 -11.24 -7.50
N SER C 184 -16.12 -10.94 -6.44
CA SER C 184 -15.72 -9.94 -5.43
C SER C 184 -14.56 -10.46 -4.57
N GLY C 185 -14.19 -11.70 -4.79
CA GLY C 185 -13.17 -12.33 -3.99
C GLY C 185 -11.83 -11.72 -4.18
N ARG C 186 -11.19 -11.41 -3.07
CA ARG C 186 -9.86 -10.85 -3.04
C ARG C 186 -8.83 -11.90 -2.74
N SER C 187 -9.19 -12.91 -1.97
CA SER C 187 -8.25 -13.92 -1.60
C SER C 187 -8.74 -15.27 -2.00
N LEU C 188 -7.93 -16.28 -1.77
CA LEU C 188 -8.43 -17.67 -1.84
C LEU C 188 -9.53 -17.88 -0.80
N MET C 189 -9.26 -17.50 0.44
CA MET C 189 -10.25 -17.47 1.52
C MET C 189 -11.59 -16.88 1.10
N ASP C 190 -11.52 -15.75 0.40
CA ASP C 190 -12.68 -15.02 -0.06
C ASP C 190 -13.45 -15.81 -1.09
N LYS C 191 -12.77 -16.23 -2.14
CA LYS C 191 -13.44 -16.87 -3.25
C LYS C 191 -14.10 -18.18 -2.85
N ALA C 192 -13.43 -18.97 -2.02
CA ALA C 192 -13.90 -20.31 -1.66
C ALA C 192 -15.03 -20.25 -0.67
N PHE C 193 -14.81 -19.58 0.44
CA PHE C 193 -15.77 -19.58 1.52
C PHE C 193 -17.06 -18.80 1.29
N ILE C 194 -17.07 -17.85 0.37
CA ILE C 194 -18.30 -17.10 0.04
C ILE C 194 -19.29 -18.02 -0.67
N MET C 195 -18.77 -19.09 -1.25
CA MET C 195 -19.60 -20.06 -1.92
C MET C 195 -20.21 -21.15 -1.00
N VAL C 196 -19.72 -21.32 0.22
CA VAL C 196 -20.21 -22.40 1.10
C VAL C 196 -21.71 -22.31 1.40
N LEU C 197 -22.15 -21.17 1.91
CA LEU C 197 -23.56 -20.97 2.30
C LEU C 197 -24.52 -21.07 1.11
N PRO C 198 -24.25 -20.40 -0.03
CA PRO C 198 -25.28 -20.56 -1.06
C PRO C 198 -25.28 -22.00 -1.71
N VAL C 199 -24.16 -22.70 -1.73
CA VAL C 199 -24.16 -24.05 -2.30
C VAL C 199 -24.84 -25.01 -1.30
N ALA C 200 -24.48 -24.86 -0.01
CA ALA C 200 -25.03 -25.74 0.98
C ALA C 200 -26.56 -25.62 0.94
N MET C 201 -27.03 -24.38 0.71
CA MET C 201 -28.47 -24.10 0.69
C MET C 201 -29.13 -24.90 -0.43
N PHE C 202 -28.54 -24.86 -1.63
CA PHE C 202 -29.21 -25.57 -2.71
C PHE C 202 -29.20 -27.07 -2.49
N VAL C 203 -28.07 -27.62 -2.00
CA VAL C 203 -27.94 -29.08 -1.82
C VAL C 203 -28.72 -29.61 -0.59
N ALA C 204 -28.66 -28.90 0.52
CA ALA C 204 -29.48 -29.32 1.65
C ALA C 204 -30.99 -29.30 1.33
N SER C 205 -31.46 -28.34 0.52
CA SER C 205 -32.91 -28.30 0.16
C SER C 205 -33.29 -29.22 -1.03
N GLY C 206 -32.36 -30.07 -1.45
CA GLY C 206 -32.58 -30.98 -2.56
C GLY C 206 -33.03 -30.32 -3.83
N PHE C 207 -32.53 -29.13 -4.14
CA PHE C 207 -32.70 -28.52 -5.47
C PHE C 207 -31.87 -29.31 -6.48
N GLU C 208 -32.18 -29.20 -7.77
CA GLU C 208 -31.66 -30.11 -8.76
C GLU C 208 -30.72 -29.47 -9.78
N HIS C 209 -29.52 -30.02 -9.85
CA HIS C 209 -28.50 -29.54 -10.72
C HIS C 209 -28.20 -30.69 -11.64
N SER C 210 -28.23 -30.43 -12.93
CA SER C 210 -28.11 -31.48 -13.96
C SER C 210 -26.78 -32.17 -13.95
N ILE C 211 -25.72 -31.42 -13.73
CA ILE C 211 -24.37 -32.00 -13.83
C ILE C 211 -24.08 -32.91 -12.63
N ALA C 212 -24.54 -32.47 -11.46
CA ALA C 212 -24.40 -33.24 -10.25
C ALA C 212 -25.16 -34.53 -10.47
N ASN C 213 -26.35 -34.44 -11.08
CA ASN C 213 -27.18 -35.64 -11.33
C ASN C 213 -26.58 -36.61 -12.36
N MET C 214 -25.70 -36.09 -13.22
CA MET C 214 -25.02 -36.94 -14.18
C MET C 214 -24.11 -37.87 -13.43
N PHE C 215 -23.66 -37.47 -12.23
CA PHE C 215 -22.91 -38.40 -11.40
C PHE C 215 -23.89 -39.26 -10.59
N MET C 216 -24.77 -38.59 -9.83
CA MET C 216 -25.54 -39.28 -8.80
C MET C 216 -26.44 -40.38 -9.36
N ILE C 217 -27.23 -40.06 -10.37
CA ILE C 217 -28.19 -41.02 -10.87
C ILE C 217 -27.53 -42.25 -11.58
N PRO C 218 -26.58 -42.02 -12.51
CA PRO C 218 -25.83 -43.18 -13.03
C PRO C 218 -25.17 -44.03 -11.93
N MET C 219 -24.65 -43.40 -10.87
CA MET C 219 -23.98 -44.16 -9.84
C MET C 219 -25.03 -45.04 -9.19
N GLY C 220 -26.25 -44.53 -9.06
CA GLY C 220 -27.35 -45.30 -8.50
C GLY C 220 -27.77 -46.48 -9.35
N ILE C 221 -27.93 -46.23 -10.64
CA ILE C 221 -28.16 -47.26 -11.64
C ILE C 221 -27.04 -48.33 -11.65
N VAL C 222 -25.80 -47.88 -11.65
CA VAL C 222 -24.69 -48.84 -11.59
C VAL C 222 -24.78 -49.73 -10.35
N ILE C 223 -25.10 -49.15 -9.21
CA ILE C 223 -25.17 -49.92 -7.98
C ILE C 223 -26.35 -50.92 -8.02
N ARG C 224 -27.51 -50.41 -8.44
CA ARG C 224 -28.73 -51.23 -8.58
C ARG C 224 -28.53 -52.46 -9.48
N ASP C 225 -27.80 -52.28 -10.58
CA ASP C 225 -27.59 -53.34 -11.56
C ASP C 225 -26.48 -54.27 -11.23
N PHE C 226 -25.51 -53.82 -10.46
CA PHE C 226 -24.31 -54.64 -10.31
C PHE C 226 -23.96 -55.04 -8.90
N ALA C 227 -24.67 -54.47 -7.94
CA ALA C 227 -24.47 -54.86 -6.54
C ALA C 227 -24.66 -56.36 -6.37
N THR C 228 -23.84 -56.98 -5.51
CA THR C 228 -23.92 -58.43 -5.31
C THR C 228 -25.07 -58.81 -4.35
N PRO C 229 -25.51 -60.10 -4.35
CA PRO C 229 -26.51 -60.50 -3.35
C PRO C 229 -26.08 -60.21 -1.91
N GLU C 230 -24.78 -60.28 -1.60
CA GLU C 230 -24.30 -59.95 -0.28
C GLU C 230 -24.64 -58.51 0.12
N PHE C 231 -24.46 -57.55 -0.81
CA PHE C 231 -24.81 -56.14 -0.54
C PHE C 231 -26.27 -55.94 -0.15
N TRP C 232 -27.18 -56.52 -0.95
CA TRP C 232 -28.64 -56.44 -0.75
C TRP C 232 -29.09 -57.06 0.57
N THR C 233 -28.50 -58.18 0.94
CA THR C 233 -28.80 -58.79 2.25
C THR C 233 -28.36 -57.91 3.44
N ALA C 234 -27.16 -57.32 3.31
CA ALA C 234 -26.58 -56.43 4.32
C ALA C 234 -27.42 -55.19 4.60
N VAL C 235 -28.00 -54.63 3.53
CA VAL C 235 -28.68 -53.38 3.65
C VAL C 235 -30.15 -53.57 3.79
N GLY C 236 -30.64 -54.78 3.56
CA GLY C 236 -32.07 -55.07 3.60
C GLY C 236 -32.84 -54.36 2.50
N SER C 237 -32.42 -54.52 1.26
CA SER C 237 -33.16 -53.94 0.15
C SER C 237 -32.98 -54.80 -1.09
N SER C 238 -33.54 -54.38 -2.22
CA SER C 238 -33.47 -55.14 -3.48
C SER C 238 -33.41 -54.23 -4.70
N PRO C 239 -32.80 -54.68 -5.82
CA PRO C 239 -32.88 -53.84 -6.99
C PRO C 239 -34.32 -53.35 -7.25
N GLU C 240 -35.32 -54.21 -7.01
CA GLU C 240 -36.73 -53.88 -7.24
C GLU C 240 -37.24 -52.71 -6.44
N SER C 241 -36.62 -52.47 -5.30
CA SER C 241 -37.02 -51.33 -4.46
C SER C 241 -36.58 -49.96 -5.03
N PHE C 242 -35.86 -49.96 -6.14
CA PHE C 242 -35.46 -48.71 -6.79
C PHE C 242 -35.77 -48.79 -8.27
N SER C 243 -36.97 -49.24 -8.59
CA SER C 243 -37.33 -49.57 -9.97
C SER C 243 -37.15 -48.41 -10.96
N HIS C 244 -37.22 -47.18 -10.48
CA HIS C 244 -37.07 -46.04 -11.38
C HIS C 244 -35.62 -45.72 -11.85
N LEU C 245 -34.63 -46.37 -11.25
CA LEU C 245 -33.27 -46.10 -11.60
C LEU C 245 -32.90 -46.86 -12.89
N THR C 246 -33.12 -46.19 -14.03
CA THR C 246 -32.80 -46.74 -15.35
C THR C 246 -32.34 -45.58 -16.21
N VAL C 247 -31.51 -45.87 -17.21
CA VAL C 247 -30.99 -44.83 -18.11
C VAL C 247 -32.13 -44.04 -18.75
N MET C 248 -33.14 -44.76 -19.25
CA MET C 248 -34.30 -44.13 -19.88
C MET C 248 -35.10 -43.22 -18.95
N SER C 249 -35.34 -43.68 -17.74
CA SER C 249 -36.06 -42.87 -16.75
C SER C 249 -35.27 -41.64 -16.33
N PHE C 250 -33.98 -41.82 -16.06
CA PHE C 250 -33.06 -40.74 -15.76
C PHE C 250 -33.17 -39.64 -16.80
N ILE C 251 -32.98 -39.99 -18.07
CA ILE C 251 -33.05 -38.97 -19.14
C ILE C 251 -34.41 -38.22 -19.21
N THR C 252 -35.53 -38.95 -19.08
CA THR C 252 -36.82 -38.32 -19.36
C THR C 252 -37.48 -37.71 -18.14
N ASP C 253 -37.29 -38.30 -16.97
CA ASP C 253 -37.92 -37.76 -15.77
C ASP C 253 -37.07 -36.79 -14.99
N ASN C 254 -35.74 -36.87 -15.15
CA ASN C 254 -34.82 -35.93 -14.49
C ASN C 254 -33.98 -35.05 -15.43
N LEU C 255 -33.12 -35.64 -16.25
CA LEU C 255 -32.11 -34.86 -16.91
C LEU C 255 -32.70 -33.77 -17.80
N ILE C 256 -33.63 -34.15 -18.68
CA ILE C 256 -34.29 -33.20 -19.57
C ILE C 256 -34.96 -32.03 -18.84
N PRO C 257 -35.93 -32.28 -17.94
CA PRO C 257 -36.57 -31.12 -17.30
C PRO C 257 -35.60 -30.33 -16.43
N VAL C 258 -34.68 -31.01 -15.74
CA VAL C 258 -33.76 -30.34 -14.80
C VAL C 258 -32.80 -29.43 -15.56
N THR C 259 -32.34 -29.90 -16.73
CA THR C 259 -31.44 -29.10 -17.55
C THR C 259 -32.14 -27.85 -18.08
N ILE C 260 -33.34 -28.03 -18.64
CA ILE C 260 -34.15 -26.90 -19.02
C ILE C 260 -34.15 -25.94 -17.81
N GLY C 261 -34.48 -26.46 -16.64
CA GLY C 261 -34.60 -25.61 -15.44
C GLY C 261 -33.34 -24.80 -15.10
N ASN C 262 -32.20 -25.50 -15.15
CA ASN C 262 -30.91 -24.92 -14.94
C ASN C 262 -30.61 -23.75 -15.88
N ILE C 263 -30.95 -23.90 -17.17
CA ILE C 263 -30.77 -22.81 -18.16
C ILE C 263 -31.67 -21.60 -17.84
N ILE C 264 -32.97 -21.82 -17.63
CA ILE C 264 -33.81 -20.73 -17.17
C ILE C 264 -33.14 -20.07 -15.94
N GLY C 265 -32.66 -20.89 -15.00
CA GLY C 265 -32.23 -20.41 -13.70
C GLY C 265 -30.93 -19.62 -13.61
N GLY C 266 -29.96 -19.94 -14.46
CA GLY C 266 -28.68 -19.20 -14.52
C GLY C 266 -28.59 -18.01 -15.49
N GLY C 267 -29.41 -18.01 -16.57
CA GLY C 267 -29.61 -16.85 -17.53
C GLY C 267 -30.48 -15.73 -16.94
N LEU C 268 -31.30 -16.11 -15.96
CA LEU C 268 -32.09 -15.21 -15.11
C LEU C 268 -31.23 -14.13 -14.45
N LEU C 269 -30.07 -14.52 -13.91
CA LEU C 269 -29.17 -13.60 -13.20
C LEU C 269 -28.70 -12.45 -14.10
N VAL C 270 -28.58 -12.73 -15.39
CA VAL C 270 -28.18 -11.73 -16.33
C VAL C 270 -29.37 -10.97 -16.91
N GLY C 271 -30.40 -11.69 -17.35
CA GLY C 271 -31.59 -11.08 -17.96
C GLY C 271 -32.21 -10.13 -16.97
N LEU C 272 -31.31 -9.55 -16.15
CA LEU C 272 -31.57 -9.04 -14.80
C LEU C 272 -30.45 -8.14 -14.29
N THR C 273 -29.21 -8.44 -14.66
CA THR C 273 -28.13 -7.45 -14.50
C THR C 273 -28.49 -6.33 -15.46
N TYR C 274 -29.04 -6.73 -16.61
CA TYR C 274 -29.56 -5.82 -17.62
C TYR C 274 -30.73 -4.91 -17.17
N TRP C 275 -31.83 -5.46 -16.65
CA TRP C 275 -32.93 -4.60 -16.17
C TRP C 275 -32.34 -3.58 -15.17
N VAL C 276 -31.05 -3.72 -14.85
CA VAL C 276 -30.32 -2.77 -13.96
C VAL C 276 -29.06 -2.07 -14.63
N ILE C 277 -28.83 -2.27 -15.94
CA ILE C 277 -27.83 -1.53 -16.74
C ILE C 277 -28.43 -0.55 -17.75
N TYR C 278 -29.19 -1.05 -18.73
CA TYR C 278 -29.70 -0.28 -19.90
C TYR C 278 -29.43 1.25 -19.94
N LEU C 279 -28.15 1.61 -20.11
CA LEU C 279 -27.62 3.00 -20.14
C LEU C 279 -28.13 3.96 -19.05
N ALA D 14 -3.63 -4.80 -11.21
CA ALA D 14 -3.83 -5.11 -9.79
C ALA D 14 -4.89 -6.19 -9.54
N MET D 15 -5.85 -5.84 -8.71
CA MET D 15 -6.99 -6.69 -8.40
C MET D 15 -8.20 -5.81 -8.50
N ALA D 16 -8.48 -5.31 -9.69
CA ALA D 16 -9.50 -4.28 -9.81
C ALA D 16 -10.84 -4.74 -9.29
N LYS D 17 -11.31 -5.88 -9.73
CA LYS D 17 -12.64 -6.29 -9.32
C LYS D 17 -13.05 -5.99 -7.86
N VAL D 18 -12.62 -4.87 -7.32
CA VAL D 18 -13.37 -4.10 -6.32
C VAL D 18 -14.09 -2.99 -7.12
N ALA D 19 -14.11 -3.20 -8.44
CA ALA D 19 -15.14 -2.64 -9.30
C ALA D 19 -16.51 -3.30 -9.00
N GLU D 20 -16.53 -4.60 -8.67
CA GLU D 20 -17.78 -5.23 -8.18
C GLU D 20 -18.42 -4.52 -6.97
N GLU D 21 -17.62 -4.19 -5.94
CA GLU D 21 -18.16 -3.60 -4.71
C GLU D 21 -18.50 -2.11 -4.81
N ALA D 22 -17.86 -1.41 -5.75
CA ALA D 22 -18.31 -0.09 -6.19
C ALA D 22 -19.65 -0.25 -6.93
N GLY D 23 -19.74 -1.23 -7.84
CA GLY D 23 -21.00 -1.61 -8.51
C GLY D 23 -22.18 -1.67 -7.54
N VAL D 24 -21.89 -1.77 -6.24
CA VAL D 24 -22.89 -1.59 -5.20
C VAL D 24 -22.86 -0.13 -4.62
N TYR D 25 -23.54 0.14 -3.47
CA TYR D 25 -23.76 1.50 -2.89
C TYR D 25 -25.26 1.87 -2.67
N LYS D 26 -25.65 3.14 -2.93
CA LYS D 26 -27.08 3.65 -3.01
C LYS D 26 -27.53 4.88 -2.14
N ALA D 27 -27.96 5.94 -2.83
CA ALA D 27 -28.79 7.08 -2.30
C ALA D 27 -29.10 8.09 -3.44
N THR D 28 -30.25 8.79 -3.36
CA THR D 28 -30.85 9.57 -4.51
C THR D 28 -30.95 8.80 -5.86
N LYS D 29 -32.17 8.74 -6.43
CA LYS D 29 -32.58 7.61 -7.32
C LYS D 29 -33.26 7.78 -8.75
N HIS D 30 -32.89 6.85 -9.66
CA HIS D 30 -33.80 6.37 -10.70
C HIS D 30 -34.77 5.35 -10.01
N PRO D 31 -36.10 5.61 -10.04
CA PRO D 31 -37.14 4.78 -9.38
C PRO D 31 -37.31 3.31 -9.78
N LEU D 32 -37.21 2.94 -11.05
CA LEU D 32 -37.51 1.55 -11.43
C LEU D 32 -36.33 0.61 -11.23
N LYS D 33 -35.13 1.20 -11.25
CA LYS D 33 -33.87 0.51 -10.94
C LYS D 33 -33.75 0.27 -9.42
N THR D 34 -34.41 1.09 -8.63
CA THR D 34 -34.54 0.88 -7.20
C THR D 34 -35.54 -0.25 -6.91
N PHE D 35 -36.59 -0.31 -7.72
CA PHE D 35 -37.60 -1.32 -7.64
C PHE D 35 -36.99 -2.71 -7.97
N TYR D 36 -36.11 -2.81 -8.96
CA TYR D 36 -35.45 -4.11 -9.26
C TYR D 36 -34.44 -4.64 -8.24
N LEU D 37 -33.62 -3.78 -7.68
CA LEU D 37 -32.80 -4.19 -6.58
C LEU D 37 -33.63 -4.56 -5.36
N ALA D 38 -34.84 -4.03 -5.26
CA ALA D 38 -35.68 -4.36 -4.11
C ALA D 38 -36.34 -5.74 -4.29
N ILE D 39 -36.84 -6.00 -5.49
CA ILE D 39 -37.28 -7.36 -5.87
C ILE D 39 -36.18 -8.38 -5.54
N THR D 40 -34.98 -8.10 -6.04
CA THR D 40 -33.77 -8.85 -5.71
C THR D 40 -33.63 -9.13 -4.20
N ALA D 41 -33.70 -8.08 -3.38
CA ALA D 41 -33.61 -8.28 -1.95
C ALA D 41 -34.74 -9.18 -1.46
N GLY D 42 -35.94 -9.06 -2.01
CA GLY D 42 -37.02 -9.94 -1.56
C GLY D 42 -36.67 -11.41 -1.82
N VAL D 43 -36.03 -11.64 -2.97
CA VAL D 43 -35.69 -12.97 -3.39
C VAL D 43 -34.61 -13.53 -2.44
N PHE D 44 -33.68 -12.64 -2.05
CA PHE D 44 -32.57 -13.03 -1.18
C PHE D 44 -33.07 -13.39 0.23
N ILE D 45 -33.93 -12.55 0.80
CA ILE D 45 -34.41 -12.87 2.11
C ILE D 45 -35.25 -14.15 2.11
N SER D 46 -36.01 -14.38 1.04
CA SER D 46 -36.86 -15.57 1.01
C SER D 46 -35.96 -16.79 0.99
N ILE D 47 -34.85 -16.71 0.21
CA ILE D 47 -33.78 -17.72 0.19
C ILE D 47 -33.31 -18.00 1.64
N ALA D 48 -32.88 -16.96 2.34
CA ALA D 48 -32.60 -17.08 3.75
C ALA D 48 -33.64 -17.97 4.44
N PHE D 49 -34.93 -17.69 4.23
CA PHE D 49 -35.91 -18.34 5.09
C PHE D 49 -36.11 -19.75 4.62
N VAL D 50 -36.07 -19.95 3.32
CA VAL D 50 -36.02 -21.32 2.78
C VAL D 50 -34.89 -22.14 3.45
N PHE D 51 -33.67 -21.57 3.43
CA PHE D 51 -32.52 -22.17 4.11
C PHE D 51 -32.86 -22.56 5.53
N TYR D 52 -33.41 -21.62 6.29
CA TYR D 52 -33.73 -21.88 7.68
C TYR D 52 -34.67 -23.08 7.87
N ILE D 53 -35.67 -23.14 6.99
CA ILE D 53 -36.69 -24.18 7.08
C ILE D 53 -36.04 -25.48 6.67
N THR D 54 -35.11 -25.45 5.72
CA THR D 54 -34.41 -26.68 5.39
C THR D 54 -33.65 -27.19 6.63
N ALA D 55 -32.73 -26.37 7.12
CA ALA D 55 -31.87 -26.73 8.24
C ALA D 55 -32.62 -27.26 9.45
N THR D 56 -33.75 -26.67 9.78
CA THR D 56 -34.47 -27.03 11.01
C THR D 56 -35.57 -28.08 10.82
N THR D 57 -35.78 -28.56 9.59
CA THR D 57 -36.81 -29.57 9.39
C THR D 57 -36.43 -30.86 10.10
N GLY D 58 -37.37 -31.43 10.84
CA GLY D 58 -37.08 -32.62 11.62
C GLY D 58 -36.31 -32.38 12.92
N THR D 59 -36.24 -31.13 13.38
CA THR D 59 -35.40 -30.82 14.57
C THR D 59 -36.19 -30.72 15.87
N GLY D 60 -37.44 -31.23 15.81
CA GLY D 60 -38.36 -31.34 16.93
C GLY D 60 -37.76 -31.88 18.21
N ALA D 61 -36.87 -32.88 18.10
CA ALA D 61 -36.26 -33.52 19.29
C ALA D 61 -34.97 -32.86 19.78
N MET D 62 -34.38 -31.99 18.98
CA MET D 62 -33.10 -31.36 19.32
C MET D 62 -33.38 -30.35 20.38
N PRO D 63 -32.36 -29.96 21.17
CA PRO D 63 -32.63 -28.82 22.09
C PRO D 63 -33.01 -27.56 21.33
N TYR D 64 -34.07 -26.91 21.84
CA TYR D 64 -34.72 -25.77 21.21
C TYR D 64 -33.70 -24.78 20.66
N GLY D 65 -32.93 -24.18 21.56
CA GLY D 65 -31.94 -23.16 21.23
C GLY D 65 -30.93 -23.59 20.17
N MET D 66 -30.53 -24.88 20.18
CA MET D 66 -29.49 -25.35 19.25
C MET D 66 -30.00 -25.40 17.80
N ALA D 67 -31.16 -26.03 17.60
CA ALA D 67 -31.86 -25.97 16.32
C ALA D 67 -32.09 -24.56 15.83
N LYS D 68 -32.53 -23.67 16.72
CA LYS D 68 -32.83 -22.27 16.35
C LYS D 68 -31.54 -21.57 15.90
N LEU D 69 -30.48 -21.72 16.72
CA LEU D 69 -29.20 -21.11 16.41
C LEU D 69 -28.75 -21.57 15.00
N ILE D 70 -28.74 -22.88 14.73
CA ILE D 70 -28.22 -23.35 13.43
C ILE D 70 -29.04 -22.76 12.25
N GLY D 71 -30.37 -22.79 12.39
CA GLY D 71 -31.28 -22.12 11.48
C GLY D 71 -30.89 -20.67 11.25
N GLY D 72 -30.51 -19.99 12.35
CA GLY D 72 -30.11 -18.55 12.30
C GLY D 72 -28.82 -18.34 11.53
N ILE D 73 -27.83 -19.20 11.74
CA ILE D 73 -26.60 -19.13 10.95
C ILE D 73 -26.91 -19.27 9.44
N CYS D 74 -27.74 -20.26 9.10
CA CYS D 74 -28.13 -20.46 7.69
C CYS D 74 -28.79 -19.19 7.11
N PHE D 75 -29.67 -18.60 7.91
CA PHE D 75 -30.47 -17.48 7.44
C PHE D 75 -29.58 -16.36 6.89
N SER D 76 -28.42 -16.19 7.51
CA SER D 76 -27.58 -15.01 7.27
C SER D 76 -27.10 -14.99 5.82
N LEU D 77 -27.24 -16.10 5.11
CA LEU D 77 -27.07 -16.12 3.65
C LEU D 77 -27.79 -14.95 3.03
N GLY D 78 -29.04 -14.72 3.43
CA GLY D 78 -29.85 -13.70 2.78
C GLY D 78 -29.15 -12.33 2.80
N LEU D 79 -28.70 -11.95 3.98
CA LEU D 79 -28.24 -10.62 4.18
C LEU D 79 -26.90 -10.53 3.48
N ILE D 80 -26.13 -11.63 3.54
CA ILE D 80 -24.84 -11.73 2.85
C ILE D 80 -25.07 -11.51 1.36
N LEU D 81 -26.11 -12.12 0.82
CA LEU D 81 -26.44 -11.99 -0.57
C LEU D 81 -26.80 -10.52 -0.90
N CYS D 82 -27.59 -9.86 -0.04
CA CYS D 82 -27.98 -8.45 -0.17
C CYS D 82 -26.80 -7.51 -0.18
N VAL D 83 -25.92 -7.62 0.81
CA VAL D 83 -24.82 -6.70 0.95
C VAL D 83 -23.77 -6.92 -0.17
N ILE D 84 -23.31 -8.15 -0.34
CA ILE D 84 -22.27 -8.39 -1.34
C ILE D 84 -22.75 -8.14 -2.73
N CYS D 85 -24.05 -8.36 -3.02
CA CYS D 85 -24.65 -8.10 -4.37
C CYS D 85 -25.20 -6.67 -4.54
N GLY D 86 -25.30 -5.94 -3.42
CA GLY D 86 -25.95 -4.63 -3.43
C GLY D 86 -27.42 -4.61 -3.77
N ALA D 87 -28.17 -5.58 -3.27
CA ALA D 87 -29.61 -5.53 -3.36
C ALA D 87 -30.18 -4.54 -2.32
N ASP D 88 -31.44 -4.10 -2.52
CA ASP D 88 -32.11 -3.10 -1.64
C ASP D 88 -33.11 -3.61 -0.61
N LEU D 89 -32.67 -3.76 0.65
CA LEU D 89 -33.53 -4.32 1.69
C LEU D 89 -34.10 -3.23 2.59
N PHE D 90 -35.43 -3.22 2.73
CA PHE D 90 -36.19 -2.22 3.51
C PHE D 90 -35.58 -1.83 4.85
N THR D 91 -35.18 -0.55 4.94
CA THR D 91 -34.61 0.09 6.14
C THR D 91 -33.41 -0.66 6.73
N SER D 92 -32.56 -1.25 5.88
CA SER D 92 -31.46 -2.06 6.37
C SER D 92 -30.14 -1.30 6.37
N THR D 93 -29.96 -0.41 5.39
CA THR D 93 -28.80 0.48 5.35
C THR D 93 -29.05 1.85 6.03
N VAL D 94 -30.03 1.93 6.92
CA VAL D 94 -30.26 3.17 7.67
C VAL D 94 -29.01 3.82 8.26
N LEU D 95 -28.26 3.08 9.09
CA LEU D 95 -27.16 3.66 9.85
C LEU D 95 -26.13 4.28 8.88
N ILE D 96 -25.83 3.49 7.86
CA ILE D 96 -25.07 3.85 6.68
C ILE D 96 -25.48 5.15 6.02
N VAL D 97 -26.79 5.29 5.83
CA VAL D 97 -27.42 6.46 5.22
C VAL D 97 -27.31 7.70 6.10
N VAL D 98 -26.64 7.60 7.24
CA VAL D 98 -25.93 8.79 7.76
C VAL D 98 -24.39 8.57 7.56
N ALA D 99 -23.88 9.07 6.42
CA ALA D 99 -22.47 8.92 6.00
C ALA D 99 -21.98 10.25 5.45
N ARG D 104 -32.48 14.81 0.93
CA ARG D 104 -31.57 15.34 1.94
C ARG D 104 -32.24 15.33 3.33
N ILE D 105 -32.88 14.19 3.64
CA ILE D 105 -33.55 13.82 4.93
C ILE D 105 -35.11 13.92 4.95
N THR D 106 -35.67 14.56 3.92
CA THR D 106 -37.12 14.88 3.79
C THR D 106 -38.11 13.73 4.06
N TRP D 107 -39.32 14.09 4.53
CA TRP D 107 -40.41 13.14 4.89
C TRP D 107 -41.54 12.96 3.84
N GLY D 108 -41.13 12.96 2.56
CA GLY D 108 -41.99 12.72 1.39
C GLY D 108 -41.11 12.41 0.18
N GLN D 109 -39.80 12.21 0.47
CA GLN D 109 -38.75 11.92 -0.50
C GLN D 109 -37.97 10.64 -0.10
N LEU D 110 -37.39 10.65 1.11
CA LEU D 110 -36.88 9.44 1.77
C LEU D 110 -38.04 8.43 2.03
N ALA D 111 -39.21 8.96 2.36
CA ALA D 111 -40.40 8.13 2.45
C ALA D 111 -40.88 7.62 1.09
N LYS D 112 -40.61 8.36 0.01
CA LYS D 112 -41.09 7.98 -1.32
C LYS D 112 -40.45 6.68 -1.84
N ASN D 113 -39.18 6.47 -1.50
CA ASN D 113 -38.46 5.26 -1.91
C ASN D 113 -38.57 4.10 -0.89
N TRP D 114 -38.83 4.45 0.38
CA TRP D 114 -39.19 3.44 1.37
C TRP D 114 -40.36 2.63 0.86
N LEU D 115 -41.39 3.33 0.42
CA LEU D 115 -42.54 2.67 -0.17
C LEU D 115 -42.09 1.89 -1.39
N ASN D 116 -41.16 2.44 -2.16
CA ASN D 116 -40.77 1.83 -3.42
C ASN D 116 -40.04 0.53 -3.12
N VAL D 117 -39.19 0.57 -2.10
CA VAL D 117 -38.37 -0.57 -1.72
C VAL D 117 -39.29 -1.59 -1.07
N TYR D 118 -40.05 -1.16 -0.07
CA TYR D 118 -41.03 -1.99 0.58
C TYR D 118 -41.83 -2.80 -0.44
N PHE D 119 -42.39 -2.16 -1.48
CA PHE D 119 -43.30 -2.84 -2.42
C PHE D 119 -42.51 -3.80 -3.31
N GLY D 120 -41.29 -3.40 -3.61
CA GLY D 120 -40.32 -4.21 -4.34
C GLY D 120 -39.92 -5.45 -3.54
N ASN D 121 -39.68 -5.26 -2.24
CA ASN D 121 -39.39 -6.39 -1.40
C ASN D 121 -40.56 -7.40 -1.49
N LEU D 122 -41.78 -6.93 -1.25
CA LEU D 122 -42.96 -7.80 -1.38
C LEU D 122 -43.03 -8.59 -2.72
N ILE D 123 -42.73 -7.95 -3.83
CA ILE D 123 -42.89 -8.68 -5.09
C ILE D 123 -41.91 -9.86 -5.22
N GLY D 124 -40.66 -9.61 -4.82
CA GLY D 124 -39.58 -10.63 -4.73
C GLY D 124 -40.01 -11.77 -3.82
N ALA D 125 -40.41 -11.45 -2.61
CA ALA D 125 -40.90 -12.45 -1.70
C ALA D 125 -41.94 -13.33 -2.38
N LEU D 126 -43.00 -12.73 -2.93
CA LEU D 126 -44.17 -13.47 -3.49
C LEU D 126 -43.79 -14.23 -4.79
N LEU D 127 -42.90 -13.67 -5.58
CA LEU D 127 -42.35 -14.47 -6.68
C LEU D 127 -41.63 -15.72 -6.14
N PHE D 128 -40.81 -15.55 -5.08
CA PHE D 128 -40.21 -16.71 -4.47
C PHE D 128 -41.26 -17.70 -3.89
N VAL D 129 -42.34 -17.19 -3.26
CA VAL D 129 -43.45 -18.07 -2.81
C VAL D 129 -44.02 -18.91 -3.94
N LEU D 130 -44.31 -18.27 -5.07
CA LEU D 130 -44.80 -19.00 -6.25
C LEU D 130 -43.81 -20.06 -6.69
N LEU D 131 -42.54 -19.68 -6.79
CA LEU D 131 -41.55 -20.63 -7.28
C LEU D 131 -41.31 -21.80 -6.30
N MET D 132 -41.31 -21.52 -5.01
CA MET D 132 -41.16 -22.61 -4.06
C MET D 132 -42.35 -23.57 -4.19
N TRP D 133 -43.55 -23.01 -4.42
CA TRP D 133 -44.77 -23.82 -4.45
C TRP D 133 -44.74 -24.69 -5.71
N LEU D 134 -44.34 -24.11 -6.80
CA LEU D 134 -44.28 -24.90 -8.00
C LEU D 134 -43.26 -26.03 -7.87
N SER D 135 -42.37 -25.90 -6.89
CA SER D 135 -41.24 -26.79 -6.81
C SER D 135 -41.64 -28.09 -6.14
N GLY D 136 -42.67 -28.06 -5.30
CA GLY D 136 -43.07 -29.28 -4.62
C GLY D 136 -42.41 -29.43 -3.26
N GLU D 137 -41.49 -28.50 -2.97
CA GLU D 137 -40.71 -28.51 -1.73
C GLU D 137 -41.45 -28.91 -0.48
N TYR D 138 -42.67 -28.39 -0.27
CA TYR D 138 -43.48 -28.69 0.92
C TYR D 138 -43.65 -30.17 1.23
N MET D 139 -43.52 -31.05 0.21
CA MET D 139 -43.67 -32.50 0.40
C MET D 139 -42.40 -33.17 0.95
N THR D 140 -41.29 -32.41 0.92
CA THR D 140 -39.99 -32.87 1.42
C THR D 140 -40.06 -33.38 2.84
N ALA D 141 -39.30 -34.45 3.09
CA ALA D 141 -39.18 -35.07 4.41
C ALA D 141 -40.54 -35.62 4.91
N ASN D 142 -41.25 -36.27 4.00
CA ASN D 142 -42.56 -36.82 4.27
C ASN D 142 -43.51 -35.74 4.80
N GLY D 143 -43.38 -34.56 4.17
CA GLY D 143 -44.23 -33.39 4.45
C GLY D 143 -43.80 -32.53 5.60
N GLN D 144 -42.73 -32.95 6.27
CA GLN D 144 -42.26 -32.21 7.42
C GLN D 144 -41.71 -30.81 7.04
N TRP D 145 -41.17 -30.66 5.85
CA TRP D 145 -40.76 -29.35 5.38
C TRP D 145 -41.94 -28.37 5.40
N GLY D 146 -43.06 -28.75 4.78
CA GLY D 146 -44.26 -27.92 4.69
C GLY D 146 -44.84 -27.60 6.05
N LEU D 147 -44.99 -28.64 6.88
CA LEU D 147 -45.39 -28.53 8.29
C LEU D 147 -44.47 -27.58 9.10
N ASN D 148 -43.16 -27.66 8.80
CA ASN D 148 -42.22 -26.70 9.36
C ASN D 148 -42.64 -25.29 9.01
N VAL D 149 -42.89 -25.01 7.72
CA VAL D 149 -43.38 -23.69 7.25
C VAL D 149 -44.68 -23.24 7.90
N LEU D 150 -45.64 -24.16 7.98
CA LEU D 150 -46.91 -23.88 8.62
C LEU D 150 -46.69 -23.42 10.07
N GLN D 151 -45.86 -24.17 10.82
CA GLN D 151 -45.69 -23.91 12.24
C GLN D 151 -44.86 -22.67 12.48
N THR D 152 -43.87 -22.47 11.62
CA THR D 152 -43.05 -21.26 11.72
C THR D 152 -43.88 -19.99 11.56
N ALA D 153 -44.77 -19.99 10.57
CA ALA D 153 -45.65 -18.86 10.28
C ALA D 153 -46.72 -18.67 11.33
N ASP D 154 -47.30 -19.76 11.80
CA ASP D 154 -48.38 -19.65 12.75
C ASP D 154 -47.85 -19.05 14.08
N HIS D 155 -46.61 -19.42 14.46
CA HIS D 155 -45.93 -18.84 15.64
C HIS D 155 -45.69 -17.33 15.53
N LYS D 156 -45.75 -16.77 14.32
CA LYS D 156 -45.63 -15.32 14.18
C LYS D 156 -46.99 -14.63 14.13
N MET D 157 -48.07 -15.38 14.33
CA MET D 157 -49.45 -14.85 14.18
C MET D 157 -50.20 -14.61 15.49
N HIS D 158 -49.60 -14.92 16.64
CA HIS D 158 -50.29 -14.79 17.93
C HIS D 158 -49.72 -13.72 18.86
N HIS D 159 -49.09 -12.67 18.36
CA HIS D 159 -48.57 -11.64 19.25
C HIS D 159 -49.59 -10.53 19.52
N THR D 160 -49.65 -10.03 20.73
CA THR D 160 -50.38 -8.80 20.93
C THR D 160 -49.65 -7.71 20.15
N PHE D 161 -50.37 -6.63 19.79
CA PHE D 161 -49.83 -5.57 18.95
C PHE D 161 -48.48 -5.05 19.48
N ILE D 162 -48.44 -4.73 20.79
CA ILE D 162 -47.18 -4.28 21.45
C ILE D 162 -46.03 -5.32 21.31
N GLU D 163 -46.33 -6.61 21.52
CA GLU D 163 -45.29 -7.64 21.32
C GLU D 163 -44.71 -7.58 19.90
N ALA D 164 -45.58 -7.58 18.89
CA ALA D 164 -45.16 -7.56 17.50
C ALA D 164 -44.29 -6.32 17.21
N VAL D 165 -44.70 -5.14 17.66
CA VAL D 165 -43.90 -3.94 17.41
C VAL D 165 -42.48 -4.17 17.96
N CYS D 166 -42.44 -4.71 19.17
CA CYS D 166 -41.18 -4.88 19.90
C CYS D 166 -40.30 -5.95 19.28
N LEU D 167 -40.88 -7.08 18.89
CA LEU D 167 -40.13 -8.05 18.12
C LEU D 167 -39.62 -7.43 16.83
N GLY D 168 -40.36 -6.43 16.32
CA GLY D 168 -39.97 -5.68 15.14
C GLY D 168 -38.78 -4.79 15.35
N ILE D 169 -38.80 -4.02 16.43
CA ILE D 169 -37.66 -3.17 16.83
C ILE D 169 -36.40 -4.06 17.01
N LEU D 170 -36.56 -5.09 17.86
CA LEU D 170 -35.49 -6.06 18.11
C LEU D 170 -34.85 -6.58 16.82
N ALA D 171 -35.68 -7.11 15.92
CA ALA D 171 -35.15 -7.65 14.66
C ALA D 171 -34.39 -6.62 13.86
N ASN D 172 -34.94 -5.42 13.67
CA ASN D 172 -34.28 -4.50 12.72
C ASN D 172 -33.04 -3.86 13.31
N LEU D 173 -33.06 -3.65 14.64
CA LEU D 173 -31.87 -3.27 15.39
C LEU D 173 -30.70 -4.14 15.01
N MET D 174 -30.90 -5.48 15.01
CA MET D 174 -29.85 -6.46 14.61
C MET D 174 -29.39 -6.34 13.17
N VAL D 175 -30.32 -6.35 12.23
CA VAL D 175 -30.06 -6.20 10.80
C VAL D 175 -29.31 -4.92 10.46
N CYS D 176 -29.76 -3.80 11.02
CA CYS D 176 -29.03 -2.55 10.84
C CYS D 176 -27.58 -2.61 11.36
N LEU D 177 -27.39 -3.05 12.63
CA LEU D 177 -26.06 -3.26 13.21
C LEU D 177 -25.15 -4.18 12.35
N ALA D 178 -25.75 -5.24 11.79
CA ALA D 178 -25.02 -6.17 10.92
C ALA D 178 -24.48 -5.47 9.68
N VAL D 179 -25.33 -4.58 9.13
CA VAL D 179 -25.03 -3.95 7.87
C VAL D 179 -24.02 -2.88 8.15
N TRP D 180 -24.22 -2.19 9.26
CA TRP D 180 -23.28 -1.18 9.70
C TRP D 180 -21.92 -1.79 9.86
N MET D 181 -21.77 -2.86 10.63
CA MET D 181 -20.46 -3.48 10.85
C MET D 181 -19.81 -3.86 9.54
N SER D 182 -20.63 -4.33 8.60
CA SER D 182 -20.17 -4.76 7.29
C SER D 182 -19.41 -3.67 6.54
N TYR D 183 -19.73 -2.44 6.86
CA TYR D 183 -19.05 -1.31 6.31
C TYR D 183 -17.54 -1.21 6.63
N SER D 184 -17.13 -1.39 7.88
CA SER D 184 -15.73 -1.53 8.27
C SER D 184 -15.06 -2.64 7.45
N GLY D 185 -15.87 -3.49 6.83
CA GLY D 185 -15.35 -4.67 6.16
C GLY D 185 -14.50 -4.35 4.97
N ARG D 186 -13.34 -4.94 4.89
CA ARG D 186 -12.46 -4.68 3.76
C ARG D 186 -12.58 -5.86 2.78
N SER D 187 -12.53 -7.10 3.28
CA SER D 187 -12.64 -8.30 2.44
C SER D 187 -14.06 -8.85 2.34
N LEU D 188 -14.23 -9.85 1.48
CA LEU D 188 -15.48 -10.54 1.31
C LEU D 188 -15.72 -11.33 2.59
N MET D 189 -14.62 -11.81 3.16
CA MET D 189 -14.62 -12.52 4.43
C MET D 189 -15.09 -11.62 5.57
N ASP D 190 -14.54 -10.41 5.63
CA ASP D 190 -14.94 -9.42 6.62
C ASP D 190 -16.42 -9.10 6.50
N LYS D 191 -16.86 -8.83 5.28
CA LYS D 191 -18.20 -8.32 5.07
C LYS D 191 -19.25 -9.42 5.31
N ALA D 192 -18.93 -10.63 4.86
CA ALA D 192 -19.91 -11.70 4.96
C ALA D 192 -19.98 -12.18 6.38
N PHE D 193 -18.82 -12.53 6.93
CA PHE D 193 -18.75 -13.17 8.24
C PHE D 193 -19.08 -12.32 9.50
N ILE D 194 -18.92 -11.00 9.43
CA ILE D 194 -19.28 -10.14 10.55
C ILE D 194 -20.81 -10.04 10.78
N MET D 195 -21.60 -10.53 9.83
CA MET D 195 -23.05 -10.47 9.89
C MET D 195 -23.68 -11.77 10.42
N VAL D 196 -22.92 -12.87 10.35
CA VAL D 196 -23.43 -14.18 10.83
C VAL D 196 -23.93 -14.18 12.29
N LEU D 197 -23.14 -13.66 13.24
CA LEU D 197 -23.58 -13.57 14.65
C LEU D 197 -24.84 -12.70 14.89
N PRO D 198 -24.81 -11.41 14.45
CA PRO D 198 -26.04 -10.58 14.65
C PRO D 198 -27.28 -11.11 13.95
N VAL D 199 -27.16 -11.64 12.74
CA VAL D 199 -28.36 -12.16 12.07
C VAL D 199 -28.87 -13.44 12.75
N ALA D 200 -27.94 -14.33 13.11
CA ALA D 200 -28.27 -15.58 13.78
C ALA D 200 -29.03 -15.27 15.08
N MET D 201 -28.48 -14.36 15.86
CA MET D 201 -29.14 -13.92 17.07
C MET D 201 -30.63 -13.61 16.81
N PHE D 202 -30.95 -12.75 15.83
CA PHE D 202 -32.37 -12.28 15.72
C PHE D 202 -33.29 -13.36 15.16
N VAL D 203 -32.76 -14.15 14.23
CA VAL D 203 -33.59 -15.20 13.77
C VAL D 203 -33.82 -16.21 14.91
N ALA D 204 -32.76 -16.68 15.56
CA ALA D 204 -32.92 -17.75 16.52
C ALA D 204 -33.75 -17.33 17.74
N SER D 205 -33.64 -16.04 18.13
CA SER D 205 -34.50 -15.47 19.22
C SER D 205 -35.94 -15.20 18.79
N GLY D 206 -36.28 -15.40 17.51
CA GLY D 206 -37.64 -15.16 17.04
C GLY D 206 -38.08 -13.69 17.02
N PHE D 207 -37.14 -12.79 16.78
CA PHE D 207 -37.50 -11.41 16.50
C PHE D 207 -38.19 -11.35 15.13
N GLU D 208 -38.80 -10.21 14.77
CA GLU D 208 -39.71 -10.20 13.59
C GLU D 208 -39.31 -9.22 12.51
N HIS D 209 -38.87 -9.75 11.37
CA HIS D 209 -38.50 -8.92 10.23
C HIS D 209 -39.59 -8.97 9.13
N SER D 210 -40.08 -7.79 8.74
CA SER D 210 -41.29 -7.67 7.93
C SER D 210 -41.14 -8.36 6.57
N ILE D 211 -40.01 -8.09 5.93
CA ILE D 211 -39.72 -8.60 4.59
C ILE D 211 -39.59 -10.10 4.63
N ALA D 212 -38.85 -10.62 5.61
CA ALA D 212 -38.75 -12.06 5.79
C ALA D 212 -40.17 -12.63 5.97
N ASN D 213 -41.01 -11.92 6.72
CA ASN D 213 -42.38 -12.31 6.89
C ASN D 213 -43.17 -12.37 5.58
N MET D 214 -42.92 -11.42 4.69
CA MET D 214 -43.57 -11.46 3.38
C MET D 214 -43.23 -12.74 2.59
N PHE D 215 -42.17 -13.46 2.99
CA PHE D 215 -42.05 -14.80 2.45
C PHE D 215 -42.78 -15.82 3.34
N MET D 216 -42.41 -15.87 4.61
CA MET D 216 -42.85 -16.95 5.46
C MET D 216 -44.36 -17.12 5.53
N ILE D 217 -45.07 -16.02 5.77
CA ILE D 217 -46.49 -16.18 6.08
C ILE D 217 -47.32 -16.51 4.81
N PRO D 218 -47.15 -15.71 3.72
CA PRO D 218 -47.72 -16.14 2.45
C PRO D 218 -47.41 -17.61 2.10
N MET D 219 -46.18 -18.07 2.41
CA MET D 219 -45.79 -19.45 2.18
C MET D 219 -46.70 -20.38 2.96
N GLY D 220 -46.94 -20.03 4.22
CA GLY D 220 -47.81 -20.81 5.08
C GLY D 220 -49.21 -20.79 4.52
N ILE D 221 -49.73 -19.59 4.20
CA ILE D 221 -51.07 -19.48 3.62
C ILE D 221 -51.21 -20.43 2.42
N VAL D 222 -50.34 -20.26 1.41
CA VAL D 222 -50.36 -21.13 0.21
C VAL D 222 -50.39 -22.63 0.52
N ILE D 223 -49.60 -23.05 1.53
CA ILE D 223 -49.57 -24.46 1.93
C ILE D 223 -50.91 -24.82 2.55
N ARG D 224 -51.35 -24.03 3.54
CA ARG D 224 -52.61 -24.28 4.23
C ARG D 224 -53.76 -24.47 3.26
N ASP D 225 -53.76 -23.71 2.17
CA ASP D 225 -54.87 -23.62 1.22
C ASP D 225 -54.80 -24.60 0.08
N PHE D 226 -53.59 -24.90 -0.36
CA PHE D 226 -53.49 -25.74 -1.54
C PHE D 226 -52.83 -27.12 -1.34
N ALA D 227 -52.42 -27.45 -0.11
CA ALA D 227 -51.90 -28.78 0.22
C ALA D 227 -52.95 -29.84 -0.10
N THR D 228 -52.49 -30.98 -0.59
CA THR D 228 -53.33 -32.14 -0.86
C THR D 228 -53.78 -32.90 0.42
N PRO D 229 -54.81 -33.76 0.32
CA PRO D 229 -55.24 -34.48 1.51
C PRO D 229 -54.11 -35.35 2.07
N GLU D 230 -53.37 -35.99 1.16
CA GLU D 230 -52.23 -36.86 1.45
C GLU D 230 -51.18 -36.11 2.30
N PHE D 231 -50.97 -34.81 2.05
CA PHE D 231 -50.06 -34.04 2.86
C PHE D 231 -50.54 -33.94 4.33
N TRP D 232 -51.80 -33.53 4.52
CA TRP D 232 -52.36 -33.45 5.88
C TRP D 232 -52.30 -34.76 6.65
N THR D 233 -52.51 -35.88 5.95
CA THR D 233 -52.50 -37.17 6.65
C THR D 233 -51.06 -37.59 7.04
N ALA D 234 -50.10 -37.36 6.13
CA ALA D 234 -48.69 -37.65 6.39
C ALA D 234 -48.15 -36.91 7.64
N VAL D 235 -48.49 -35.62 7.74
CA VAL D 235 -47.97 -34.80 8.79
C VAL D 235 -48.91 -34.82 10.01
N GLY D 236 -50.13 -35.32 9.83
CA GLY D 236 -51.06 -35.49 10.95
C GLY D 236 -51.64 -34.19 11.49
N SER D 237 -52.05 -33.30 10.61
CA SER D 237 -52.66 -32.03 10.95
C SER D 237 -53.78 -31.78 9.93
N SER D 238 -54.38 -30.57 9.93
CA SER D 238 -55.46 -30.27 8.99
C SER D 238 -55.46 -28.77 8.78
N PRO D 239 -56.09 -28.27 7.69
CA PRO D 239 -56.02 -26.82 7.47
C PRO D 239 -56.71 -26.00 8.57
N GLU D 240 -57.56 -26.68 9.34
CA GLU D 240 -58.22 -26.11 10.52
C GLU D 240 -57.29 -25.81 11.67
N SER D 241 -56.17 -26.51 11.72
CA SER D 241 -55.21 -26.28 12.79
C SER D 241 -54.38 -25.02 12.57
N PHE D 242 -54.59 -24.33 11.44
CA PHE D 242 -53.84 -23.10 11.13
C PHE D 242 -54.81 -22.02 10.62
N SER D 243 -55.89 -21.83 11.39
CA SER D 243 -56.94 -20.82 11.06
C SER D 243 -56.48 -19.34 11.01
N HIS D 244 -55.40 -18.97 11.69
CA HIS D 244 -54.89 -17.61 11.59
C HIS D 244 -54.05 -17.32 10.37
N LEU D 245 -53.81 -18.32 9.55
CA LEU D 245 -53.01 -18.11 8.35
C LEU D 245 -53.99 -17.69 7.27
N THR D 246 -54.14 -16.36 7.11
CA THR D 246 -54.99 -15.72 6.06
C THR D 246 -54.39 -14.36 5.70
N VAL D 247 -54.57 -13.89 4.47
CA VAL D 247 -54.05 -12.57 4.06
C VAL D 247 -54.52 -11.41 5.00
N MET D 248 -55.77 -11.44 5.45
CA MET D 248 -56.25 -10.39 6.35
C MET D 248 -55.51 -10.42 7.71
N SER D 249 -55.43 -11.61 8.33
CA SER D 249 -54.73 -11.76 9.61
C SER D 249 -53.23 -11.45 9.46
N PHE D 250 -52.64 -11.89 8.36
CA PHE D 250 -51.27 -11.60 8.13
C PHE D 250 -51.05 -10.09 8.26
N ILE D 251 -51.80 -9.32 7.47
CA ILE D 251 -51.61 -7.86 7.43
C ILE D 251 -51.87 -7.22 8.80
N THR D 252 -52.99 -7.54 9.42
CA THR D 252 -53.36 -6.78 10.63
C THR D 252 -52.62 -7.25 11.86
N ASP D 253 -52.51 -8.55 12.07
CA ASP D 253 -51.84 -9.05 13.28
C ASP D 253 -50.30 -9.10 13.27
N ASN D 254 -49.70 -9.12 12.06
CA ASN D 254 -48.26 -9.22 11.89
C ASN D 254 -47.62 -8.06 11.13
N LEU D 255 -47.92 -7.98 9.84
CA LEU D 255 -47.16 -7.11 8.94
C LEU D 255 -47.21 -5.65 9.32
N ILE D 256 -48.39 -5.16 9.73
CA ILE D 256 -48.51 -3.77 10.18
C ILE D 256 -47.62 -3.49 11.41
N PRO D 257 -47.87 -4.18 12.56
CA PRO D 257 -47.12 -3.87 13.74
C PRO D 257 -45.61 -4.14 13.59
N VAL D 258 -45.28 -5.23 12.91
CA VAL D 258 -43.88 -5.58 12.71
C VAL D 258 -43.18 -4.50 11.93
N THR D 259 -43.80 -4.03 10.82
CA THR D 259 -43.22 -2.97 9.96
C THR D 259 -42.96 -1.66 10.75
N ILE D 260 -43.96 -1.26 11.53
CA ILE D 260 -43.86 -0.11 12.47
C ILE D 260 -42.62 -0.35 13.32
N GLY D 261 -42.61 -1.50 14.01
CA GLY D 261 -41.44 -2.00 14.78
C GLY D 261 -40.12 -1.91 14.03
N ASN D 262 -40.03 -2.51 12.86
CA ASN D 262 -38.78 -2.38 12.14
C ASN D 262 -38.39 -0.91 12.03
N ILE D 263 -39.32 -0.03 11.62
CA ILE D 263 -38.96 1.38 11.40
C ILE D 263 -38.30 1.97 12.66
N ILE D 264 -39.02 1.93 13.78
CA ILE D 264 -38.47 2.39 15.05
C ILE D 264 -37.10 1.72 15.30
N GLY D 265 -37.05 0.40 15.10
CA GLY D 265 -35.82 -0.35 15.33
C GLY D 265 -34.62 0.23 14.62
N GLY D 266 -34.70 0.33 13.30
CA GLY D 266 -33.61 0.86 12.46
C GLY D 266 -33.26 2.32 12.74
N GLY D 267 -34.11 3.01 13.50
CA GLY D 267 -33.88 4.41 13.83
C GLY D 267 -33.63 4.79 15.30
N LEU D 268 -32.94 3.96 16.05
CA LEU D 268 -32.50 4.36 17.40
C LEU D 268 -31.23 5.27 17.38
N LEU D 269 -31.34 6.41 16.66
CA LEU D 269 -30.36 7.55 16.69
C LEU D 269 -30.73 8.51 17.82
N VAL D 270 -29.74 8.97 18.56
CA VAL D 270 -30.06 9.69 19.82
C VAL D 270 -29.31 11.02 20.21
N GLY D 271 -29.96 11.77 21.10
CA GLY D 271 -29.39 12.91 21.83
C GLY D 271 -30.25 13.18 23.07
N LYS E 29 -12.43 16.41 26.41
CA LYS E 29 -13.28 15.26 26.77
C LYS E 29 -14.77 15.68 26.91
N HIS E 30 -15.61 15.17 26.01
CA HIS E 30 -17.04 15.48 26.06
C HIS E 30 -17.89 14.38 26.76
N PRO E 31 -18.37 14.68 28.01
CA PRO E 31 -19.15 13.80 28.90
C PRO E 31 -20.56 13.31 28.49
N LEU E 32 -21.08 13.73 27.34
CA LEU E 32 -22.36 13.17 26.85
C LEU E 32 -22.20 12.30 25.60
N LYS E 33 -21.08 12.43 24.91
CA LYS E 33 -20.62 11.36 24.03
C LYS E 33 -20.45 10.10 24.94
N THR E 34 -19.67 10.25 26.01
CA THR E 34 -19.41 9.18 26.97
C THR E 34 -20.67 8.54 27.56
N PHE E 35 -21.60 9.34 28.05
CA PHE E 35 -22.77 8.75 28.70
C PHE E 35 -23.68 8.02 27.71
N TYR E 36 -23.56 8.36 26.44
CA TYR E 36 -24.45 7.76 25.49
C TYR E 36 -23.79 6.54 24.88
N LEU E 37 -22.51 6.64 24.54
CA LEU E 37 -21.76 5.46 24.20
C LEU E 37 -21.83 4.36 25.31
N ALA E 38 -21.89 4.74 26.58
CA ALA E 38 -22.04 3.77 27.63
C ALA E 38 -23.41 3.06 27.56
N ILE E 39 -24.45 3.80 27.18
CA ILE E 39 -25.81 3.26 27.06
C ILE E 39 -25.82 2.28 25.92
N THR E 40 -25.19 2.69 24.85
CA THR E 40 -24.99 1.83 23.73
C THR E 40 -24.32 0.53 24.15
N ALA E 41 -23.29 0.60 24.97
CA ALA E 41 -22.63 -0.63 25.41
C ALA E 41 -23.55 -1.46 26.25
N GLY E 42 -24.36 -0.86 27.10
CA GLY E 42 -25.27 -1.66 27.94
C GLY E 42 -26.31 -2.40 27.11
N VAL E 43 -26.70 -1.77 26.00
CA VAL E 43 -27.59 -2.39 25.05
C VAL E 43 -26.88 -3.63 24.45
N PHE E 44 -25.65 -3.44 23.95
CA PHE E 44 -24.86 -4.55 23.32
C PHE E 44 -24.66 -5.75 24.27
N ILE E 45 -24.27 -5.48 25.52
CA ILE E 45 -24.06 -6.57 26.43
C ILE E 45 -25.40 -7.27 26.76
N SER E 46 -26.52 -6.54 26.74
CA SER E 46 -27.82 -7.20 26.98
C SER E 46 -28.15 -8.08 25.80
N ILE E 47 -27.74 -7.63 24.61
CA ILE E 47 -27.95 -8.37 23.39
C ILE E 47 -27.21 -9.64 23.57
N ALA E 48 -25.90 -9.55 23.82
CA ALA E 48 -25.06 -10.73 24.14
C ALA E 48 -25.77 -11.74 25.04
N PHE E 49 -26.33 -11.27 26.16
CA PHE E 49 -26.92 -12.20 27.11
C PHE E 49 -28.17 -12.90 26.58
N VAL E 50 -28.96 -12.13 25.81
CA VAL E 50 -30.22 -12.61 25.24
C VAL E 50 -29.87 -13.74 24.30
N PHE E 51 -28.87 -13.50 23.45
CA PHE E 51 -28.40 -14.48 22.46
C PHE E 51 -28.06 -15.81 23.17
N TYR E 52 -27.26 -15.70 24.25
CA TYR E 52 -26.90 -16.78 25.14
C TYR E 52 -28.11 -17.52 25.68
N ILE E 53 -29.14 -16.77 26.13
CA ILE E 53 -30.33 -17.38 26.68
C ILE E 53 -31.05 -18.12 25.58
N THR E 54 -31.15 -17.52 24.40
CA THR E 54 -31.79 -18.14 23.24
C THR E 54 -31.04 -19.44 23.00
N ALA E 55 -29.74 -19.35 22.75
CA ALA E 55 -28.96 -20.55 22.38
C ALA E 55 -29.19 -21.72 23.36
N THR E 56 -29.32 -21.40 24.65
CA THR E 56 -29.18 -22.46 25.66
C THR E 56 -30.53 -22.96 26.14
N THR E 57 -31.57 -22.34 25.62
CA THR E 57 -32.93 -22.74 25.98
C THR E 57 -33.19 -24.19 25.51
N GLY E 58 -33.62 -25.04 26.42
CA GLY E 58 -33.91 -26.40 26.06
C GLY E 58 -32.70 -27.29 26.17
N THR E 59 -31.57 -26.78 26.66
CA THR E 59 -30.31 -27.60 26.55
C THR E 59 -30.00 -28.41 27.81
N GLY E 60 -31.04 -28.69 28.59
CA GLY E 60 -30.88 -29.37 29.87
C GLY E 60 -30.39 -30.78 29.76
N ALA E 61 -30.68 -31.45 28.68
CA ALA E 61 -30.19 -32.82 28.49
C ALA E 61 -28.86 -32.90 27.72
N MET E 62 -28.38 -31.76 27.20
CA MET E 62 -27.08 -31.70 26.56
C MET E 62 -26.01 -31.79 27.63
N PRO E 63 -24.82 -32.35 27.29
CA PRO E 63 -23.72 -32.29 28.24
C PRO E 63 -23.48 -30.83 28.63
N TYR E 64 -23.35 -30.61 29.95
CA TYR E 64 -23.21 -29.29 30.56
C TYR E 64 -22.27 -28.39 29.80
N GLY E 65 -20.98 -28.73 29.77
CA GLY E 65 -19.95 -27.93 29.10
C GLY E 65 -20.23 -27.54 27.64
N MET E 66 -20.81 -28.45 26.88
CA MET E 66 -21.10 -28.20 25.48
C MET E 66 -22.11 -27.07 25.28
N ALA E 67 -23.19 -27.12 26.06
CA ALA E 67 -24.25 -26.10 25.96
C ALA E 67 -23.66 -24.75 26.37
N LYS E 68 -22.90 -24.74 27.46
CA LYS E 68 -22.30 -23.55 27.95
C LYS E 68 -21.32 -22.97 26.97
N LEU E 69 -20.48 -23.82 26.39
CA LEU E 69 -19.55 -23.38 25.35
C LEU E 69 -20.28 -22.74 24.15
N ILE E 70 -21.32 -23.41 23.63
CA ILE E 70 -22.04 -22.79 22.53
C ILE E 70 -22.68 -21.44 22.94
N GLY E 71 -23.29 -21.45 24.12
CA GLY E 71 -23.86 -20.25 24.69
C GLY E 71 -22.82 -19.16 24.72
N GLY E 72 -21.59 -19.50 25.10
CA GLY E 72 -20.49 -18.53 25.24
C GLY E 72 -20.01 -17.93 23.93
N ILE E 73 -19.85 -18.78 22.92
CA ILE E 73 -19.61 -18.26 21.57
C ILE E 73 -20.67 -17.20 21.16
N CYS E 74 -21.96 -17.52 21.34
CA CYS E 74 -23.05 -16.59 21.03
C CYS E 74 -22.88 -15.22 21.71
N PHE E 75 -22.55 -15.28 22.99
CA PHE E 75 -22.37 -14.11 23.79
C PHE E 75 -21.33 -13.19 23.17
N SER E 76 -20.26 -13.75 22.62
CA SER E 76 -19.18 -12.88 22.14
C SER E 76 -19.69 -11.72 21.23
N LEU E 77 -20.91 -11.87 20.67
CA LEU E 77 -21.53 -10.81 19.86
C LEU E 77 -21.37 -9.48 20.52
N GLY E 78 -21.68 -9.44 21.84
CA GLY E 78 -21.80 -8.18 22.59
C GLY E 78 -20.51 -7.42 22.52
N LEU E 79 -19.44 -8.11 22.86
CA LEU E 79 -18.14 -7.48 22.89
C LEU E 79 -17.70 -7.12 21.47
N ILE E 80 -18.07 -7.96 20.48
CA ILE E 80 -17.79 -7.65 19.09
C ILE E 80 -18.48 -6.32 18.70
N LEU E 81 -19.78 -6.26 18.97
CA LEU E 81 -20.57 -5.05 18.84
C LEU E 81 -19.87 -3.83 19.51
N CYS E 82 -19.43 -3.99 20.76
CA CYS E 82 -18.79 -2.90 21.51
C CYS E 82 -17.52 -2.42 20.81
N VAL E 83 -16.66 -3.35 20.44
CA VAL E 83 -15.39 -2.94 19.86
C VAL E 83 -15.55 -2.37 18.45
N ILE E 84 -16.24 -3.07 17.56
CA ILE E 84 -16.34 -2.60 16.17
C ILE E 84 -17.11 -1.27 16.09
N CYS E 85 -18.11 -1.08 16.94
CA CYS E 85 -18.90 0.14 16.90
C CYS E 85 -18.34 1.20 17.81
N GLY E 86 -17.36 0.88 18.62
CA GLY E 86 -16.82 1.87 19.55
C GLY E 86 -17.73 2.36 20.68
N ALA E 87 -18.58 1.47 21.24
CA ALA E 87 -19.33 1.79 22.45
C ALA E 87 -18.36 1.85 23.63
N ASP E 88 -18.89 2.17 24.82
CA ASP E 88 -18.11 2.31 26.04
C ASP E 88 -18.50 1.34 27.12
N LEU E 89 -17.76 0.25 27.23
CA LEU E 89 -18.04 -0.77 28.25
C LEU E 89 -17.14 -0.64 29.50
N PHE E 90 -17.77 -0.54 30.65
CA PHE E 90 -17.10 -0.40 31.95
C PHE E 90 -15.82 -1.24 32.11
N THR E 91 -14.69 -0.55 32.27
CA THR E 91 -13.36 -1.14 32.54
C THR E 91 -12.89 -2.22 31.57
N SER E 92 -13.36 -2.15 30.33
CA SER E 92 -12.57 -2.60 29.19
C SER E 92 -12.99 -1.98 27.89
N THR E 93 -12.00 -1.40 27.20
CA THR E 93 -10.56 -1.38 27.56
C THR E 93 -10.10 -0.76 28.90
N VAL E 94 -8.87 -1.12 29.34
CA VAL E 94 -8.05 -0.40 30.36
C VAL E 94 -6.57 -0.80 30.29
N LEU E 95 -6.31 -2.07 29.94
CA LEU E 95 -4.95 -2.51 29.63
C LEU E 95 -4.31 -1.60 28.58
N ILE E 96 -5.15 -0.94 27.80
CA ILE E 96 -4.77 -0.08 26.67
C ILE E 96 -4.65 1.37 27.09
N VAL E 97 -5.70 1.86 27.74
CA VAL E 97 -5.73 3.17 28.42
C VAL E 97 -4.68 3.24 29.60
N VAL E 98 -3.62 2.45 29.44
CA VAL E 98 -2.38 2.66 30.12
C VAL E 98 -1.28 2.51 29.02
N ALA E 99 -1.36 3.42 28.03
CA ALA E 99 -0.39 3.59 26.92
C ALA E 99 -0.61 4.91 26.14
N GLY E 108 -3.67 7.70 37.84
CA GLY E 108 -4.62 7.08 38.77
C GLY E 108 -5.99 7.76 38.83
N GLN E 109 -6.09 8.93 38.19
CA GLN E 109 -7.33 9.74 38.11
C GLN E 109 -8.52 9.06 37.42
N LEU E 110 -8.31 7.82 36.95
CA LEU E 110 -9.25 7.08 36.07
C LEU E 110 -10.75 7.09 36.41
N ALA E 111 -11.09 6.71 37.65
CA ALA E 111 -12.48 6.67 38.17
C ALA E 111 -13.41 7.80 37.71
N LYS E 112 -12.81 8.85 37.14
CA LYS E 112 -13.51 10.01 36.58
C LYS E 112 -14.90 9.65 36.08
N ASN E 113 -14.91 9.13 34.86
CA ASN E 113 -16.12 8.73 34.17
C ASN E 113 -16.37 7.22 34.29
N TRP E 114 -15.61 6.55 35.15
CA TRP E 114 -15.98 5.21 35.54
C TRP E 114 -17.40 5.22 36.05
N LEU E 115 -17.71 6.17 36.94
CA LEU E 115 -19.07 6.38 37.41
C LEU E 115 -19.98 6.73 36.24
N ASN E 116 -19.51 7.61 35.37
CA ASN E 116 -20.31 7.98 34.21
C ASN E 116 -20.65 6.75 33.33
N VAL E 117 -19.61 6.02 32.88
CA VAL E 117 -19.78 4.81 32.05
C VAL E 117 -20.68 3.82 32.75
N TYR E 118 -20.31 3.48 33.98
CA TYR E 118 -21.05 2.53 34.78
C TYR E 118 -22.56 2.84 34.84
N PHE E 119 -22.91 4.09 35.15
CA PHE E 119 -24.32 4.50 35.18
C PHE E 119 -24.95 4.43 33.77
N GLY E 120 -24.15 4.75 32.77
CA GLY E 120 -24.56 4.62 31.36
C GLY E 120 -24.93 3.18 31.01
N ASN E 121 -23.97 2.27 31.23
CA ASN E 121 -24.15 0.85 31.01
C ASN E 121 -25.47 0.36 31.65
N LEU E 122 -25.72 0.79 32.88
CA LEU E 122 -26.95 0.39 33.59
C LEU E 122 -28.21 0.85 32.82
N ILE E 123 -28.19 2.08 32.32
CA ILE E 123 -29.40 2.55 31.67
C ILE E 123 -29.69 1.70 30.42
N GLY E 124 -28.64 1.43 29.62
CA GLY E 124 -28.74 0.55 28.43
C GLY E 124 -29.28 -0.84 28.76
N ALA E 125 -28.66 -1.49 29.75
CA ALA E 125 -29.14 -2.76 30.25
C ALA E 125 -30.61 -2.73 30.66
N LEU E 126 -30.98 -1.81 31.57
CA LEU E 126 -32.37 -1.63 32.01
C LEU E 126 -33.35 -1.28 30.87
N LEU E 127 -32.92 -0.46 29.88
CA LEU E 127 -33.77 -0.20 28.70
C LEU E 127 -34.07 -1.45 27.92
N PHE E 128 -33.02 -2.27 27.71
CA PHE E 128 -33.18 -3.59 27.10
C PHE E 128 -34.06 -4.55 27.89
N VAL E 129 -34.07 -4.43 29.23
CA VAL E 129 -34.89 -5.28 30.07
C VAL E 129 -36.34 -4.94 29.84
N LEU E 130 -36.61 -3.64 29.71
CA LEU E 130 -37.95 -3.16 29.42
C LEU E 130 -38.40 -3.64 28.02
N LEU E 131 -37.56 -3.42 27.02
CA LEU E 131 -37.85 -3.87 25.67
C LEU E 131 -38.02 -5.39 25.57
N MET E 132 -37.18 -6.17 26.26
CA MET E 132 -37.33 -7.64 26.22
C MET E 132 -38.66 -8.11 26.83
N TRP E 133 -38.99 -7.49 27.97
CA TRP E 133 -40.26 -7.73 28.64
C TRP E 133 -41.44 -7.35 27.76
N LEU E 134 -41.35 -6.23 27.04
CA LEU E 134 -42.50 -5.87 26.20
C LEU E 134 -42.68 -6.85 25.02
N SER E 135 -41.57 -7.50 24.64
CA SER E 135 -41.56 -8.34 23.47
C SER E 135 -42.32 -9.65 23.66
N GLY E 136 -42.63 -10.02 24.90
CA GLY E 136 -43.24 -11.33 25.13
C GLY E 136 -42.30 -12.54 25.04
N GLU E 137 -41.02 -12.30 24.75
CA GLU E 137 -40.04 -13.36 24.67
C GLU E 137 -40.04 -14.39 25.85
N TYR E 138 -40.26 -13.97 27.11
CA TYR E 138 -40.23 -14.95 28.22
C TYR E 138 -41.16 -16.12 28.05
N MET E 139 -42.15 -15.97 27.18
CA MET E 139 -43.09 -17.07 26.87
C MET E 139 -42.57 -18.01 25.81
N THR E 140 -41.47 -17.65 25.12
CA THR E 140 -40.88 -18.49 24.04
C THR E 140 -40.60 -19.94 24.49
N ALA E 141 -40.69 -20.85 23.53
CA ALA E 141 -40.45 -22.27 23.75
C ALA E 141 -41.25 -22.80 24.97
N ASN E 142 -42.54 -22.42 24.97
CA ASN E 142 -43.51 -22.80 25.99
C ASN E 142 -43.05 -22.41 27.39
N GLY E 143 -42.36 -21.26 27.46
CA GLY E 143 -41.96 -20.68 28.74
C GLY E 143 -40.54 -21.04 29.16
N GLN E 144 -39.94 -21.96 28.40
CA GLN E 144 -38.60 -22.40 28.69
C GLN E 144 -37.60 -21.27 28.59
N TRP E 145 -37.77 -20.38 27.60
CA TRP E 145 -36.91 -19.20 27.48
C TRP E 145 -36.89 -18.42 28.81
N GLY E 146 -38.07 -18.13 29.38
CA GLY E 146 -38.14 -17.32 30.63
C GLY E 146 -37.52 -18.05 31.81
N LEU E 147 -37.74 -19.38 31.85
CA LEU E 147 -37.29 -20.19 32.96
C LEU E 147 -35.79 -20.27 32.88
N ASN E 148 -35.28 -20.28 31.64
CA ASN E 148 -33.83 -20.18 31.44
C ASN E 148 -33.27 -18.84 32.04
N VAL E 149 -34.01 -17.74 31.88
CA VAL E 149 -33.54 -16.50 32.45
C VAL E 149 -33.57 -16.60 33.98
N LEU E 150 -34.66 -17.16 34.53
CA LEU E 150 -34.84 -17.20 36.00
C LEU E 150 -33.69 -18.00 36.60
N GLN E 151 -33.40 -19.14 35.98
CA GLN E 151 -32.36 -20.03 36.48
C GLN E 151 -30.96 -19.42 36.33
N THR E 152 -30.59 -18.96 35.14
CA THR E 152 -29.31 -18.26 34.96
C THR E 152 -29.10 -17.12 35.96
N ALA E 153 -30.14 -16.31 36.20
CA ALA E 153 -30.07 -15.25 37.17
C ALA E 153 -29.95 -15.79 38.60
N ASP E 154 -30.77 -16.78 38.95
CA ASP E 154 -30.72 -17.29 40.31
C ASP E 154 -29.34 -17.89 40.64
N HIS E 155 -28.78 -18.64 39.68
CA HIS E 155 -27.43 -19.19 39.82
C HIS E 155 -26.35 -18.16 40.11
N LYS E 156 -26.60 -16.88 39.84
CA LYS E 156 -25.59 -15.85 40.15
C LYS E 156 -25.76 -15.31 41.55
N MET E 157 -26.81 -15.79 42.25
CA MET E 157 -27.24 -15.15 43.52
C MET E 157 -26.77 -15.86 44.74
N HIS E 158 -26.15 -17.02 44.58
CA HIS E 158 -25.73 -17.84 45.72
C HIS E 158 -24.24 -17.87 46.09
N HIS E 159 -23.43 -16.96 45.55
CA HIS E 159 -22.01 -16.84 45.89
C HIS E 159 -21.71 -16.16 47.20
N THR E 160 -20.78 -16.70 47.96
CA THR E 160 -20.16 -15.94 49.04
C THR E 160 -19.53 -14.69 48.41
N PHE E 161 -19.40 -13.64 49.19
CA PHE E 161 -18.82 -12.38 48.75
C PHE E 161 -17.42 -12.64 48.14
N ILE E 162 -16.59 -13.50 48.77
CA ILE E 162 -15.23 -13.81 48.26
C ILE E 162 -15.32 -14.52 46.92
N GLU E 163 -16.21 -15.51 46.81
CA GLU E 163 -16.58 -16.09 45.49
C GLU E 163 -16.98 -15.06 44.41
N ALA E 164 -17.85 -14.10 44.77
CA ALA E 164 -18.36 -13.19 43.76
C ALA E 164 -17.24 -12.28 43.25
N VAL E 165 -16.44 -11.74 44.17
CA VAL E 165 -15.27 -10.93 43.84
C VAL E 165 -14.35 -11.70 42.87
N CYS E 166 -14.12 -12.99 43.14
CA CYS E 166 -13.13 -13.75 42.38
C CYS E 166 -13.60 -14.07 41.00
N LEU E 167 -14.86 -14.43 40.88
CA LEU E 167 -15.47 -14.65 39.56
C LEU E 167 -15.51 -13.33 38.80
N GLY E 168 -15.63 -12.22 39.55
CA GLY E 168 -15.51 -10.88 38.98
C GLY E 168 -14.12 -10.58 38.42
N ILE E 169 -13.07 -11.03 39.10
CA ILE E 169 -11.72 -10.81 38.63
C ILE E 169 -11.56 -11.63 37.34
N LEU E 170 -12.06 -12.86 37.40
CA LEU E 170 -11.82 -13.79 36.34
C LEU E 170 -12.48 -13.27 35.09
N ALA E 171 -13.71 -12.80 35.23
CA ALA E 171 -14.48 -12.33 34.07
C ALA E 171 -13.78 -11.19 33.38
N ASN E 172 -13.42 -10.17 34.16
CA ASN E 172 -12.88 -8.95 33.54
C ASN E 172 -11.46 -9.09 33.00
N LEU E 173 -10.69 -10.00 33.59
CA LEU E 173 -9.38 -10.40 33.02
C LEU E 173 -9.58 -10.78 31.57
N MET E 174 -10.55 -11.67 31.32
CA MET E 174 -10.84 -12.20 30.00
C MET E 174 -11.34 -11.13 29.02
N VAL E 175 -12.29 -10.30 29.44
CA VAL E 175 -12.80 -9.21 28.62
C VAL E 175 -11.62 -8.36 28.20
N CYS E 176 -10.76 -8.01 29.17
CA CYS E 176 -9.68 -7.06 28.95
C CYS E 176 -8.62 -7.61 28.11
N LEU E 177 -8.32 -8.88 28.28
CA LEU E 177 -7.41 -9.60 27.39
C LEU E 177 -7.94 -9.62 25.96
N ALA E 178 -9.23 -9.95 25.81
CA ALA E 178 -9.91 -9.97 24.51
C ALA E 178 -9.71 -8.65 23.78
N VAL E 179 -9.95 -7.56 24.52
CA VAL E 179 -9.97 -6.23 23.91
C VAL E 179 -8.56 -5.80 23.55
N TRP E 180 -7.61 -6.13 24.40
CA TRP E 180 -6.20 -5.97 24.13
C TRP E 180 -5.79 -6.75 22.86
N MET E 181 -6.29 -7.96 22.68
CA MET E 181 -5.81 -8.72 21.53
C MET E 181 -6.38 -8.08 20.28
N SER E 182 -7.54 -7.47 20.46
CA SER E 182 -8.25 -6.83 19.38
C SER E 182 -7.43 -5.73 18.69
N TYR E 183 -6.59 -5.03 19.47
CA TYR E 183 -5.81 -3.90 18.93
C TYR E 183 -4.77 -4.33 17.94
N SER E 184 -4.16 -5.50 18.14
CA SER E 184 -3.28 -6.07 17.15
C SER E 184 -4.00 -6.27 15.80
N GLY E 185 -5.33 -6.29 15.84
CA GLY E 185 -6.11 -6.61 14.67
C GLY E 185 -5.89 -5.63 13.56
N ARG E 186 -5.78 -6.13 12.34
CA ARG E 186 -5.79 -5.26 11.16
C ARG E 186 -7.13 -5.23 10.39
N SER E 187 -7.75 -6.41 10.20
CA SER E 187 -9.06 -6.55 9.54
C SER E 187 -10.23 -6.53 10.52
N LEU E 188 -11.45 -6.49 9.99
CA LEU E 188 -12.65 -6.66 10.78
C LEU E 188 -12.65 -8.09 11.31
N MET E 189 -12.23 -9.01 10.46
CA MET E 189 -12.03 -10.43 10.83
C MET E 189 -11.20 -10.60 12.10
N ASP E 190 -10.05 -9.93 12.12
CA ASP E 190 -9.08 -10.04 13.21
C ASP E 190 -9.69 -9.59 14.50
N LYS E 191 -10.20 -8.37 14.49
CA LYS E 191 -10.74 -7.69 15.66
C LYS E 191 -11.95 -8.37 16.27
N ALA E 192 -12.83 -8.85 15.41
CA ALA E 192 -14.01 -9.51 15.90
C ALA E 192 -13.70 -10.92 16.37
N PHE E 193 -13.08 -11.74 15.51
CA PHE E 193 -12.88 -13.17 15.79
C PHE E 193 -11.82 -13.57 16.81
N ILE E 194 -10.87 -12.68 17.10
CA ILE E 194 -9.87 -12.91 18.16
C ILE E 194 -10.48 -12.79 19.56
N MET E 195 -11.72 -12.31 19.63
CA MET E 195 -12.39 -12.17 20.91
C MET E 195 -13.35 -13.35 21.24
N VAL E 196 -13.70 -14.14 20.22
CA VAL E 196 -14.65 -15.22 20.41
C VAL E 196 -14.16 -16.15 21.53
N LEU E 197 -12.95 -16.72 21.41
CA LEU E 197 -12.45 -17.68 22.44
C LEU E 197 -12.34 -17.11 23.88
N PRO E 198 -11.68 -15.96 24.08
CA PRO E 198 -11.62 -15.50 25.47
C PRO E 198 -12.95 -15.11 26.11
N VAL E 199 -13.91 -14.64 25.33
CA VAL E 199 -15.22 -14.30 25.87
C VAL E 199 -15.97 -15.60 26.19
N ALA E 200 -15.90 -16.56 25.27
CA ALA E 200 -16.62 -17.81 25.40
C ALA E 200 -16.15 -18.52 26.67
N MET E 201 -14.85 -18.38 26.96
CA MET E 201 -14.23 -18.99 28.13
C MET E 201 -14.88 -18.46 29.39
N PHE E 202 -14.96 -17.13 29.50
CA PHE E 202 -15.53 -16.52 30.72
C PHE E 202 -17.03 -16.81 30.97
N VAL E 203 -17.83 -16.72 29.90
CA VAL E 203 -19.24 -16.99 29.96
C VAL E 203 -19.57 -18.44 30.25
N ALA E 204 -19.01 -19.36 29.46
CA ALA E 204 -19.23 -20.81 29.67
C ALA E 204 -18.83 -21.26 31.08
N SER E 205 -17.78 -20.64 31.60
CA SER E 205 -17.23 -20.99 32.92
C SER E 205 -17.99 -20.30 34.03
N GLY E 206 -18.90 -19.42 33.66
CA GLY E 206 -19.72 -18.73 34.66
C GLY E 206 -19.02 -17.66 35.49
N PHE E 207 -17.92 -17.10 34.99
CA PHE E 207 -17.34 -15.93 35.63
C PHE E 207 -18.34 -14.74 35.55
N GLU E 208 -18.15 -13.74 36.41
CA GLU E 208 -19.18 -12.74 36.61
C GLU E 208 -18.84 -11.34 36.07
N HIS E 209 -19.63 -10.89 35.11
CA HIS E 209 -19.46 -9.56 34.58
C HIS E 209 -20.61 -8.63 35.08
N SER E 210 -20.28 -7.57 35.84
CA SER E 210 -21.28 -6.67 36.47
C SER E 210 -22.28 -6.10 35.47
N ILE E 211 -21.80 -5.60 34.33
CA ILE E 211 -22.69 -5.02 33.34
C ILE E 211 -23.58 -6.08 32.68
N ALA E 212 -23.05 -7.27 32.43
CA ALA E 212 -23.93 -8.30 31.90
C ALA E 212 -24.99 -8.66 32.91
N ASN E 213 -24.64 -8.62 34.19
CA ASN E 213 -25.56 -8.98 35.26
C ASN E 213 -26.61 -7.88 35.42
N MET E 214 -26.24 -6.65 35.08
CA MET E 214 -27.20 -5.55 35.06
C MET E 214 -28.37 -5.87 34.13
N PHE E 215 -28.13 -6.63 33.07
CA PHE E 215 -29.25 -7.15 32.33
C PHE E 215 -29.85 -8.41 32.97
N MET E 216 -29.02 -9.45 33.11
CA MET E 216 -29.52 -10.78 33.45
C MET E 216 -30.38 -10.82 34.73
N ILE E 217 -29.92 -10.20 35.83
CA ILE E 217 -30.66 -10.32 37.10
C ILE E 217 -31.97 -9.49 37.18
N PRO E 218 -31.92 -8.17 36.86
CA PRO E 218 -33.09 -7.42 36.49
C PRO E 218 -34.10 -8.22 35.64
N MET E 219 -33.63 -8.78 34.52
CA MET E 219 -34.54 -9.52 33.66
C MET E 219 -35.24 -10.62 34.46
N GLY E 220 -34.46 -11.28 35.34
CA GLY E 220 -34.98 -12.36 36.15
C GLY E 220 -36.02 -11.87 37.12
N ILE E 221 -35.67 -10.80 37.86
CA ILE E 221 -36.61 -10.12 38.78
C ILE E 221 -37.93 -9.75 38.06
N VAL E 222 -37.82 -9.00 36.96
CA VAL E 222 -39.02 -8.67 36.18
C VAL E 222 -39.83 -9.94 35.87
N ILE E 223 -39.21 -10.97 35.29
CA ILE E 223 -39.99 -12.21 35.02
C ILE E 223 -40.66 -12.77 36.28
N ARG E 224 -39.89 -12.92 37.35
CA ARG E 224 -40.41 -13.46 38.65
C ARG E 224 -41.65 -12.68 39.12
N ASP E 225 -41.61 -11.37 38.96
CA ASP E 225 -42.59 -10.48 39.57
C ASP E 225 -43.85 -10.27 38.77
N PHE E 226 -43.83 -10.65 37.48
CA PHE E 226 -44.88 -10.20 36.58
C PHE E 226 -45.34 -11.32 35.70
N ALA E 227 -44.63 -12.43 35.73
CA ALA E 227 -45.01 -13.54 34.87
C ALA E 227 -46.46 -13.93 35.23
N THR E 228 -47.28 -14.22 34.23
CA THR E 228 -48.68 -14.66 34.45
C THR E 228 -48.82 -16.11 34.99
N PRO E 229 -49.97 -16.44 35.64
CA PRO E 229 -50.05 -17.78 36.23
C PRO E 229 -49.95 -18.82 35.17
N GLU E 230 -50.35 -18.48 33.95
CA GLU E 230 -50.12 -19.43 32.81
C GLU E 230 -48.64 -19.82 32.71
N PHE E 231 -47.75 -18.83 32.67
CA PHE E 231 -46.31 -19.11 32.62
C PHE E 231 -45.84 -20.05 33.74
N TRP E 232 -46.19 -19.76 34.99
CA TRP E 232 -45.75 -20.65 36.08
C TRP E 232 -46.27 -22.08 35.94
N THR E 233 -47.43 -22.25 35.31
CA THR E 233 -47.97 -23.62 35.17
C THR E 233 -47.20 -24.34 34.06
N ALA E 234 -46.98 -23.58 32.98
CA ALA E 234 -46.30 -24.08 31.80
C ALA E 234 -44.92 -24.67 32.18
N VAL E 235 -44.13 -23.93 32.97
CA VAL E 235 -42.79 -24.34 33.31
C VAL E 235 -42.74 -25.06 34.65
N GLY E 236 -43.89 -25.18 35.30
CA GLY E 236 -44.00 -25.91 36.58
C GLY E 236 -43.00 -25.45 37.64
N SER E 237 -43.03 -24.14 37.92
CA SER E 237 -42.33 -23.54 39.04
C SER E 237 -43.26 -22.44 39.60
N SER E 238 -42.78 -21.66 40.58
CA SER E 238 -43.55 -20.59 41.20
C SER E 238 -42.61 -19.47 41.56
N PRO E 239 -43.13 -18.22 41.66
CA PRO E 239 -42.24 -17.11 42.04
C PRO E 239 -41.55 -17.40 43.36
N GLU E 240 -42.12 -18.28 44.19
CA GLU E 240 -41.46 -18.59 45.46
C GLU E 240 -40.13 -19.21 45.25
N SER E 241 -40.05 -20.13 44.28
CA SER E 241 -38.82 -20.92 44.07
C SER E 241 -37.61 -20.04 43.73
N PHE E 242 -37.83 -18.75 43.47
CA PHE E 242 -36.76 -17.83 43.11
C PHE E 242 -36.78 -16.66 44.10
N SER E 243 -36.70 -17.01 45.38
CA SER E 243 -36.81 -16.01 46.41
C SER E 243 -35.68 -14.96 46.39
N HIS E 244 -34.48 -15.34 45.97
CA HIS E 244 -33.33 -14.39 46.04
C HIS E 244 -33.39 -13.28 44.98
N LEU E 245 -34.29 -13.46 44.02
CA LEU E 245 -34.39 -12.52 42.94
C LEU E 245 -35.16 -11.28 43.43
N THR E 246 -34.39 -10.30 43.96
CA THR E 246 -34.94 -9.01 44.43
C THR E 246 -33.89 -7.87 44.23
N VAL E 247 -34.32 -6.67 43.89
CA VAL E 247 -33.38 -5.56 43.67
C VAL E 247 -32.34 -5.42 44.78
N MET E 248 -32.76 -5.61 46.02
CA MET E 248 -31.86 -5.43 47.15
C MET E 248 -30.78 -6.56 47.16
N SER E 249 -31.22 -7.82 47.09
CA SER E 249 -30.29 -8.95 47.02
C SER E 249 -29.32 -8.84 45.86
N PHE E 250 -29.86 -8.42 44.71
CA PHE E 250 -29.06 -8.18 43.55
C PHE E 250 -27.93 -7.23 43.91
N ILE E 251 -28.25 -6.09 44.50
CA ILE E 251 -27.21 -5.08 44.74
C ILE E 251 -26.12 -5.64 45.69
N THR E 252 -26.58 -6.22 46.79
CA THR E 252 -25.66 -6.55 47.87
C THR E 252 -24.95 -7.88 47.61
N ASP E 253 -25.68 -8.88 47.14
CA ASP E 253 -25.05 -10.19 47.00
C ASP E 253 -24.24 -10.42 45.71
N ASN E 254 -24.57 -9.67 44.66
CA ASN E 254 -23.94 -9.88 43.35
C ASN E 254 -23.30 -8.62 42.79
N LEU E 255 -24.01 -7.49 42.74
CA LEU E 255 -23.49 -6.35 41.97
C LEU E 255 -22.25 -5.70 42.58
N ILE E 256 -22.27 -5.57 43.91
CA ILE E 256 -21.20 -4.85 44.58
C ILE E 256 -19.94 -5.70 44.56
N PRO E 257 -20.03 -6.98 44.95
CA PRO E 257 -18.79 -7.78 44.97
C PRO E 257 -18.18 -8.05 43.56
N VAL E 258 -19.03 -8.40 42.59
CA VAL E 258 -18.65 -8.59 41.20
C VAL E 258 -18.04 -7.33 40.59
N THR E 259 -18.55 -6.14 40.96
CA THR E 259 -17.96 -4.89 40.45
C THR E 259 -16.54 -4.62 41.01
N ILE E 260 -16.42 -4.68 42.33
CA ILE E 260 -15.10 -4.71 42.97
C ILE E 260 -14.20 -5.71 42.19
N GLY E 261 -14.70 -6.92 41.97
CA GLY E 261 -14.01 -7.96 41.22
C GLY E 261 -13.58 -7.59 39.82
N ASN E 262 -14.48 -6.99 39.06
CA ASN E 262 -14.13 -6.49 37.73
C ASN E 262 -13.03 -5.43 37.74
N ILE E 263 -13.10 -4.46 38.65
CA ILE E 263 -12.03 -3.44 38.79
C ILE E 263 -10.65 -4.05 39.11
N ILE E 264 -10.55 -4.90 40.14
CA ILE E 264 -9.30 -5.63 40.42
C ILE E 264 -8.87 -6.47 39.21
N GLY E 265 -9.82 -7.19 38.60
CA GLY E 265 -9.52 -8.01 37.43
C GLY E 265 -8.96 -7.22 36.26
N GLY E 266 -9.58 -6.08 35.93
CA GLY E 266 -9.05 -5.14 34.96
C GLY E 266 -7.63 -4.60 35.19
N GLY E 267 -7.13 -4.61 36.43
CA GLY E 267 -5.70 -4.31 36.70
C GLY E 267 -4.87 -5.44 37.31
N LEU E 268 -4.01 -6.10 36.53
CA LEU E 268 -3.12 -7.18 37.04
C LEU E 268 -1.77 -7.19 36.33
N PRO F 31 -7.92 27.10 23.24
CA PRO F 31 -6.49 26.77 23.50
C PRO F 31 -5.44 27.94 23.50
N LEU F 32 -4.16 27.56 23.35
CA LEU F 32 -2.99 28.25 23.97
C LEU F 32 -1.67 28.05 23.19
N LYS F 33 -1.60 26.92 22.47
CA LYS F 33 -0.51 26.59 21.52
C LYS F 33 -0.62 27.40 20.23
N THR F 34 -1.85 27.80 19.89
CA THR F 34 -2.10 28.71 18.78
C THR F 34 -1.25 29.99 18.92
N PHE F 35 -0.98 30.42 20.13
CA PHE F 35 -0.08 31.55 20.32
C PHE F 35 1.39 31.15 20.09
N TYR F 36 1.77 29.95 20.48
CA TYR F 36 3.15 29.50 20.33
C TYR F 36 3.43 29.37 18.84
N LEU F 37 2.53 28.64 18.19
CA LEU F 37 2.53 28.41 16.77
C LEU F 37 2.52 29.72 15.95
N ALA F 38 1.73 30.71 16.35
CA ALA F 38 1.71 31.97 15.66
C ALA F 38 3.04 32.72 15.75
N ILE F 39 3.71 32.63 16.91
CA ILE F 39 5.03 33.23 17.14
C ILE F 39 6.03 32.53 16.24
N THR F 40 5.90 31.22 16.17
CA THR F 40 6.75 30.41 15.34
C THR F 40 6.60 30.87 13.89
N ALA F 41 5.37 31.06 13.43
CA ALA F 41 5.14 31.54 12.06
C ALA F 41 5.73 32.91 11.85
N GLY F 42 5.62 33.81 12.82
CA GLY F 42 6.23 35.15 12.72
C GLY F 42 7.72 35.05 12.46
N VAL F 43 8.32 34.02 13.06
CA VAL F 43 9.75 33.80 12.94
C VAL F 43 10.07 33.34 11.51
N PHE F 44 9.29 32.36 11.03
CA PHE F 44 9.45 31.80 9.68
C PHE F 44 9.33 32.88 8.60
N ILE F 45 8.30 33.71 8.67
CA ILE F 45 8.13 34.70 7.63
C ILE F 45 9.25 35.73 7.71
N SER F 46 9.79 35.99 8.91
CA SER F 46 10.97 36.87 9.03
C SER F 46 12.16 36.21 8.38
N ILE F 47 12.28 34.90 8.55
CA ILE F 47 13.36 34.15 7.92
C ILE F 47 13.29 34.36 6.44
N ALA F 48 12.13 33.99 5.84
CA ALA F 48 11.77 34.31 4.45
C ALA F 48 12.26 35.67 4.03
N PHE F 49 11.90 36.74 4.75
CA PHE F 49 12.23 38.07 4.29
C PHE F 49 13.73 38.36 4.33
N VAL F 50 14.41 37.78 5.34
CA VAL F 50 15.84 38.00 5.53
C VAL F 50 16.55 37.32 4.35
N PHE F 51 16.06 36.14 3.98
CA PHE F 51 16.61 35.40 2.85
C PHE F 51 16.49 36.30 1.60
N TYR F 52 15.30 36.91 1.41
CA TYR F 52 15.02 37.82 0.29
C TYR F 52 16.03 38.96 0.20
N ILE F 53 16.41 39.49 1.37
CA ILE F 53 17.31 40.64 1.43
C ILE F 53 18.69 40.13 1.08
N THR F 54 19.06 38.99 1.64
CA THR F 54 20.37 38.41 1.36
C THR F 54 20.47 38.24 -0.16
N ALA F 55 19.50 37.53 -0.76
CA ALA F 55 19.60 37.22 -2.17
C ALA F 55 19.69 38.51 -2.97
N THR F 56 18.91 39.52 -2.58
CA THR F 56 18.86 40.68 -3.46
C THR F 56 19.88 41.81 -3.20
N THR F 57 20.67 41.64 -2.15
CA THR F 57 21.73 42.58 -1.86
C THR F 57 22.71 42.68 -3.05
N GLY F 58 23.03 43.91 -3.43
CA GLY F 58 23.90 44.15 -4.53
C GLY F 58 23.29 43.92 -5.90
N THR F 59 21.98 43.85 -6.03
CA THR F 59 21.39 43.51 -7.35
C THR F 59 20.81 44.70 -8.11
N GLY F 60 21.31 45.89 -7.80
CA GLY F 60 20.85 47.13 -8.46
C GLY F 60 21.17 47.16 -9.93
N ALA F 61 22.23 46.50 -10.34
CA ALA F 61 22.54 46.54 -11.76
C ALA F 61 21.86 45.40 -12.55
N MET F 62 21.28 44.43 -11.84
CA MET F 62 20.62 43.28 -12.48
C MET F 62 19.34 43.77 -13.11
N PRO F 63 18.85 43.09 -14.18
CA PRO F 63 17.52 43.51 -14.64
C PRO F 63 16.51 43.35 -13.50
N TYR F 64 15.70 44.38 -13.29
CA TYR F 64 14.73 44.44 -12.22
C TYR F 64 14.06 43.09 -12.03
N GLY F 65 13.18 42.69 -12.94
CA GLY F 65 12.40 41.46 -12.75
C GLY F 65 13.12 40.17 -12.32
N MET F 66 14.25 39.87 -12.95
CA MET F 66 15.09 38.76 -12.54
C MET F 66 15.52 38.81 -11.05
N ALA F 67 15.93 39.98 -10.55
CA ALA F 67 16.40 40.05 -9.18
C ALA F 67 15.21 39.70 -8.30
N LYS F 68 14.07 40.26 -8.66
CA LYS F 68 12.91 40.14 -7.83
C LYS F 68 12.40 38.72 -7.88
N LEU F 69 12.50 38.08 -9.03
CA LEU F 69 12.10 36.71 -9.18
C LEU F 69 12.97 35.77 -8.34
N ILE F 70 14.29 35.97 -8.34
CA ILE F 70 15.15 35.14 -7.48
C ILE F 70 14.89 35.38 -5.97
N GLY F 71 14.73 36.65 -5.61
CA GLY F 71 14.41 37.03 -4.23
C GLY F 71 13.09 36.40 -3.80
N GLY F 72 12.14 36.28 -4.72
CA GLY F 72 10.82 35.73 -4.43
C GLY F 72 10.89 34.22 -4.22
N ILE F 73 11.63 33.52 -5.08
CA ILE F 73 11.85 32.08 -4.88
C ILE F 73 12.41 31.81 -3.46
N CYS F 74 13.52 32.49 -3.11
CA CYS F 74 14.13 32.39 -1.77
C CYS F 74 13.14 32.56 -0.66
N PHE F 75 12.30 33.60 -0.77
CA PHE F 75 11.27 33.90 0.21
C PHE F 75 10.36 32.71 0.44
N SER F 76 10.13 31.87 -0.57
CA SER F 76 9.15 30.80 -0.39
C SER F 76 9.51 29.86 0.79
N LEU F 77 10.76 29.94 1.29
CA LEU F 77 11.18 29.20 2.49
C LEU F 77 10.18 29.34 3.60
N GLY F 78 9.74 30.58 3.83
CA GLY F 78 8.93 30.91 5.01
C GLY F 78 7.67 30.07 4.99
N LEU F 79 6.96 30.11 3.88
CA LEU F 79 5.67 29.48 3.79
C LEU F 79 5.88 27.97 3.86
N ILE F 80 6.90 27.45 3.14
CA ILE F 80 7.35 26.06 3.28
C ILE F 80 7.56 25.68 4.78
N LEU F 81 8.40 26.44 5.48
CA LEU F 81 8.54 26.31 6.92
C LEU F 81 7.17 26.27 7.64
N CYS F 82 6.29 27.24 7.36
CA CYS F 82 4.96 27.26 7.98
C CYS F 82 4.12 26.01 7.72
N VAL F 83 3.99 25.61 6.46
CA VAL F 83 3.18 24.44 6.14
C VAL F 83 3.79 23.13 6.66
N ILE F 84 5.04 22.85 6.34
CA ILE F 84 5.65 21.57 6.75
C ILE F 84 5.73 21.43 8.28
N CYS F 85 6.01 22.53 8.98
CA CYS F 85 6.14 22.44 10.44
C CYS F 85 4.86 22.65 11.19
N GLY F 86 3.80 23.04 10.49
CA GLY F 86 2.53 23.31 11.14
C GLY F 86 2.44 24.58 11.99
N ALA F 87 3.15 25.65 11.62
CA ALA F 87 2.98 26.94 12.32
C ALA F 87 1.66 27.60 11.91
N ASP F 88 1.32 28.68 12.61
CA ASP F 88 0.07 29.42 12.38
C ASP F 88 0.28 30.78 11.75
N LEU F 89 0.07 30.86 10.44
CA LEU F 89 0.21 32.16 9.74
C LEU F 89 -1.14 32.87 9.44
N PHE F 90 -1.28 34.10 9.93
CA PHE F 90 -2.49 34.92 9.76
C PHE F 90 -3.22 34.77 8.41
N THR F 91 -4.42 34.17 8.46
CA THR F 91 -5.35 34.01 7.33
C THR F 91 -4.76 33.35 6.10
N SER F 92 -3.71 32.55 6.28
CA SER F 92 -3.60 31.29 5.56
C SER F 92 -2.79 30.26 6.29
N THR F 93 -3.45 29.12 6.56
CA THR F 93 -4.75 28.68 5.92
C THR F 93 -6.02 29.61 5.85
N VAL F 94 -7.08 29.15 5.13
CA VAL F 94 -8.51 29.59 5.22
C VAL F 94 -9.42 28.86 4.22
N LEU F 95 -8.90 28.55 3.04
CA LEU F 95 -9.71 27.87 2.03
C LEU F 95 -10.03 26.42 2.40
N GLN F 109 -14.49 32.84 18.30
CA GLN F 109 -14.65 32.83 16.85
C GLN F 109 -13.34 32.96 16.05
N LEU F 110 -13.48 32.92 14.71
CA LEU F 110 -12.45 33.34 13.76
C LEU F 110 -11.70 34.56 14.34
N ALA F 111 -12.32 35.74 14.40
CA ALA F 111 -11.62 36.95 14.93
C ALA F 111 -10.82 36.73 16.24
N LYS F 112 -11.29 35.84 17.12
CA LYS F 112 -10.65 35.59 18.43
C LYS F 112 -9.27 34.91 18.25
N ASN F 113 -9.26 33.82 17.46
CA ASN F 113 -7.97 33.27 17.00
C ASN F 113 -7.27 34.13 15.94
N TRP F 114 -8.00 35.00 15.24
CA TRP F 114 -7.38 35.94 14.31
C TRP F 114 -6.60 37.00 15.06
N LEU F 115 -7.18 37.56 16.10
CA LEU F 115 -6.46 38.49 16.95
C LEU F 115 -5.34 37.75 17.64
N ASN F 116 -5.60 36.53 18.08
CA ASN F 116 -4.58 35.76 18.79
C ASN F 116 -3.39 35.48 17.84
N VAL F 117 -3.70 34.99 16.65
CA VAL F 117 -2.65 34.64 15.67
C VAL F 117 -1.89 35.88 15.26
N TYR F 118 -2.65 36.94 14.98
CA TYR F 118 -2.08 38.17 14.53
C TYR F 118 -1.08 38.71 15.57
N PHE F 119 -1.50 38.81 16.82
CA PHE F 119 -0.61 39.27 17.87
C PHE F 119 0.60 38.32 18.04
N GLY F 120 0.39 37.03 17.75
CA GLY F 120 1.47 36.05 17.82
C GLY F 120 2.53 36.29 16.72
N ASN F 121 2.04 36.30 15.48
CA ASN F 121 2.84 36.63 14.34
C ASN F 121 3.70 37.85 14.67
N LEU F 122 3.09 38.90 15.23
CA LEU F 122 3.82 40.13 15.49
C LEU F 122 5.02 39.82 16.42
N ILE F 123 4.75 39.09 17.51
CA ILE F 123 5.79 38.91 18.48
C ILE F 123 6.99 38.20 17.84
N GLY F 124 6.71 37.10 17.15
CA GLY F 124 7.73 36.39 16.35
C GLY F 124 8.53 37.29 15.42
N ALA F 125 7.83 38.07 14.59
CA ALA F 125 8.52 39.06 13.75
C ALA F 125 9.36 40.06 14.56
N LEU F 126 8.82 40.61 15.65
CA LEU F 126 9.60 41.57 16.42
C LEU F 126 10.82 40.89 17.09
N LEU F 127 10.63 39.64 17.55
CA LEU F 127 11.74 38.89 18.17
C LEU F 127 12.86 38.69 17.19
N PHE F 128 12.50 38.38 15.94
CA PHE F 128 13.50 38.25 14.86
C PHE F 128 14.18 39.59 14.53
N VAL F 129 13.45 40.70 14.67
CA VAL F 129 14.03 42.00 14.39
C VAL F 129 15.12 42.24 15.38
N LEU F 130 14.82 41.91 16.63
CA LEU F 130 15.81 42.04 17.71
C LEU F 130 17.06 41.20 17.42
N LEU F 131 16.84 39.91 17.16
CA LEU F 131 17.94 39.00 16.87
C LEU F 131 18.73 39.43 15.65
N MET F 132 18.07 39.89 14.58
CA MET F 132 18.86 40.33 13.39
C MET F 132 19.73 41.53 13.73
N TRP F 133 19.16 42.44 14.52
CA TRP F 133 19.86 43.64 14.90
C TRP F 133 21.07 43.26 15.78
N LEU F 134 20.91 42.25 16.65
CA LEU F 134 22.04 41.89 17.50
C LEU F 134 23.16 41.22 16.68
N SER F 135 22.77 40.57 15.57
CA SER F 135 23.73 39.85 14.73
C SER F 135 24.71 40.74 13.99
N GLY F 136 24.41 42.02 13.85
CA GLY F 136 25.27 42.91 13.05
C GLY F 136 25.06 42.83 11.52
N GLU F 137 24.10 42.02 11.11
CA GLU F 137 23.85 41.83 9.68
C GLU F 137 23.75 43.11 8.86
N TYR F 138 23.15 44.18 9.39
CA TYR F 138 22.98 45.36 8.55
C TYR F 138 24.31 45.85 7.97
N MET F 139 25.41 45.51 8.61
CA MET F 139 26.72 45.98 8.14
C MET F 139 27.26 45.15 6.99
N THR F 140 26.63 43.99 6.72
CA THR F 140 27.04 43.07 5.63
C THR F 140 27.19 43.76 4.28
N ALA F 141 28.09 43.22 3.47
CA ALA F 141 28.30 43.70 2.11
C ALA F 141 28.60 45.22 2.11
N ASN F 142 29.45 45.62 3.06
CA ASN F 142 29.83 47.00 3.27
C ASN F 142 28.60 47.87 3.51
N GLY F 143 27.61 47.30 4.18
CA GLY F 143 26.40 48.04 4.52
C GLY F 143 25.25 47.96 3.50
N GLN F 144 25.56 47.39 2.33
CA GLN F 144 24.51 47.21 1.32
C GLN F 144 23.32 46.45 1.88
N TRP F 145 23.57 45.39 2.65
CA TRP F 145 22.52 44.59 3.24
C TRP F 145 21.51 45.48 4.00
N GLY F 146 22.02 46.34 4.88
CA GLY F 146 21.13 47.26 5.61
C GLY F 146 20.38 48.23 4.72
N LEU F 147 21.09 48.76 3.73
CA LEU F 147 20.55 49.74 2.80
C LEU F 147 19.46 49.05 1.99
N ASN F 148 19.68 47.78 1.66
CA ASN F 148 18.64 46.95 1.06
C ASN F 148 17.36 46.90 1.97
N VAL F 149 17.56 46.75 3.27
CA VAL F 149 16.40 46.74 4.16
C VAL F 149 15.68 48.11 4.16
N LEU F 150 16.46 49.18 4.21
CA LEU F 150 15.90 50.52 4.33
C LEU F 150 15.05 50.81 3.10
N GLN F 151 15.60 50.50 1.94
CA GLN F 151 14.93 50.86 0.72
C GLN F 151 13.69 49.96 0.56
N THR F 152 13.87 48.64 0.73
CA THR F 152 12.73 47.71 0.60
C THR F 152 11.60 48.08 1.53
N ALA F 153 11.93 48.44 2.78
CA ALA F 153 10.93 48.94 3.72
C ALA F 153 10.32 50.23 3.21
N ASP F 154 11.15 51.15 2.72
CA ASP F 154 10.66 52.48 2.35
C ASP F 154 9.78 52.44 1.11
N HIS F 155 10.05 51.50 0.22
CA HIS F 155 9.19 51.28 -0.94
C HIS F 155 7.83 50.72 -0.57
N LYS F 156 7.60 50.39 0.70
CA LYS F 156 6.27 49.87 1.13
C LYS F 156 5.51 50.96 1.85
N MET F 157 6.06 52.18 1.84
CA MET F 157 5.53 53.28 2.64
C MET F 157 4.92 54.42 1.85
N HIS F 158 4.83 54.31 0.54
CA HIS F 158 4.30 55.43 -0.29
C HIS F 158 3.01 55.12 -1.10
N HIS F 159 2.24 54.11 -0.64
CA HIS F 159 0.98 53.72 -1.26
C HIS F 159 -0.18 54.51 -0.73
N THR F 160 -1.06 54.96 -1.62
CA THR F 160 -2.36 55.45 -1.21
C THR F 160 -3.03 54.28 -0.46
N PHE F 161 -3.93 54.57 0.45
CA PHE F 161 -4.70 53.58 1.18
C PHE F 161 -5.33 52.50 0.24
N ILE F 162 -5.82 52.92 -0.95
CA ILE F 162 -6.56 52.04 -1.87
C ILE F 162 -5.55 51.05 -2.46
N GLU F 163 -4.39 51.59 -2.89
CA GLU F 163 -3.21 50.80 -3.32
C GLU F 163 -2.76 49.75 -2.28
N ALA F 164 -2.67 50.16 -1.00
CA ALA F 164 -2.16 49.23 -0.02
C ALA F 164 -3.18 48.12 0.20
N VAL F 165 -4.46 48.47 0.18
CA VAL F 165 -5.51 47.48 0.41
C VAL F 165 -5.43 46.46 -0.73
N CYS F 166 -5.28 46.94 -1.96
CA CYS F 166 -5.31 46.06 -3.12
C CYS F 166 -4.04 45.24 -3.21
N LEU F 167 -2.92 45.82 -2.81
CA LEU F 167 -1.68 45.05 -2.74
C LEU F 167 -1.78 43.94 -1.68
N GLY F 168 -2.55 44.20 -0.62
CA GLY F 168 -2.88 43.17 0.35
C GLY F 168 -3.75 42.06 -0.23
N ILE F 169 -4.69 42.41 -1.11
CA ILE F 169 -5.68 41.44 -1.56
C ILE F 169 -4.85 40.47 -2.32
N LEU F 170 -3.95 41.06 -3.12
CA LEU F 170 -3.22 40.31 -4.14
C LEU F 170 -2.29 39.36 -3.45
N ALA F 171 -1.49 39.89 -2.53
CA ALA F 171 -0.62 39.07 -1.68
C ALA F 171 -1.34 37.89 -1.09
N ASN F 172 -2.40 38.15 -0.32
CA ASN F 172 -3.01 37.06 0.47
C ASN F 172 -3.74 36.01 -0.35
N LEU F 173 -4.18 36.41 -1.56
CA LEU F 173 -4.80 35.51 -2.54
C LEU F 173 -3.77 34.43 -2.91
N MET F 174 -2.55 34.88 -3.24
CA MET F 174 -1.44 33.99 -3.59
C MET F 174 -1.02 33.03 -2.47
N VAL F 175 -0.91 33.54 -1.24
CA VAL F 175 -0.59 32.70 -0.09
C VAL F 175 -1.67 31.63 0.10
N CYS F 176 -2.95 32.00 -0.02
CA CYS F 176 -4.05 31.04 0.21
C CYS F 176 -4.15 29.99 -0.86
N LEU F 177 -3.96 30.42 -2.10
CA LEU F 177 -3.85 29.50 -3.21
C LEU F 177 -2.68 28.55 -3.03
N ALA F 178 -1.54 29.08 -2.57
CA ALA F 178 -0.34 28.29 -2.33
C ALA F 178 -0.69 27.21 -1.34
N VAL F 179 -1.28 27.64 -0.23
CA VAL F 179 -1.56 26.73 0.87
C VAL F 179 -2.63 25.73 0.46
N TRP F 180 -3.70 26.19 -0.15
CA TRP F 180 -4.67 25.32 -0.78
C TRP F 180 -4.03 24.25 -1.62
N MET F 181 -3.14 24.60 -2.54
CA MET F 181 -2.55 23.60 -3.44
C MET F 181 -1.77 22.55 -2.70
N SER F 182 -1.13 22.99 -1.63
CA SER F 182 -0.32 22.16 -0.78
C SER F 182 -1.11 20.95 -0.27
N TYR F 183 -2.37 21.17 0.12
CA TYR F 183 -3.23 20.08 0.64
C TYR F 183 -3.33 18.88 -0.27
N SER F 184 -3.40 19.11 -1.59
CA SER F 184 -3.37 18.03 -2.57
C SER F 184 -2.07 17.22 -2.46
N GLY F 185 -1.07 17.78 -1.79
CA GLY F 185 0.25 17.17 -1.75
C GLY F 185 0.20 15.80 -1.12
N ARG F 186 1.00 14.88 -1.65
CA ARG F 186 1.22 13.58 -0.95
C ARG F 186 2.59 13.52 -0.32
N SER F 187 3.63 14.00 -1.05
CA SER F 187 5.00 13.99 -0.57
C SER F 187 5.43 15.30 0.07
N LEU F 188 6.60 15.29 0.70
CA LEU F 188 7.22 16.49 1.20
C LEU F 188 7.49 17.38 0.00
N MET F 189 8.06 16.78 -1.04
CA MET F 189 8.30 17.42 -2.34
C MET F 189 7.09 18.19 -2.82
N ASP F 190 5.95 17.50 -2.92
CA ASP F 190 4.70 18.06 -3.41
C ASP F 190 4.29 19.27 -2.67
N LYS F 191 4.27 19.17 -1.34
CA LYS F 191 3.78 20.25 -0.45
C LYS F 191 4.66 21.47 -0.43
N ALA F 192 5.96 21.24 -0.55
CA ALA F 192 6.90 22.34 -0.48
C ALA F 192 7.03 23.04 -1.83
N PHE F 193 7.24 22.28 -2.88
CA PHE F 193 7.54 22.86 -4.17
C PHE F 193 6.35 23.47 -4.92
N ILE F 194 5.13 23.07 -4.57
CA ILE F 194 3.96 23.62 -5.24
C ILE F 194 3.73 25.05 -4.75
N MET F 195 4.44 25.42 -3.70
CA MET F 195 4.29 26.75 -3.15
C MET F 195 5.29 27.79 -3.66
N VAL F 196 6.32 27.29 -4.34
CA VAL F 196 7.40 28.15 -4.79
C VAL F 196 6.85 29.20 -5.79
N LEU F 197 6.18 28.76 -6.86
CA LEU F 197 5.75 29.70 -7.89
C LEU F 197 4.73 30.75 -7.36
N PRO F 198 3.64 30.31 -6.69
CA PRO F 198 2.72 31.37 -6.26
C PRO F 198 3.30 32.31 -5.23
N VAL F 199 4.20 31.86 -4.38
CA VAL F 199 4.81 32.82 -3.45
C VAL F 199 5.74 33.78 -4.20
N ALA F 200 6.60 33.24 -5.04
CA ALA F 200 7.58 34.02 -5.77
C ALA F 200 6.88 35.11 -6.56
N MET F 201 5.70 34.79 -7.10
CA MET F 201 4.89 35.73 -7.87
C MET F 201 4.49 36.94 -7.01
N PHE F 202 3.85 36.66 -5.88
CA PHE F 202 3.44 37.76 -5.03
C PHE F 202 4.63 38.60 -4.51
N VAL F 203 5.73 37.97 -4.11
CA VAL F 203 6.87 38.72 -3.60
C VAL F 203 7.57 39.55 -4.66
N ALA F 204 7.91 38.94 -5.78
CA ALA F 204 8.55 39.66 -6.88
C ALA F 204 7.70 40.82 -7.37
N SER F 205 6.38 40.65 -7.33
CA SER F 205 5.51 41.71 -7.87
C SER F 205 5.24 42.79 -6.82
N GLY F 206 5.82 42.62 -5.63
CA GLY F 206 5.70 43.62 -4.59
C GLY F 206 4.30 43.69 -3.97
N PHE F 207 3.54 42.61 -3.99
CA PHE F 207 2.28 42.57 -3.29
C PHE F 207 2.57 42.58 -1.77
N GLU F 208 1.61 43.03 -0.97
CA GLU F 208 1.89 43.32 0.41
C GLU F 208 1.27 42.28 1.31
N HIS F 209 2.11 41.68 2.15
CA HIS F 209 1.68 40.78 3.16
C HIS F 209 1.96 41.44 4.53
N SER F 210 0.91 41.59 5.36
CA SER F 210 1.01 42.27 6.68
C SER F 210 2.09 41.64 7.58
N ILE F 211 1.99 40.34 7.81
CA ILE F 211 2.91 39.69 8.72
C ILE F 211 4.33 39.86 8.25
N ALA F 212 4.58 39.57 6.97
CA ALA F 212 5.93 39.85 6.42
C ALA F 212 6.40 41.28 6.63
N ASN F 213 5.47 42.26 6.55
CA ASN F 213 5.84 43.66 6.80
C ASN F 213 6.13 43.92 8.29
N MET F 214 5.60 43.06 9.16
CA MET F 214 5.85 43.21 10.59
C MET F 214 7.33 43.00 10.87
N PHE F 215 7.96 42.17 10.07
CA PHE F 215 9.39 42.14 10.13
C PHE F 215 10.04 43.33 9.38
N MET F 216 9.77 43.43 8.06
CA MET F 216 10.55 44.32 7.20
C MET F 216 10.57 45.79 7.63
N ILE F 217 9.39 46.38 7.89
CA ILE F 217 9.35 47.81 8.25
C ILE F 217 9.97 48.15 9.63
N PRO F 218 9.61 47.40 10.68
CA PRO F 218 10.38 47.53 11.93
C PRO F 218 11.89 47.33 11.74
N MET F 219 12.30 46.27 11.02
CA MET F 219 13.74 46.14 10.71
C MET F 219 14.30 47.44 10.13
N GLY F 220 13.58 47.98 9.13
CA GLY F 220 13.94 49.25 8.56
C GLY F 220 14.06 50.38 9.60
N ILE F 221 13.01 50.55 10.44
CA ILE F 221 13.00 51.61 11.45
C ILE F 221 14.20 51.44 12.39
N VAL F 222 14.35 50.25 13.00
CA VAL F 222 15.51 50.00 13.86
C VAL F 222 16.79 50.44 13.12
N ILE F 223 17.09 49.92 11.92
CA ILE F 223 18.32 50.36 11.22
C ILE F 223 18.42 51.89 11.13
N ARG F 224 17.34 52.51 10.67
CA ARG F 224 17.29 53.99 10.48
C ARG F 224 17.66 54.75 11.75
N ASP F 225 17.30 54.19 12.91
CA ASP F 225 17.43 54.87 14.21
C ASP F 225 18.71 54.55 14.97
N PHE F 226 19.40 53.48 14.60
CA PHE F 226 20.51 52.98 15.43
C PHE F 226 21.71 52.70 14.57
N ALA F 227 21.57 52.81 13.26
CA ALA F 227 22.77 52.69 12.45
C ALA F 227 23.89 53.65 12.99
N THR F 228 25.14 53.20 12.94
CA THR F 228 26.26 54.08 13.30
C THR F 228 26.65 55.05 12.14
N PRO F 229 27.34 56.17 12.47
CA PRO F 229 27.64 57.12 11.39
C PRO F 229 28.55 56.48 10.39
N GLU F 230 29.33 55.49 10.83
CA GLU F 230 30.13 54.72 9.83
C GLU F 230 29.23 54.12 8.74
N PHE F 231 28.10 53.49 9.13
CA PHE F 231 27.16 52.88 8.18
C PHE F 231 26.60 53.89 7.18
N TRP F 232 26.16 55.05 7.65
CA TRP F 232 25.64 56.03 6.70
C TRP F 232 26.72 56.45 5.70
N THR F 233 27.96 56.58 6.17
CA THR F 233 29.01 57.03 5.24
C THR F 233 29.26 55.95 4.18
N ALA F 234 29.32 54.71 4.67
CA ALA F 234 29.61 53.55 3.82
C ALA F 234 28.59 53.47 2.64
N VAL F 235 27.30 53.66 2.92
CA VAL F 235 26.27 53.44 1.91
C VAL F 235 25.86 54.77 1.27
N GLY F 236 26.48 55.86 1.74
CA GLY F 236 26.16 57.22 1.25
C GLY F 236 24.70 57.66 1.34
N SER F 237 24.10 57.51 2.52
CA SER F 237 22.74 58.03 2.76
C SER F 237 22.69 58.57 4.19
N SER F 238 21.50 58.95 4.67
CA SER F 238 21.35 59.52 6.01
C SER F 238 19.98 59.14 6.55
N PRO F 239 19.80 59.18 7.90
CA PRO F 239 18.49 58.78 8.43
C PRO F 239 17.43 59.67 7.85
N GLU F 240 17.78 60.91 7.54
CA GLU F 240 16.79 61.83 6.94
C GLU F 240 16.20 61.33 5.66
N SER F 241 16.99 60.64 4.84
CA SER F 241 16.54 60.18 3.51
C SER F 241 15.42 59.13 3.60
N PHE F 242 15.16 58.61 4.80
CA PHE F 242 14.11 57.62 5.05
C PHE F 242 13.16 58.11 6.14
N SER F 243 12.57 59.28 5.87
CA SER F 243 11.77 59.97 6.89
C SER F 243 10.53 59.22 7.26
N HIS F 244 9.88 58.54 6.32
CA HIS F 244 8.60 57.83 6.63
C HIS F 244 8.78 56.57 7.46
N LEU F 245 10.02 56.16 7.69
CA LEU F 245 10.25 55.00 8.53
C LEU F 245 10.13 55.37 10.01
N THR F 246 8.90 55.21 10.53
CA THR F 246 8.51 55.48 11.91
C THR F 246 7.35 54.50 12.27
N VAL F 247 7.16 54.22 13.56
CA VAL F 247 6.14 53.25 14.02
C VAL F 247 4.76 53.78 13.69
N MET F 248 4.56 55.08 13.85
CA MET F 248 3.26 55.68 13.57
C MET F 248 2.91 55.54 12.05
N SER F 249 3.80 56.05 11.19
CA SER F 249 3.62 55.91 9.73
C SER F 249 3.44 54.46 9.30
N PHE F 250 4.20 53.54 9.93
CA PHE F 250 4.09 52.09 9.64
C PHE F 250 2.66 51.60 9.88
N ILE F 251 2.08 51.98 11.03
CA ILE F 251 0.76 51.46 11.40
C ILE F 251 -0.36 52.03 10.52
N THR F 252 -0.30 53.34 10.26
CA THR F 252 -1.39 53.97 9.53
C THR F 252 -1.21 53.79 8.01
N ASP F 253 0.00 54.04 7.51
CA ASP F 253 0.15 54.02 6.07
C ASP F 253 0.35 52.63 5.39
N ASN F 254 0.63 51.59 6.17
CA ASN F 254 0.89 50.27 5.63
C ASN F 254 0.13 49.16 6.34
N LEU F 255 0.28 49.05 7.65
CA LEU F 255 -0.17 47.82 8.33
C LEU F 255 -1.69 47.67 8.40
N ILE F 256 -2.40 48.77 8.66
CA ILE F 256 -3.87 48.72 8.67
C ILE F 256 -4.44 48.41 7.27
N PRO F 257 -4.08 49.21 6.22
CA PRO F 257 -4.74 48.93 4.94
C PRO F 257 -4.34 47.56 4.32
N VAL F 258 -3.04 47.20 4.46
CA VAL F 258 -2.57 45.91 4.01
C VAL F 258 -3.25 44.80 4.78
N THR F 259 -3.49 44.97 6.07
CA THR F 259 -4.21 43.93 6.83
C THR F 259 -5.68 43.77 6.40
N ILE F 260 -6.36 44.90 6.25
CA ILE F 260 -7.69 44.91 5.60
C ILE F 260 -7.65 44.14 4.25
N GLY F 261 -6.72 44.53 3.37
CA GLY F 261 -6.45 43.82 2.11
C GLY F 261 -6.20 42.32 2.19
N ASN F 262 -5.35 41.90 3.13
CA ASN F 262 -5.13 40.48 3.38
C ASN F 262 -6.41 39.68 3.71
N ILE F 263 -7.23 40.19 4.63
CA ILE F 263 -8.51 39.57 5.00
C ILE F 263 -9.44 39.44 3.79
N ILE F 264 -9.69 40.54 3.07
CA ILE F 264 -10.50 40.50 1.83
C ILE F 264 -9.93 39.49 0.84
N GLY F 265 -8.63 39.56 0.66
CA GLY F 265 -7.94 38.68 -0.28
C GLY F 265 -8.04 37.22 0.07
N GLY F 266 -7.86 36.87 1.35
CA GLY F 266 -8.03 35.51 1.85
C GLY F 266 -9.47 35.02 1.76
N GLY F 267 -10.40 35.97 1.84
CA GLY F 267 -11.82 35.68 1.97
C GLY F 267 -12.69 35.53 0.73
N LEU F 268 -12.40 34.53 -0.11
CA LEU F 268 -13.35 34.21 -1.20
C LEU F 268 -14.23 32.91 -1.07
N LEU F 269 -15.13 32.75 -2.05
CA LEU F 269 -16.38 31.95 -1.99
C LEU F 269 -16.55 31.07 -3.27
N LEU G 10 -5.66 0.22 -30.30
CA LEU G 10 -6.78 -0.78 -30.26
C LEU G 10 -6.63 -1.78 -29.08
N LEU G 11 -5.53 -2.57 -29.10
CA LEU G 11 -5.12 -3.51 -28.00
C LEU G 11 -6.25 -3.94 -26.99
N PRO G 12 -5.95 -3.99 -25.65
CA PRO G 12 -7.04 -3.95 -24.65
C PRO G 12 -7.94 -2.69 -24.58
N ALA G 13 -7.33 -1.49 -24.49
CA ALA G 13 -8.00 -0.25 -24.01
C ALA G 13 -8.60 0.76 -25.02
N ALA G 14 -9.94 0.88 -25.02
CA ALA G 14 -10.67 2.08 -25.49
C ALA G 14 -11.06 3.06 -24.33
N MET G 15 -10.09 3.93 -24.02
CA MET G 15 -10.20 5.11 -23.15
C MET G 15 -11.13 6.18 -23.67
N ALA G 16 -11.42 6.14 -24.97
CA ALA G 16 -12.19 7.19 -25.64
C ALA G 16 -13.62 7.19 -25.18
N LYS G 17 -14.03 6.08 -24.57
CA LYS G 17 -15.39 5.99 -24.05
C LYS G 17 -15.52 6.80 -22.72
N VAL G 18 -14.57 6.64 -21.80
CA VAL G 18 -14.47 7.48 -20.58
C VAL G 18 -14.30 8.99 -20.89
N ALA G 19 -13.35 9.32 -21.76
CA ALA G 19 -13.13 10.72 -22.19
C ALA G 19 -14.41 11.33 -22.78
N GLU G 20 -15.11 10.55 -23.63
CA GLU G 20 -16.40 10.97 -24.20
C GLU G 20 -17.36 11.30 -23.06
N GLU G 21 -17.37 10.45 -22.04
CA GLU G 21 -18.30 10.58 -20.94
C GLU G 21 -17.89 11.67 -19.99
N ALA G 22 -16.59 11.74 -19.67
CA ALA G 22 -16.06 12.89 -18.91
C ALA G 22 -16.43 14.21 -19.61
N GLY G 23 -16.42 14.18 -20.95
CA GLY G 23 -16.92 15.26 -21.78
C GLY G 23 -18.38 15.55 -21.56
N VAL G 24 -19.25 14.58 -21.88
CA VAL G 24 -20.69 14.77 -21.69
C VAL G 24 -20.95 15.31 -20.28
N TYR G 25 -20.24 14.74 -19.31
CA TYR G 25 -20.36 15.28 -17.96
C TYR G 25 -19.93 16.75 -17.92
N LYS G 26 -18.70 17.09 -18.33
CA LYS G 26 -18.26 18.47 -18.19
C LYS G 26 -19.11 19.49 -18.98
N ALA G 27 -19.61 19.08 -20.15
CA ALA G 27 -20.29 19.97 -21.10
C ALA G 27 -21.75 20.28 -20.82
N THR G 28 -22.45 19.33 -20.20
CA THR G 28 -23.88 19.46 -19.88
C THR G 28 -24.06 19.49 -18.35
N LYS G 29 -23.12 18.81 -17.69
CA LYS G 29 -22.72 18.94 -16.28
C LYS G 29 -23.70 19.43 -15.26
N HIS G 30 -23.27 20.50 -14.57
CA HIS G 30 -23.85 21.03 -13.34
C HIS G 30 -23.89 22.52 -13.54
N PRO G 31 -24.82 23.20 -12.83
CA PRO G 31 -25.30 24.51 -13.33
C PRO G 31 -24.15 25.55 -13.73
N LEU G 32 -23.91 26.46 -12.82
CA LEU G 32 -22.94 27.48 -12.95
C LEU G 32 -21.69 27.22 -12.07
N LYS G 33 -21.50 25.98 -11.59
CA LYS G 33 -20.21 25.65 -11.01
C LYS G 33 -19.21 25.91 -12.13
N THR G 34 -19.59 25.57 -13.37
CA THR G 34 -18.76 25.73 -14.58
C THR G 34 -18.50 27.19 -14.92
N PHE G 35 -19.48 28.06 -14.70
CA PHE G 35 -19.28 29.48 -14.85
C PHE G 35 -18.31 29.98 -13.80
N TYR G 36 -18.52 29.53 -12.57
CA TYR G 36 -17.69 29.95 -11.41
C TYR G 36 -16.25 29.51 -11.64
N LEU G 37 -16.12 28.26 -12.03
CA LEU G 37 -14.81 27.72 -12.37
C LEU G 37 -14.14 28.40 -13.58
N ALA G 38 -14.93 28.97 -14.50
CA ALA G 38 -14.42 29.70 -15.65
C ALA G 38 -13.88 31.09 -15.25
N ILE G 39 -14.63 31.79 -14.38
CA ILE G 39 -14.16 33.03 -13.74
C ILE G 39 -12.85 32.77 -13.04
N THR G 40 -12.82 31.67 -12.26
CA THR G 40 -11.63 31.20 -11.56
C THR G 40 -10.45 31.02 -12.51
N ALA G 41 -10.66 30.33 -13.62
CA ALA G 41 -9.59 30.22 -14.56
C ALA G 41 -9.13 31.56 -15.09
N GLY G 42 -10.05 32.52 -15.30
CA GLY G 42 -9.69 33.81 -15.84
C GLY G 42 -8.75 34.51 -14.90
N VAL G 43 -8.92 34.24 -13.61
CA VAL G 43 -8.11 34.86 -12.58
C VAL G 43 -6.73 34.22 -12.67
N PHE G 44 -6.69 32.90 -12.81
CA PHE G 44 -5.42 32.23 -12.83
C PHE G 44 -4.62 32.64 -14.05
N ILE G 45 -5.25 32.75 -15.20
CA ILE G 45 -4.48 33.07 -16.39
C ILE G 45 -3.94 34.53 -16.35
N SER G 46 -4.64 35.36 -15.60
CA SER G 46 -4.24 36.75 -15.41
C SER G 46 -3.06 36.83 -14.47
N ILE G 47 -3.07 35.96 -13.46
CA ILE G 47 -1.95 35.77 -12.54
C ILE G 47 -0.70 35.39 -13.35
N ALA G 48 -0.80 34.37 -14.19
CA ALA G 48 0.32 33.96 -15.01
C ALA G 48 0.91 35.15 -15.80
N PHE G 49 0.04 35.89 -16.52
CA PHE G 49 0.51 37.06 -17.25
C PHE G 49 1.12 38.15 -16.37
N VAL G 50 0.50 38.45 -15.24
CA VAL G 50 1.12 39.34 -14.25
C VAL G 50 2.52 38.82 -13.85
N PHE G 51 2.66 37.52 -13.57
CA PHE G 51 3.99 36.94 -13.24
C PHE G 51 4.94 37.26 -14.37
N TYR G 52 4.52 36.93 -15.58
CA TYR G 52 5.34 37.13 -16.76
C TYR G 52 5.84 38.56 -16.96
N ILE G 53 4.99 39.55 -16.63
CA ILE G 53 5.36 40.96 -16.77
C ILE G 53 6.34 41.33 -15.65
N THR G 54 6.08 40.83 -14.45
CA THR G 54 7.01 41.03 -13.32
C THR G 54 8.42 40.51 -13.66
N ALA G 55 8.53 39.22 -13.96
CA ALA G 55 9.81 38.61 -14.26
C ALA G 55 10.55 39.32 -15.39
N THR G 56 9.84 39.77 -16.41
CA THR G 56 10.48 40.41 -17.53
C THR G 56 10.62 41.97 -17.46
N THR G 57 10.15 42.62 -16.40
CA THR G 57 10.38 44.05 -16.35
C THR G 57 11.90 44.36 -16.28
N GLY G 58 12.33 45.33 -17.07
CA GLY G 58 13.71 45.72 -17.09
C GLY G 58 14.66 44.75 -17.74
N THR G 59 14.16 43.88 -18.62
CA THR G 59 15.03 42.86 -19.24
C THR G 59 15.43 43.21 -20.69
N GLY G 60 15.19 44.48 -21.05
CA GLY G 60 15.55 45.02 -22.37
C GLY G 60 16.95 44.70 -22.85
N ALA G 61 17.91 44.64 -21.92
CA ALA G 61 19.33 44.46 -22.24
C ALA G 61 19.80 43.02 -22.14
N MET G 62 18.95 42.14 -21.58
CA MET G 62 19.21 40.68 -21.56
C MET G 62 18.99 40.12 -22.97
N PRO G 63 19.64 39.00 -23.32
CA PRO G 63 19.33 38.36 -24.60
C PRO G 63 17.85 37.99 -24.76
N TYR G 64 17.28 38.41 -25.88
CA TYR G 64 15.85 38.22 -26.17
C TYR G 64 15.25 36.88 -25.68
N GLY G 65 15.77 35.79 -26.19
CA GLY G 65 15.26 34.47 -25.85
C GLY G 65 15.31 34.08 -24.37
N MET G 66 16.37 34.53 -23.67
CA MET G 66 16.56 34.18 -22.25
C MET G 66 15.50 34.83 -21.34
N ALA G 67 15.20 36.11 -21.62
CA ALA G 67 14.21 36.86 -20.88
C ALA G 67 12.85 36.21 -21.14
N LYS G 68 12.50 36.05 -22.40
CA LYS G 68 11.29 35.35 -22.82
C LYS G 68 11.12 33.98 -22.18
N LEU G 69 12.19 33.18 -22.17
CA LEU G 69 12.19 31.83 -21.55
C LEU G 69 11.89 31.85 -20.06
N ILE G 70 12.53 32.80 -19.36
CA ILE G 70 12.29 32.92 -17.92
C ILE G 70 10.85 33.31 -17.68
N GLY G 71 10.42 34.36 -18.39
CA GLY G 71 9.01 34.81 -18.45
C GLY G 71 7.97 33.72 -18.67
N GLY G 72 8.25 32.83 -19.61
CA GLY G 72 7.39 31.68 -19.89
C GLY G 72 7.33 30.64 -18.78
N ILE G 73 8.45 30.36 -18.10
CA ILE G 73 8.46 29.43 -16.95
C ILE G 73 7.54 29.98 -15.85
N CYS G 74 7.73 31.25 -15.52
CA CYS G 74 6.83 31.98 -14.62
C CYS G 74 5.36 31.83 -14.97
N PHE G 75 5.02 32.09 -16.23
CA PHE G 75 3.64 32.00 -16.71
C PHE G 75 2.99 30.65 -16.37
N SER G 76 3.77 29.58 -16.47
CA SER G 76 3.22 28.24 -16.20
C SER G 76 2.45 28.14 -14.86
N LEU G 77 2.69 29.05 -13.92
CA LEU G 77 1.85 29.14 -12.70
C LEU G 77 0.34 29.04 -12.97
N GLY G 78 -0.11 29.81 -13.97
CA GLY G 78 -1.52 29.92 -14.39
C GLY G 78 -2.16 28.59 -14.71
N LEU G 79 -1.50 27.83 -15.58
CA LEU G 79 -2.02 26.54 -16.00
C LEU G 79 -1.95 25.54 -14.87
N ILE G 80 -0.86 25.57 -14.10
CA ILE G 80 -0.69 24.74 -12.91
C ILE G 80 -1.86 25.00 -11.98
N LEU G 81 -2.10 26.27 -11.66
CA LEU G 81 -3.21 26.68 -10.82
C LEU G 81 -4.49 26.09 -11.37
N CYS G 82 -4.75 26.25 -12.68
CA CYS G 82 -5.97 25.69 -13.32
C CYS G 82 -6.15 24.19 -13.20
N VAL G 83 -5.08 23.44 -13.40
CA VAL G 83 -5.18 22.01 -13.37
C VAL G 83 -5.28 21.47 -11.93
N ILE G 84 -4.41 21.91 -11.05
CA ILE G 84 -4.40 21.42 -9.68
C ILE G 84 -5.66 21.84 -8.92
N CYS G 85 -6.16 23.04 -9.22
CA CYS G 85 -7.38 23.53 -8.54
C CYS G 85 -8.70 23.14 -9.23
N GLY G 86 -8.65 22.61 -10.44
CA GLY G 86 -9.84 22.27 -11.17
C GLY G 86 -10.61 23.42 -11.82
N ALA G 87 -9.95 24.53 -12.10
CA ALA G 87 -10.63 25.61 -12.79
C ALA G 87 -10.88 25.27 -14.25
N ASP G 88 -11.80 26.01 -14.87
CA ASP G 88 -12.23 25.79 -16.25
C ASP G 88 -11.67 26.79 -17.28
N LEU G 89 -10.71 26.34 -18.08
CA LEU G 89 -10.07 27.22 -19.04
C LEU G 89 -10.47 26.89 -20.48
N PHE G 90 -11.02 27.88 -21.17
CA PHE G 90 -11.56 27.71 -22.52
C PHE G 90 -10.69 26.85 -23.40
N THR G 91 -11.34 25.81 -23.94
CA THR G 91 -10.78 24.84 -24.89
C THR G 91 -9.48 24.27 -24.48
N SER G 92 -9.28 24.20 -23.16
CA SER G 92 -8.40 23.20 -22.65
C SER G 92 -8.20 23.04 -21.18
N THR G 93 -8.03 21.74 -20.80
CA THR G 93 -8.23 20.63 -21.79
C THR G 93 -9.69 20.20 -21.88
N VAL G 94 -10.45 21.13 -22.44
CA VAL G 94 -11.51 20.67 -23.29
C VAL G 94 -10.69 20.15 -24.50
N LEU G 95 -10.02 19.04 -24.20
CA LEU G 95 -9.78 17.99 -25.16
C LEU G 95 -11.03 17.11 -25.07
N ILE G 96 -11.67 17.21 -23.90
CA ILE G 96 -12.63 16.26 -23.36
C ILE G 96 -14.06 16.56 -23.81
N VAL G 97 -14.48 17.84 -23.75
CA VAL G 97 -15.80 18.27 -24.25
C VAL G 97 -15.89 18.02 -25.74
N VAL G 98 -14.98 18.64 -26.50
CA VAL G 98 -14.91 18.46 -27.97
C VAL G 98 -14.27 17.10 -28.31
N ALA G 99 -14.07 16.90 -29.61
CA ALA G 99 -13.72 15.59 -30.21
C ALA G 99 -14.97 14.71 -30.11
N LYS G 100 -15.58 14.81 -28.93
CA LYS G 100 -16.48 13.81 -28.45
C LYS G 100 -17.79 14.43 -27.94
N ALA G 101 -18.63 15.14 -28.74
CA ALA G 101 -18.59 15.52 -30.19
C ALA G 101 -18.21 14.43 -31.17
N SER G 102 -18.72 13.25 -30.83
CA SER G 102 -18.58 11.95 -31.48
C SER G 102 -19.32 11.16 -30.41
N GLY G 103 -20.65 11.15 -30.56
CA GLY G 103 -21.51 10.67 -29.49
C GLY G 103 -22.47 11.74 -29.02
N ARG G 104 -22.54 11.91 -27.70
CA ARG G 104 -23.56 12.77 -27.06
C ARG G 104 -23.01 14.13 -26.69
N ILE G 105 -23.74 15.17 -27.11
CA ILE G 105 -23.34 16.57 -27.08
C ILE G 105 -23.85 17.06 -28.43
N THR G 106 -24.89 17.91 -28.41
CA THR G 106 -25.40 18.54 -29.66
C THR G 106 -24.61 19.83 -29.94
N TRP G 107 -24.56 20.24 -31.21
CA TRP G 107 -23.94 21.51 -31.55
C TRP G 107 -24.37 22.57 -30.57
N GLY G 108 -25.67 22.68 -30.33
CA GLY G 108 -26.23 23.64 -29.37
C GLY G 108 -25.77 23.43 -27.94
N GLN G 109 -25.30 22.22 -27.60
CA GLN G 109 -24.82 21.91 -26.25
C GLN G 109 -23.34 22.28 -26.10
N LEU G 110 -22.52 21.77 -27.04
CA LEU G 110 -21.10 22.09 -27.21
C LEU G 110 -20.88 23.59 -27.30
N ALA G 111 -21.86 24.29 -27.88
CA ALA G 111 -21.83 25.74 -28.03
C ALA G 111 -22.25 26.46 -26.75
N LYS G 112 -23.16 25.87 -25.99
CA LYS G 112 -23.72 26.58 -24.85
C LYS G 112 -22.69 26.61 -23.75
N ASN G 113 -21.70 25.73 -23.87
CA ASN G 113 -20.75 25.51 -22.80
C ASN G 113 -19.50 26.33 -23.06
N TRP G 114 -18.97 26.15 -24.27
CA TRP G 114 -17.86 26.95 -24.74
C TRP G 114 -18.14 28.43 -24.50
N LEU G 115 -19.36 28.84 -24.77
CA LEU G 115 -19.78 30.23 -24.56
C LEU G 115 -19.87 30.59 -23.09
N ASN G 116 -20.21 29.63 -22.27
CA ASN G 116 -20.33 29.83 -20.83
C ASN G 116 -18.94 29.98 -20.17
N VAL G 117 -18.00 29.14 -20.61
CA VAL G 117 -16.64 29.19 -20.11
C VAL G 117 -15.99 30.47 -20.59
N TYR G 118 -16.08 30.74 -21.89
CA TYR G 118 -15.47 31.91 -22.55
C TYR G 118 -15.87 33.21 -21.92
N PHE G 119 -17.14 33.35 -21.60
CA PHE G 119 -17.64 34.58 -21.05
C PHE G 119 -17.21 34.66 -19.59
N GLY G 120 -17.07 33.50 -18.97
CA GLY G 120 -16.55 33.38 -17.61
C GLY G 120 -15.08 33.70 -17.44
N ASN G 121 -14.24 33.04 -18.26
CA ASN G 121 -12.85 33.41 -18.44
C ASN G 121 -12.69 34.94 -18.60
N LEU G 122 -13.47 35.52 -19.52
CA LEU G 122 -13.46 36.97 -19.71
C LEU G 122 -13.77 37.78 -18.44
N ILE G 123 -14.72 37.31 -17.63
CA ILE G 123 -15.12 38.08 -16.45
C ILE G 123 -14.01 38.06 -15.45
N GLY G 124 -13.46 36.88 -15.17
CA GLY G 124 -12.25 36.70 -14.36
C GLY G 124 -11.05 37.54 -14.81
N ALA G 125 -10.66 37.42 -16.08
CA ALA G 125 -9.65 38.32 -16.63
C ALA G 125 -9.95 39.79 -16.36
N LEU G 126 -11.20 40.23 -16.58
CA LEU G 126 -11.51 41.66 -16.42
C LEU G 126 -11.48 42.12 -14.95
N LEU G 127 -11.93 41.27 -14.04
CA LEU G 127 -11.82 41.55 -12.60
C LEU G 127 -10.37 41.70 -12.20
N PHE G 128 -9.50 40.85 -12.74
CA PHE G 128 -8.08 40.95 -12.45
C PHE G 128 -7.40 42.22 -13.03
N VAL G 129 -7.89 42.69 -14.19
CA VAL G 129 -7.46 43.99 -14.77
C VAL G 129 -7.81 45.11 -13.81
N LEU G 130 -9.10 45.20 -13.43
CA LEU G 130 -9.52 46.15 -12.38
C LEU G 130 -8.60 46.12 -11.14
N LEU G 131 -8.36 44.92 -10.62
CA LEU G 131 -7.68 44.77 -9.36
C LEU G 131 -6.21 45.13 -9.50
N MET G 132 -5.58 44.79 -10.62
CA MET G 132 -4.19 45.25 -10.88
C MET G 132 -4.12 46.76 -11.03
N TRP G 133 -5.14 47.36 -11.65
CA TRP G 133 -5.14 48.80 -11.87
C TRP G 133 -5.26 49.53 -10.55
N LEU G 134 -6.13 49.05 -9.66
CA LEU G 134 -6.32 49.70 -8.36
C LEU G 134 -5.11 49.55 -7.41
N SER G 135 -4.23 48.61 -7.72
CA SER G 135 -3.09 48.30 -6.88
C SER G 135 -1.97 49.29 -7.10
N GLY G 136 -1.96 49.98 -8.22
CA GLY G 136 -0.86 50.90 -8.52
C GLY G 136 0.29 50.25 -9.27
N GLU G 137 0.22 48.96 -9.49
CA GLU G 137 1.36 48.22 -10.03
C GLU G 137 2.05 48.82 -11.27
N TYR G 138 1.30 49.44 -12.16
CA TYR G 138 1.86 50.04 -13.36
C TYR G 138 3.01 51.01 -13.09
N MET G 139 3.03 51.61 -11.90
CA MET G 139 4.12 52.53 -11.50
C MET G 139 5.42 51.79 -11.06
N THR G 140 5.30 50.47 -10.78
CA THR G 140 6.45 49.68 -10.33
C THR G 140 7.62 49.92 -11.24
N ALA G 141 8.80 49.95 -10.65
CA ALA G 141 10.06 50.07 -11.38
C ALA G 141 10.15 51.37 -12.15
N ASN G 142 9.51 52.39 -11.62
CA ASN G 142 9.62 53.74 -12.20
C ASN G 142 8.84 53.85 -13.51
N GLY G 143 7.73 53.11 -13.54
CA GLY G 143 6.85 53.05 -14.67
C GLY G 143 7.15 51.87 -15.58
N GLN G 144 8.28 51.19 -15.39
CA GLN G 144 8.71 50.20 -16.37
C GLN G 144 7.80 48.96 -16.45
N TRP G 145 7.04 48.73 -15.40
CA TRP G 145 6.15 47.57 -15.30
C TRP G 145 5.02 47.88 -16.30
N GLY G 146 4.40 49.05 -16.09
CA GLY G 146 3.35 49.57 -16.97
C GLY G 146 3.79 49.63 -18.42
N LEU G 147 4.98 50.20 -18.69
CA LEU G 147 5.51 50.17 -20.03
C LEU G 147 5.64 48.72 -20.59
N ASN G 148 6.15 47.80 -19.76
CA ASN G 148 6.22 46.42 -20.18
C ASN G 148 4.84 45.89 -20.66
N VAL G 149 3.76 46.26 -19.95
CA VAL G 149 2.40 45.86 -20.28
C VAL G 149 1.96 46.45 -21.63
N LEU G 150 2.26 47.74 -21.81
CA LEU G 150 1.87 48.47 -23.02
C LEU G 150 2.51 47.81 -24.21
N GLN G 151 3.79 47.50 -24.09
CA GLN G 151 4.56 46.94 -25.19
C GLN G 151 4.13 45.54 -25.46
N THR G 152 3.95 44.74 -24.41
CA THR G 152 3.54 43.36 -24.58
C THR G 152 2.23 43.27 -25.36
N ALA G 153 1.31 44.14 -25.01
CA ALA G 153 0.01 44.14 -25.57
C ALA G 153 0.01 44.70 -26.99
N ASP G 154 0.90 45.65 -27.25
CA ASP G 154 0.97 46.25 -28.54
C ASP G 154 1.59 45.27 -29.55
N HIS G 155 2.60 44.51 -29.13
CA HIS G 155 3.16 43.49 -30.03
C HIS G 155 2.13 42.48 -30.49
N LYS G 156 1.11 42.25 -29.67
CA LYS G 156 0.01 41.36 -30.06
C LYS G 156 -1.03 41.98 -31.02
N MET G 157 -0.84 43.25 -31.37
CA MET G 157 -1.85 43.99 -32.12
C MET G 157 -1.40 44.28 -33.51
N HIS G 158 -0.23 43.75 -33.90
CA HIS G 158 0.27 43.93 -35.26
C HIS G 158 0.42 42.70 -36.11
N HIS G 159 -0.46 41.69 -35.97
CA HIS G 159 -0.51 40.53 -36.88
C HIS G 159 -1.51 40.73 -38.03
N THR G 160 -1.25 40.11 -39.16
CA THR G 160 -2.28 39.90 -40.14
C THR G 160 -3.23 38.80 -39.59
N PHE G 161 -4.47 38.71 -40.12
CA PHE G 161 -5.46 37.77 -39.61
C PHE G 161 -4.89 36.37 -39.59
N ILE G 162 -4.22 35.98 -40.71
CA ILE G 162 -3.79 34.58 -40.93
C ILE G 162 -2.71 34.28 -39.97
N GLU G 163 -1.80 35.24 -39.79
CA GLU G 163 -0.77 35.20 -38.72
C GLU G 163 -1.37 34.94 -37.33
N ALA G 164 -2.37 35.74 -36.93
CA ALA G 164 -2.97 35.65 -35.61
C ALA G 164 -3.69 34.33 -35.41
N VAL G 165 -4.43 33.87 -36.44
CA VAL G 165 -5.04 32.53 -36.43
C VAL G 165 -3.96 31.50 -36.17
N CYS G 166 -2.88 31.53 -36.93
CA CYS G 166 -1.82 30.52 -36.80
C CYS G 166 -1.09 30.52 -35.45
N LEU G 167 -0.79 31.73 -34.93
CA LEU G 167 -0.27 31.85 -33.57
C LEU G 167 -1.23 31.26 -32.54
N GLY G 168 -2.53 31.29 -32.79
CA GLY G 168 -3.56 30.77 -31.87
C GLY G 168 -3.56 29.26 -31.87
N ILE G 169 -3.39 28.70 -33.06
CA ILE G 169 -3.29 27.27 -33.26
C ILE G 169 -2.12 26.76 -32.45
N LEU G 170 -0.99 27.44 -32.58
CA LEU G 170 0.27 27.08 -31.93
C LEU G 170 0.14 27.13 -30.44
N ALA G 171 -0.49 28.18 -29.93
CA ALA G 171 -0.58 28.34 -28.51
C ALA G 171 -1.48 27.25 -27.89
N ASN G 172 -2.62 27.02 -28.53
CA ASN G 172 -3.55 26.12 -27.90
C ASN G 172 -3.13 24.67 -28.05
N LEU G 173 -2.36 24.36 -29.10
CA LEU G 173 -1.72 23.06 -29.25
C LEU G 173 -0.90 22.73 -28.00
N MET G 174 -0.12 23.70 -27.55
CA MET G 174 0.79 23.49 -26.45
C MET G 174 0.05 23.37 -25.14
N VAL G 175 -0.95 24.21 -24.91
CA VAL G 175 -1.78 24.15 -23.70
C VAL G 175 -2.49 22.77 -23.57
N CYS G 176 -3.10 22.34 -24.66
CA CYS G 176 -3.77 21.04 -24.69
C CYS G 176 -2.84 19.87 -24.46
N LEU G 177 -1.68 19.88 -25.10
CA LEU G 177 -0.62 18.89 -24.82
C LEU G 177 -0.13 18.87 -23.36
N ALA G 178 0.08 20.06 -22.77
CA ALA G 178 0.41 20.19 -21.36
C ALA G 178 -0.61 19.51 -20.48
N VAL G 179 -1.89 19.76 -20.77
CA VAL G 179 -2.99 19.26 -19.94
C VAL G 179 -3.19 17.75 -20.17
N TRP G 180 -3.11 17.34 -21.42
CA TRP G 180 -3.02 15.93 -21.77
C TRP G 180 -1.87 15.16 -21.04
N MET G 181 -0.64 15.68 -21.05
CA MET G 181 0.45 15.04 -20.30
C MET G 181 0.16 14.91 -18.81
N SER G 182 -0.51 15.94 -18.28
CA SER G 182 -0.96 16.07 -16.88
C SER G 182 -1.72 14.84 -16.37
N TYR G 183 -2.57 14.32 -17.24
CA TYR G 183 -3.33 13.09 -16.99
C TYR G 183 -2.51 11.88 -16.56
N SER G 184 -1.32 11.69 -17.16
CA SER G 184 -0.35 10.66 -16.76
C SER G 184 0.26 10.91 -15.38
N GLY G 185 0.00 12.10 -14.85
CA GLY G 185 0.56 12.52 -13.60
C GLY G 185 -0.03 11.73 -12.47
N ARG G 186 0.83 11.16 -11.63
CA ARG G 186 0.37 10.56 -10.37
C ARG G 186 0.64 11.39 -9.10
N SER G 187 1.67 12.24 -9.10
CA SER G 187 1.85 13.18 -8.00
C SER G 187 1.41 14.59 -8.37
N LEU G 188 1.41 15.47 -7.36
CA LEU G 188 1.32 16.93 -7.56
C LEU G 188 2.51 17.49 -8.37
N MET G 189 3.71 17.03 -8.04
CA MET G 189 4.93 17.25 -8.82
C MET G 189 4.71 16.92 -10.26
N ASP G 190 4.18 15.75 -10.54
CA ASP G 190 4.01 15.23 -11.92
C ASP G 190 3.15 16.14 -12.75
N LYS G 191 1.98 16.49 -12.23
CA LYS G 191 1.01 17.28 -12.94
C LYS G 191 1.47 18.70 -13.12
N ALA G 192 2.12 19.25 -12.11
CA ALA G 192 2.53 20.65 -12.17
C ALA G 192 3.70 20.81 -13.12
N PHE G 193 4.74 20.04 -12.87
CA PHE G 193 6.00 20.24 -13.57
C PHE G 193 6.08 19.73 -14.98
N ILE G 194 5.21 18.80 -15.38
CA ILE G 194 5.17 18.34 -16.78
C ILE G 194 4.59 19.43 -17.72
N MET G 195 4.04 20.50 -17.17
CA MET G 195 3.41 21.56 -17.96
C MET G 195 4.31 22.76 -18.15
N VAL G 196 5.34 22.88 -17.30
CA VAL G 196 6.27 24.00 -17.35
C VAL G 196 6.88 24.18 -18.75
N LEU G 197 7.61 23.18 -19.25
CA LEU G 197 8.24 23.29 -20.54
C LEU G 197 7.30 23.61 -21.72
N PRO G 198 6.19 22.85 -21.91
CA PRO G 198 5.29 23.20 -23.05
C PRO G 198 4.55 24.54 -22.95
N VAL G 199 4.34 25.07 -21.74
CA VAL G 199 3.78 26.42 -21.55
C VAL G 199 4.87 27.46 -21.82
N ALA G 200 6.00 27.36 -21.15
CA ALA G 200 7.17 28.20 -21.41
C ALA G 200 7.43 28.32 -22.91
N MET G 201 7.42 27.16 -23.61
CA MET G 201 7.58 27.12 -25.08
C MET G 201 6.61 28.03 -25.85
N PHE G 202 5.32 27.96 -25.54
CA PHE G 202 4.34 28.86 -26.21
C PHE G 202 4.47 30.34 -25.80
N VAL G 203 4.62 30.62 -24.50
CA VAL G 203 4.65 32.01 -24.06
C VAL G 203 5.94 32.65 -24.51
N ALA G 204 7.06 31.96 -24.32
CA ALA G 204 8.34 32.48 -24.81
C ALA G 204 8.39 32.72 -26.32
N SER G 205 7.69 31.91 -27.10
CA SER G 205 7.71 32.03 -28.58
C SER G 205 6.72 33.07 -29.07
N GLY G 206 5.95 33.66 -28.15
CA GLY G 206 4.92 34.64 -28.47
C GLY G 206 3.73 34.05 -29.23
N PHE G 207 3.39 32.80 -28.97
CA PHE G 207 2.15 32.25 -29.51
C PHE G 207 0.96 32.91 -28.81
N GLU G 208 -0.21 32.85 -29.40
CA GLU G 208 -1.34 33.63 -28.90
C GLU G 208 -2.46 32.81 -28.24
N HIS G 209 -2.77 33.14 -27.00
CA HIS G 209 -3.86 32.48 -26.31
C HIS G 209 -4.95 33.49 -25.99
N SER G 210 -6.16 33.25 -26.46
CA SER G 210 -7.29 34.18 -26.31
C SER G 210 -7.59 34.66 -24.85
N ILE G 211 -7.65 33.75 -23.90
CA ILE G 211 -7.96 34.11 -22.53
C ILE G 211 -6.82 34.88 -21.85
N ALA G 212 -5.59 34.48 -22.14
CA ALA G 212 -4.44 35.28 -21.70
C ALA G 212 -4.59 36.71 -22.21
N ASN G 213 -4.91 36.87 -23.49
CA ASN G 213 -5.06 38.17 -24.07
C ASN G 213 -6.22 39.01 -23.55
N MET G 214 -7.22 38.36 -22.98
CA MET G 214 -8.34 39.03 -22.33
C MET G 214 -7.88 39.75 -21.08
N PHE G 215 -6.79 39.26 -20.48
CA PHE G 215 -6.11 40.07 -19.48
C PHE G 215 -5.17 41.14 -20.14
N MET G 216 -4.18 40.66 -20.89
CA MET G 216 -3.06 41.50 -21.35
C MET G 216 -3.43 42.75 -22.15
N ILE G 217 -4.40 42.63 -23.05
CA ILE G 217 -4.76 43.78 -23.90
C ILE G 217 -5.65 44.84 -23.18
N PRO G 218 -6.75 44.40 -22.53
CA PRO G 218 -7.47 45.30 -21.66
C PRO G 218 -6.57 45.99 -20.65
N MET G 219 -5.62 45.24 -20.09
CA MET G 219 -4.70 45.85 -19.14
C MET G 219 -3.99 47.03 -19.80
N GLY G 220 -3.43 46.79 -20.99
CA GLY G 220 -2.74 47.80 -21.76
C GLY G 220 -3.64 48.95 -22.16
N ILE G 221 -4.87 48.67 -22.57
CA ILE G 221 -5.85 49.73 -22.85
C ILE G 221 -6.10 50.61 -21.62
N VAL G 222 -6.38 49.99 -20.47
CA VAL G 222 -6.49 50.74 -19.18
C VAL G 222 -5.24 51.59 -18.80
N ILE G 223 -4.05 51.07 -19.03
CA ILE G 223 -2.89 51.87 -18.74
C ILE G 223 -2.84 53.06 -19.71
N ARG G 224 -3.13 52.79 -20.98
CA ARG G 224 -2.97 53.79 -22.01
C ARG G 224 -3.93 54.93 -21.72
N ASP G 225 -5.15 54.58 -21.35
CA ASP G 225 -6.21 55.56 -21.15
C ASP G 225 -6.23 56.26 -19.79
N PHE G 226 -5.62 55.68 -18.74
CA PHE G 226 -5.73 56.25 -17.38
C PHE G 226 -4.40 56.57 -16.70
N ALA G 227 -3.29 56.13 -17.28
CA ALA G 227 -2.00 56.55 -16.78
C ALA G 227 -1.93 58.07 -16.56
N THR G 228 -1.25 58.49 -15.50
CA THR G 228 -1.04 59.94 -15.23
C THR G 228 0.07 60.54 -16.05
N PRO G 229 0.06 61.86 -16.27
CA PRO G 229 1.20 62.43 -17.03
C PRO G 229 2.57 62.04 -16.44
N GLU G 230 2.61 61.88 -15.11
CA GLU G 230 3.84 61.47 -14.43
C GLU G 230 4.37 60.12 -14.92
N PHE G 231 3.46 59.17 -15.12
CA PHE G 231 3.79 57.92 -15.79
C PHE G 231 4.43 58.06 -17.19
N TRP G 232 3.82 58.83 -18.10
CA TRP G 232 4.38 59.00 -19.46
C TRP G 232 5.75 59.70 -19.46
N THR G 233 5.96 60.63 -18.55
CA THR G 233 7.24 61.31 -18.46
C THR G 233 8.32 60.34 -18.03
N ALA G 234 8.00 59.49 -17.04
CA ALA G 234 8.94 58.56 -16.45
C ALA G 234 9.44 57.52 -17.45
N VAL G 235 8.52 57.02 -18.28
CA VAL G 235 8.82 55.96 -19.19
C VAL G 235 9.13 56.50 -20.57
N GLY G 236 8.87 57.80 -20.76
CA GLY G 236 9.26 58.55 -21.96
C GLY G 236 8.49 58.17 -23.21
N SER G 237 7.18 58.17 -23.09
CA SER G 237 6.32 57.71 -24.18
C SER G 237 5.03 58.50 -24.09
N SER G 238 4.01 58.12 -24.84
CA SER G 238 2.75 58.89 -24.83
C SER G 238 1.57 58.04 -25.16
N PRO G 239 0.36 58.46 -24.80
CA PRO G 239 -0.73 57.55 -25.19
C PRO G 239 -0.85 57.33 -26.71
N GLU G 240 -0.36 58.29 -27.47
CA GLU G 240 -0.32 58.23 -28.92
C GLU G 240 0.58 57.15 -29.49
N SER G 241 1.62 56.79 -28.74
CA SER G 241 2.54 55.74 -29.16
C SER G 241 1.89 54.36 -29.17
N PHE G 242 0.68 54.27 -28.66
CA PHE G 242 0.00 53.00 -28.48
C PHE G 242 -1.44 53.11 -28.98
N SER G 243 -1.58 53.64 -30.19
CA SER G 243 -2.88 53.92 -30.78
C SER G 243 -3.77 52.69 -31.10
N HIS G 244 -3.16 51.54 -31.30
CA HIS G 244 -3.89 50.30 -31.54
C HIS G 244 -4.56 49.70 -30.28
N LEU G 245 -4.25 50.25 -29.12
CA LEU G 245 -4.82 49.71 -27.91
C LEU G 245 -6.18 50.36 -27.67
N THR G 246 -7.20 49.76 -28.26
CA THR G 246 -8.59 50.17 -28.08
C THR G 246 -9.40 48.89 -27.98
N VAL G 247 -10.62 48.99 -27.44
CA VAL G 247 -11.48 47.82 -27.32
C VAL G 247 -11.89 47.29 -28.70
N MET G 248 -12.18 48.21 -29.63
CA MET G 248 -12.58 47.82 -30.96
C MET G 248 -11.48 47.04 -31.66
N SER G 249 -10.26 47.59 -31.65
CA SER G 249 -9.12 46.95 -32.28
C SER G 249 -8.71 45.62 -31.64
N PHE G 250 -8.78 45.55 -30.32
CA PHE G 250 -8.59 44.31 -29.62
C PHE G 250 -9.47 43.22 -30.24
N ILE G 251 -10.77 43.50 -30.37
CA ILE G 251 -11.73 42.52 -30.82
C ILE G 251 -11.42 42.04 -32.25
N THR G 252 -11.14 42.96 -33.15
CA THR G 252 -11.09 42.56 -34.52
C THR G 252 -9.72 42.14 -34.96
N ASP G 253 -8.71 42.61 -34.26
CA ASP G 253 -7.35 42.38 -34.73
C ASP G 253 -6.56 41.28 -33.97
N ASN G 254 -7.10 40.90 -32.82
CA ASN G 254 -6.55 39.86 -32.01
C ASN G 254 -7.60 38.84 -31.50
N LEU G 255 -8.64 39.30 -30.80
CA LEU G 255 -9.49 38.36 -30.08
C LEU G 255 -10.19 37.35 -31.02
N ILE G 256 -10.78 37.84 -32.10
CA ILE G 256 -11.49 37.01 -33.04
C ILE G 256 -10.55 35.99 -33.65
N PRO G 257 -9.52 36.44 -34.43
CA PRO G 257 -8.62 35.47 -35.09
C PRO G 257 -7.87 34.53 -34.14
N VAL G 258 -7.41 35.00 -32.99
CA VAL G 258 -6.75 34.13 -31.99
C VAL G 258 -7.69 33.04 -31.44
N THR G 259 -8.90 33.42 -31.03
CA THR G 259 -9.94 32.48 -30.60
C THR G 259 -10.21 31.38 -31.65
N ILE G 260 -10.39 31.81 -32.91
CA ILE G 260 -10.59 30.91 -34.03
C ILE G 260 -9.41 29.94 -34.06
N GLY G 261 -8.20 30.52 -33.97
CA GLY G 261 -6.95 29.77 -33.93
C GLY G 261 -6.88 28.81 -32.77
N ASN G 262 -7.21 29.28 -31.58
CA ASN G 262 -7.28 28.40 -30.41
C ASN G 262 -8.22 27.21 -30.59
N ILE G 263 -9.41 27.43 -31.17
CA ILE G 263 -10.37 26.33 -31.48
C ILE G 263 -9.79 25.32 -32.47
N ILE G 264 -9.29 25.78 -33.60
CA ILE G 264 -8.61 24.87 -34.53
C ILE G 264 -7.45 24.11 -33.83
N GLY G 265 -6.64 24.85 -33.07
CA GLY G 265 -5.52 24.32 -32.32
C GLY G 265 -5.88 23.18 -31.37
N GLY G 266 -6.79 23.46 -30.41
CA GLY G 266 -7.27 22.44 -29.45
C GLY G 266 -8.06 21.27 -30.01
N GLY G 267 -8.77 21.50 -31.15
CA GLY G 267 -9.36 20.44 -32.05
C GLY G 267 -8.45 19.43 -32.83
N LEU G 268 -7.37 19.90 -33.47
CA LEU G 268 -6.37 19.00 -34.06
C LEU G 268 -6.03 17.84 -33.16
N LEU G 269 -5.96 18.10 -31.86
CA LEU G 269 -5.46 17.09 -30.89
C LEU G 269 -6.56 16.09 -30.62
N VAL G 270 -7.76 16.53 -30.97
CA VAL G 270 -8.96 15.82 -30.71
C VAL G 270 -9.29 15.03 -31.99
N GLY G 271 -9.82 15.70 -33.02
CA GLY G 271 -10.06 15.10 -34.34
C GLY G 271 -8.74 14.67 -34.98
N LEU G 272 -8.22 13.56 -34.46
CA LEU G 272 -6.85 13.10 -34.66
C LEU G 272 -6.59 11.89 -33.77
N THR G 273 -6.83 12.07 -32.46
CA THR G 273 -6.65 11.00 -31.49
C THR G 273 -7.44 9.80 -31.97
N TYR G 274 -8.70 10.04 -32.35
CA TYR G 274 -9.44 9.02 -33.10
C TYR G 274 -9.62 9.41 -34.55
N TRP G 275 -8.57 9.12 -35.33
CA TRP G 275 -8.48 9.34 -36.79
C TRP G 275 -7.07 9.78 -37.21
N PRO H 12 -7.58 2.10 -7.97
CA PRO H 12 -6.97 3.33 -7.36
C PRO H 12 -6.62 4.48 -8.38
N ALA H 13 -5.33 4.78 -8.62
CA ALA H 13 -4.84 5.57 -9.79
C ALA H 13 -4.63 4.70 -11.09
N ALA H 14 -5.72 4.03 -11.50
CA ALA H 14 -5.86 3.34 -12.79
C ALA H 14 -5.43 4.32 -13.89
N MET H 15 -6.33 5.27 -14.14
CA MET H 15 -6.10 6.57 -14.81
C MET H 15 -4.68 6.89 -15.38
N ALA H 16 -3.69 7.05 -14.49
CA ALA H 16 -2.33 7.29 -14.88
C ALA H 16 -1.69 6.10 -15.64
N LYS H 17 -1.80 4.86 -15.14
CA LYS H 17 -1.20 3.71 -15.85
C LYS H 17 -1.88 3.53 -17.21
N VAL H 18 -3.10 4.04 -17.23
CA VAL H 18 -4.00 3.79 -18.34
C VAL H 18 -3.51 4.57 -19.54
N ALA H 19 -3.26 5.87 -19.33
CA ALA H 19 -2.63 6.70 -20.35
C ALA H 19 -1.20 6.16 -20.69
N GLU H 20 -0.45 5.74 -19.66
CA GLU H 20 0.90 5.16 -19.82
C GLU H 20 1.03 3.92 -20.74
N GLU H 21 0.01 3.04 -20.72
CA GLU H 21 0.02 1.76 -21.47
C GLU H 21 -0.26 1.91 -22.95
N ALA H 22 -1.35 2.61 -23.26
CA ALA H 22 -1.72 2.93 -24.65
C ALA H 22 -0.61 3.72 -25.37
N GLY H 23 0.20 4.48 -24.59
CA GLY H 23 1.40 5.20 -25.06
C GLY H 23 2.65 4.37 -25.41
N VAL H 24 2.66 3.06 -25.12
CA VAL H 24 3.83 2.18 -25.41
C VAL H 24 4.03 1.88 -26.93
N TYR H 25 4.54 0.69 -27.30
CA TYR H 25 4.96 0.33 -28.70
C TYR H 25 4.87 -1.23 -28.99
N LYS H 26 5.35 -1.86 -30.09
CA LYS H 26 6.02 -1.41 -31.37
C LYS H 26 6.52 -2.69 -32.12
N ALA H 27 6.45 -2.66 -33.46
CA ALA H 27 6.77 -3.78 -34.41
C ALA H 27 5.50 -4.14 -35.20
N THR H 28 4.37 -3.99 -34.49
CA THR H 28 2.95 -4.05 -34.96
C THR H 28 2.60 -3.66 -36.40
N LYS H 29 1.62 -4.42 -36.96
CA LYS H 29 1.27 -4.35 -38.40
C LYS H 29 -0.17 -3.96 -38.89
N HIS H 30 -0.77 -2.89 -38.31
CA HIS H 30 -1.59 -1.92 -39.10
C HIS H 30 -0.72 -0.65 -39.19
N PRO H 31 -0.37 -0.22 -40.43
CA PRO H 31 0.66 0.78 -40.72
C PRO H 31 0.21 2.18 -41.21
N LEU H 32 -1.06 2.54 -40.98
CA LEU H 32 -1.53 3.93 -41.15
C LEU H 32 -1.57 4.62 -39.80
N LYS H 33 -1.87 3.86 -38.74
CA LYS H 33 -1.82 4.35 -37.35
C LYS H 33 -0.37 4.63 -36.89
N THR H 34 0.57 3.82 -37.38
CA THR H 34 2.01 4.03 -37.19
C THR H 34 2.49 5.26 -37.94
N PHE H 35 2.18 5.29 -39.23
CA PHE H 35 2.33 6.45 -40.07
C PHE H 35 1.76 7.71 -39.43
N TYR H 36 0.70 7.58 -38.65
CA TYR H 36 0.12 8.78 -38.04
C TYR H 36 0.84 9.16 -36.75
N LEU H 37 1.17 8.17 -35.92
CA LEU H 37 1.98 8.40 -34.71
C LEU H 37 3.36 8.99 -35.04
N ALA H 38 3.88 8.65 -36.22
CA ALA H 38 5.14 9.22 -36.74
C ALA H 38 5.00 10.69 -37.26
N ILE H 39 3.84 11.06 -37.81
CA ILE H 39 3.55 12.47 -38.11
C ILE H 39 3.59 13.24 -36.78
N THR H 40 2.94 12.67 -35.78
CA THR H 40 2.92 13.22 -34.46
C THR H 40 4.35 13.49 -33.95
N ALA H 41 5.28 12.61 -34.26
CA ALA H 41 6.62 12.72 -33.72
C ALA H 41 7.37 13.86 -34.40
N GLY H 42 7.21 13.95 -35.71
CA GLY H 42 7.77 15.05 -36.47
C GLY H 42 7.26 16.37 -35.91
N VAL H 43 6.00 16.41 -35.48
CA VAL H 43 5.42 17.63 -34.94
C VAL H 43 6.07 17.92 -33.59
N PHE H 44 6.31 16.88 -32.79
CA PHE H 44 6.95 17.08 -31.51
C PHE H 44 8.43 17.51 -31.61
N ILE H 45 9.18 16.84 -32.48
CA ILE H 45 10.56 17.18 -32.71
C ILE H 45 10.73 18.59 -33.36
N SER H 46 9.73 19.04 -34.13
CA SER H 46 9.73 20.41 -34.64
C SER H 46 9.46 21.40 -33.52
N ILE H 47 8.55 21.06 -32.62
CA ILE H 47 8.30 21.91 -31.48
C ILE H 47 9.62 22.10 -30.68
N ALA H 48 10.33 20.99 -30.44
CA ALA H 48 11.63 21.02 -29.76
C ALA H 48 12.56 22.06 -30.43
N PHE H 49 12.62 22.02 -31.75
CA PHE H 49 13.61 22.87 -32.39
C PHE H 49 13.17 24.33 -32.39
N VAL H 50 11.85 24.58 -32.31
CA VAL H 50 11.31 25.95 -32.33
C VAL H 50 11.57 26.55 -30.97
N PHE H 51 11.30 25.77 -29.93
CA PHE H 51 11.63 26.15 -28.58
C PHE H 51 13.12 26.57 -28.54
N TYR H 52 14.01 25.70 -29.07
CA TYR H 52 15.44 25.97 -29.07
C TYR H 52 15.74 27.36 -29.70
N ILE H 53 15.17 27.61 -30.88
CA ILE H 53 15.36 28.88 -31.57
C ILE H 53 14.84 30.02 -30.73
N THR H 54 13.63 29.92 -30.23
CA THR H 54 13.12 30.97 -29.36
C THR H 54 14.13 31.31 -28.26
N ALA H 55 14.55 30.30 -27.48
CA ALA H 55 15.42 30.48 -26.32
C ALA H 55 16.78 31.09 -26.67
N THR H 56 17.35 30.70 -27.81
CA THR H 56 18.69 31.16 -28.15
C THR H 56 18.69 32.41 -29.04
N THR H 57 17.50 32.93 -29.39
CA THR H 57 17.40 34.17 -30.19
C THR H 57 17.98 35.32 -29.39
N GLY H 58 18.89 36.07 -30.02
CA GLY H 58 19.64 37.16 -29.39
C GLY H 58 20.78 36.77 -28.43
N THR H 59 21.26 35.53 -28.47
CA THR H 59 22.27 35.10 -27.50
C THR H 59 23.71 35.11 -28.07
N GLY H 60 23.87 35.78 -29.21
CA GLY H 60 25.20 36.04 -29.76
C GLY H 60 26.26 36.56 -28.80
N ALA H 61 25.89 37.31 -27.75
CA ALA H 61 26.91 37.87 -26.84
C ALA H 61 27.08 37.09 -25.53
N MET H 62 26.23 36.07 -25.29
CA MET H 62 26.36 35.12 -24.15
C MET H 62 27.52 34.17 -24.41
N PRO H 63 28.10 33.55 -23.35
CA PRO H 63 29.06 32.51 -23.58
C PRO H 63 28.44 31.39 -24.43
N TYR H 64 29.05 31.14 -25.58
CA TYR H 64 28.64 30.05 -26.47
C TYR H 64 27.94 28.87 -25.72
N GLY H 65 28.72 28.23 -24.86
CA GLY H 65 28.32 27.01 -24.21
C GLY H 65 27.13 27.15 -23.33
N MET H 66 26.94 28.33 -22.75
CA MET H 66 25.77 28.56 -21.88
C MET H 66 24.47 28.75 -22.67
N ALA H 67 24.56 29.49 -23.77
CA ALA H 67 23.42 29.64 -24.64
C ALA H 67 22.96 28.27 -25.12
N LYS H 68 23.88 27.51 -25.75
CA LYS H 68 23.64 26.17 -26.27
C LYS H 68 23.03 25.23 -25.21
N LEU H 69 23.63 25.17 -24.02
CA LEU H 69 23.10 24.34 -22.96
C LEU H 69 21.64 24.65 -22.65
N ILE H 70 21.29 25.93 -22.44
CA ILE H 70 19.89 26.35 -22.24
C ILE H 70 18.96 26.02 -23.44
N GLY H 71 19.38 26.32 -24.66
CA GLY H 71 18.60 25.84 -25.79
C GLY H 71 18.36 24.34 -25.70
N GLY H 72 19.33 23.61 -25.17
CA GLY H 72 19.33 22.16 -25.26
C GLY H 72 18.33 21.61 -24.29
N ILE H 73 18.34 22.14 -23.07
CA ILE H 73 17.33 21.83 -22.09
C ILE H 73 15.96 22.10 -22.65
N CYS H 74 15.78 23.21 -23.36
CA CYS H 74 14.49 23.54 -23.92
C CYS H 74 14.02 22.52 -24.96
N PHE H 75 14.95 22.02 -25.79
CA PHE H 75 14.71 21.06 -26.87
C PHE H 75 14.09 19.78 -26.32
N SER H 76 14.46 19.43 -25.08
CA SER H 76 14.10 18.14 -24.51
C SER H 76 12.58 17.95 -24.38
N LEU H 77 11.83 19.05 -24.53
CA LEU H 77 10.39 19.02 -24.69
C LEU H 77 9.94 18.02 -25.73
N GLY H 78 10.61 18.04 -26.90
CA GLY H 78 10.27 17.18 -28.01
C GLY H 78 10.27 15.71 -27.64
N LEU H 79 11.32 15.25 -27.00
CA LEU H 79 11.45 13.86 -26.68
C LEU H 79 10.49 13.51 -25.53
N ILE H 80 10.35 14.39 -24.54
CA ILE H 80 9.36 14.24 -23.51
C ILE H 80 7.96 14.09 -24.13
N LEU H 81 7.61 14.98 -25.04
CA LEU H 81 6.34 14.89 -25.70
C LEU H 81 6.19 13.53 -26.36
N CYS H 82 7.20 13.06 -27.12
CA CYS H 82 7.23 11.70 -27.77
C CYS H 82 7.05 10.53 -26.80
N VAL H 83 7.84 10.48 -25.74
CA VAL H 83 7.74 9.36 -24.84
C VAL H 83 6.42 9.36 -24.03
N ILE H 84 6.07 10.48 -23.38
CA ILE H 84 4.84 10.56 -22.57
C ILE H 84 3.55 10.40 -23.40
N CYS H 85 3.49 10.97 -24.61
CA CYS H 85 2.34 10.73 -25.53
C CYS H 85 2.42 9.47 -26.42
N GLY H 86 3.60 8.87 -26.54
CA GLY H 86 3.73 7.66 -27.30
C GLY H 86 3.69 7.88 -28.79
N ALA H 87 4.26 8.97 -29.27
CA ALA H 87 4.50 9.12 -30.70
C ALA H 87 5.68 8.25 -31.15
N ASP H 88 5.83 8.05 -32.45
CA ASP H 88 6.85 7.16 -33.02
C ASP H 88 8.01 7.90 -33.68
N LEU H 89 9.11 8.03 -32.97
CA LEU H 89 10.24 8.78 -33.52
C LEU H 89 11.32 7.87 -34.12
N PHE H 90 11.66 8.10 -35.38
CA PHE H 90 12.64 7.26 -36.14
C PHE H 90 13.84 6.75 -35.33
N THR H 91 13.94 5.42 -35.23
CA THR H 91 14.97 4.65 -34.49
C THR H 91 15.17 5.09 -33.04
N SER H 92 14.14 5.63 -32.43
CA SER H 92 14.32 6.15 -31.08
C SER H 92 14.14 5.09 -30.02
N THR H 93 13.45 4.02 -30.36
CA THR H 93 13.02 3.09 -29.33
C THR H 93 13.71 1.71 -29.36
N VAL H 94 14.77 1.59 -30.16
CA VAL H 94 15.44 0.29 -30.45
C VAL H 94 15.58 -0.78 -29.29
N LEU H 95 14.67 -1.77 -29.40
CA LEU H 95 14.16 -2.72 -28.34
C LEU H 95 14.60 -4.24 -28.46
N ILE H 96 14.22 -5.06 -27.47
CA ILE H 96 14.72 -6.45 -27.37
C ILE H 96 13.66 -7.52 -27.01
N VAL H 97 13.66 -8.60 -27.81
CA VAL H 97 12.80 -9.79 -27.64
C VAL H 97 13.65 -11.07 -27.45
N GLY H 108 15.63 -9.33 -38.09
CA GLY H 108 14.18 -9.56 -38.01
C GLY H 108 13.40 -9.07 -39.23
N GLN H 109 12.95 -7.82 -39.18
CA GLN H 109 12.07 -7.22 -40.21
C GLN H 109 11.92 -5.69 -39.99
N LEU H 110 12.85 -5.13 -39.19
CA LEU H 110 12.88 -3.71 -38.84
C LEU H 110 12.59 -2.80 -40.05
N ALA H 111 13.55 -2.68 -40.97
CA ALA H 111 13.44 -1.82 -42.17
C ALA H 111 12.10 -1.93 -42.90
N LYS H 112 11.65 -0.81 -43.47
CA LYS H 112 10.32 -0.67 -44.09
C LYS H 112 9.22 -0.27 -43.06
N ASN H 113 9.20 -0.91 -41.88
CA ASN H 113 8.57 -0.29 -40.72
C ASN H 113 9.28 1.04 -40.44
N TRP H 114 10.59 1.03 -40.60
CA TRP H 114 11.44 2.21 -40.57
C TRP H 114 11.09 3.21 -41.63
N LEU H 115 10.93 2.73 -42.86
CA LEU H 115 10.55 3.57 -43.97
C LEU H 115 9.22 4.26 -43.70
N ASN H 116 8.32 3.57 -43.01
CA ASN H 116 7.01 4.12 -42.73
C ASN H 116 7.15 5.28 -41.73
N VAL H 117 7.81 5.02 -40.60
CA VAL H 117 8.11 6.03 -39.59
C VAL H 117 8.86 7.25 -40.18
N TYR H 118 9.89 6.97 -40.97
CA TYR H 118 10.75 8.00 -41.49
C TYR H 118 9.98 9.01 -42.31
N PHE H 119 9.14 8.50 -43.22
CA PHE H 119 8.36 9.32 -44.14
C PHE H 119 7.27 10.11 -43.40
N GLY H 120 6.84 9.57 -42.28
CA GLY H 120 5.82 10.18 -41.45
C GLY H 120 6.36 11.26 -40.54
N ASN H 121 7.52 10.97 -39.93
CA ASN H 121 8.31 12.01 -39.26
C ASN H 121 8.49 13.19 -40.23
N LEU H 122 8.89 12.87 -41.47
CA LEU H 122 9.14 13.92 -42.46
C LEU H 122 7.89 14.76 -42.71
N ILE H 123 6.70 14.14 -42.73
CA ILE H 123 5.48 14.87 -43.06
C ILE H 123 5.10 15.75 -41.90
N GLY H 124 5.19 15.20 -40.70
CA GLY H 124 5.06 15.98 -39.49
C GLY H 124 5.92 17.23 -39.54
N ALA H 125 7.19 17.06 -39.91
CA ALA H 125 8.14 18.16 -39.83
C ALA H 125 7.81 19.22 -40.84
N LEU H 126 7.45 18.80 -42.05
CA LEU H 126 7.14 19.76 -43.11
C LEU H 126 5.82 20.51 -42.84
N LEU H 127 4.87 19.83 -42.17
CA LEU H 127 3.62 20.45 -41.80
C LEU H 127 3.89 21.57 -40.81
N PHE H 128 4.74 21.30 -39.81
CA PHE H 128 5.16 22.33 -38.85
C PHE H 128 5.96 23.44 -39.52
N VAL H 129 6.80 23.09 -40.48
CA VAL H 129 7.45 24.16 -41.25
C VAL H 129 6.41 25.11 -41.82
N LEU H 130 5.43 24.56 -42.56
CA LEU H 130 4.39 25.38 -43.19
C LEU H 130 3.66 26.18 -42.14
N LEU H 131 3.34 25.55 -41.01
CA LEU H 131 2.62 26.26 -39.95
C LEU H 131 3.41 27.44 -39.36
N MET H 132 4.67 27.20 -39.01
CA MET H 132 5.55 28.28 -38.55
C MET H 132 5.72 29.37 -39.59
N TRP H 133 5.83 29.02 -40.87
CA TRP H 133 5.91 30.03 -41.89
C TRP H 133 4.70 30.99 -41.88
N LEU H 134 3.52 30.42 -41.79
CA LEU H 134 2.27 31.15 -41.86
C LEU H 134 2.01 32.02 -40.59
N SER H 135 2.71 31.66 -39.52
CA SER H 135 2.64 32.31 -38.25
C SER H 135 3.31 33.68 -38.27
N GLY H 136 4.23 33.86 -39.22
CA GLY H 136 5.05 35.05 -39.32
C GLY H 136 6.24 35.07 -38.38
N GLU H 137 6.47 33.97 -37.62
CA GLU H 137 7.42 33.96 -36.51
C GLU H 137 8.83 34.44 -36.88
N TYR H 138 9.21 34.33 -38.17
CA TYR H 138 10.58 34.57 -38.58
C TYR H 138 10.97 36.00 -38.39
N MET H 139 9.95 36.90 -38.37
CA MET H 139 10.11 38.36 -38.08
C MET H 139 10.25 38.70 -36.56
N THR H 140 10.09 37.72 -35.68
CA THR H 140 10.20 37.96 -34.26
C THR H 140 11.55 38.60 -33.92
N ALA H 141 11.56 39.52 -32.95
CA ALA H 141 12.80 40.13 -32.47
C ALA H 141 13.54 40.84 -33.63
N ASN H 142 12.76 41.56 -34.44
CA ASN H 142 13.22 42.37 -35.52
C ASN H 142 14.01 41.53 -36.51
N GLY H 143 13.47 40.35 -36.79
CA GLY H 143 14.08 39.38 -37.71
C GLY H 143 15.14 38.47 -37.12
N GLN H 144 15.58 38.70 -35.88
CA GLN H 144 16.63 37.87 -35.30
C GLN H 144 16.25 36.37 -35.14
N TRP H 145 14.96 36.08 -34.96
CA TRP H 145 14.46 34.72 -34.84
C TRP H 145 14.72 33.94 -36.16
N GLY H 146 14.39 34.56 -37.29
CA GLY H 146 14.59 33.94 -38.60
C GLY H 146 16.05 33.85 -39.01
N LEU H 147 16.81 34.90 -38.71
CA LEU H 147 18.25 34.84 -38.84
C LEU H 147 18.86 33.67 -38.00
N ASN H 148 18.40 33.52 -36.77
CA ASN H 148 18.78 32.38 -35.99
C ASN H 148 18.56 31.04 -36.73
N VAL H 149 17.38 30.87 -37.35
CA VAL H 149 17.06 29.66 -38.12
C VAL H 149 18.00 29.47 -39.33
N LEU H 150 18.24 30.56 -40.07
CA LEU H 150 19.13 30.53 -41.25
C LEU H 150 20.51 30.12 -40.84
N GLN H 151 21.04 30.73 -39.77
CA GLN H 151 22.37 30.37 -39.24
C GLN H 151 22.45 29.00 -38.61
N THR H 152 21.42 28.58 -37.93
CA THR H 152 21.42 27.24 -37.35
C THR H 152 21.38 26.17 -38.43
N ALA H 153 20.62 26.44 -39.49
CA ALA H 153 20.48 25.52 -40.57
C ALA H 153 21.78 25.52 -41.32
N ASP H 154 22.33 26.71 -41.57
CA ASP H 154 23.52 26.80 -42.41
C ASP H 154 24.70 26.03 -41.80
N HIS H 155 24.89 26.17 -40.48
CA HIS H 155 25.95 25.49 -39.73
C HIS H 155 25.87 23.96 -39.86
N LYS H 156 24.70 23.43 -40.20
CA LYS H 156 24.55 22.00 -40.39
C LYS H 156 24.86 21.60 -41.82
N MET H 157 25.14 22.59 -42.66
CA MET H 157 25.37 22.33 -44.11
C MET H 157 26.82 22.18 -44.56
N HIS H 158 27.79 22.39 -43.69
CA HIS H 158 29.18 22.38 -44.14
C HIS H 158 30.04 21.22 -43.69
N HIS H 159 29.46 20.12 -43.23
CA HIS H 159 30.23 18.94 -42.80
C HIS H 159 30.75 18.12 -43.98
N THR H 160 31.91 17.49 -43.83
CA THR H 160 32.31 16.46 -44.77
C THR H 160 31.41 15.26 -44.44
N PHE H 161 31.36 14.25 -45.31
CA PHE H 161 30.44 13.14 -45.15
C PHE H 161 30.76 12.39 -43.86
N ILE H 162 32.04 12.11 -43.62
CA ILE H 162 32.42 11.32 -42.45
C ILE H 162 32.05 12.11 -41.20
N GLU H 163 32.24 13.42 -41.23
CA GLU H 163 31.74 14.26 -40.10
C GLU H 163 30.25 14.07 -39.82
N ALA H 164 29.44 14.22 -40.87
CA ALA H 164 28.00 14.20 -40.78
C ALA H 164 27.53 12.85 -40.30
N VAL H 165 28.11 11.76 -40.83
CA VAL H 165 27.84 10.44 -40.30
C VAL H 165 28.11 10.37 -38.77
N CYS H 166 29.26 10.88 -38.32
CA CYS H 166 29.66 10.75 -36.92
C CYS H 166 28.81 11.59 -35.97
N LEU H 167 28.48 12.81 -36.38
CA LEU H 167 27.57 13.62 -35.60
C LEU H 167 26.18 12.94 -35.49
N GLY H 168 25.71 12.31 -36.56
CA GLY H 168 24.54 11.46 -36.48
C GLY H 168 24.67 10.21 -35.58
N ILE H 169 25.82 9.53 -35.59
CA ILE H 169 26.07 8.46 -34.61
C ILE H 169 25.91 9.02 -33.18
N LEU H 170 26.63 10.10 -32.90
CA LEU H 170 26.68 10.70 -31.59
C LEU H 170 25.28 11.11 -31.10
N ALA H 171 24.47 11.64 -32.04
CA ALA H 171 23.11 12.16 -31.75
C ALA H 171 22.19 11.03 -31.33
N ASN H 172 22.03 10.05 -32.18
CA ASN H 172 21.11 9.01 -31.90
C ASN H 172 21.52 8.11 -30.74
N LEU H 173 22.82 7.98 -30.51
CA LEU H 173 23.31 7.34 -29.29
C LEU H 173 22.67 7.97 -28.06
N MET H 174 22.71 9.31 -28.00
CA MET H 174 22.10 10.05 -26.90
C MET H 174 20.58 9.89 -26.84
N VAL H 175 19.90 9.95 -27.98
CA VAL H 175 18.45 9.82 -27.99
C VAL H 175 18.03 8.45 -27.48
N CYS H 176 18.73 7.40 -27.93
CA CYS H 176 18.41 6.03 -27.55
C CYS H 176 18.69 5.75 -26.09
N LEU H 177 19.71 6.39 -25.53
CA LEU H 177 20.03 6.19 -24.14
C LEU H 177 19.00 6.90 -23.27
N ALA H 178 18.55 8.04 -23.75
CA ALA H 178 17.53 8.84 -23.08
C ALA H 178 16.25 8.01 -22.93
N VAL H 179 15.78 7.53 -24.07
CA VAL H 179 14.55 6.73 -24.15
C VAL H 179 14.72 5.45 -23.33
N TRP H 180 15.87 4.79 -23.45
CA TRP H 180 16.17 3.61 -22.67
C TRP H 180 16.07 3.86 -21.19
N MET H 181 16.70 4.92 -20.70
CA MET H 181 16.63 5.26 -19.27
C MET H 181 15.17 5.50 -18.84
N SER H 182 14.41 6.09 -19.75
CA SER H 182 13.02 6.43 -19.55
C SER H 182 12.19 5.21 -19.08
N TYR H 183 12.48 4.02 -19.63
CA TYR H 183 11.81 2.80 -19.18
C TYR H 183 11.91 2.51 -17.69
N SER H 184 13.07 2.70 -17.07
CA SER H 184 13.13 2.48 -15.63
C SER H 184 12.14 3.37 -14.86
N GLY H 185 11.53 4.33 -15.58
CA GLY H 185 10.77 5.38 -14.95
C GLY H 185 9.53 4.83 -14.35
N ARG H 186 9.19 5.27 -13.16
CA ARG H 186 7.87 4.94 -12.63
C ARG H 186 6.90 6.11 -12.73
N SER H 187 7.36 7.31 -12.40
CA SER H 187 6.53 8.50 -12.46
C SER H 187 6.68 9.24 -13.78
N LEU H 188 5.81 10.25 -13.96
CA LEU H 188 5.92 11.18 -15.05
C LEU H 188 7.22 11.96 -14.89
N MET H 189 7.44 12.49 -13.69
CA MET H 189 8.68 13.12 -13.28
C MET H 189 9.89 12.29 -13.70
N ASP H 190 9.97 11.02 -13.28
CA ASP H 190 11.07 10.13 -13.67
C ASP H 190 11.29 10.12 -15.15
N LYS H 191 10.23 9.83 -15.92
CA LYS H 191 10.34 9.56 -17.34
C LYS H 191 10.70 10.80 -18.10
N ALA H 192 10.15 11.93 -17.67
CA ALA H 192 10.44 13.14 -18.40
C ALA H 192 11.86 13.61 -18.12
N PHE H 193 12.18 13.77 -16.85
CA PHE H 193 13.29 14.54 -16.41
C PHE H 193 14.60 13.76 -16.51
N ILE H 194 14.54 12.44 -16.58
CA ILE H 194 15.76 11.65 -16.85
C ILE H 194 16.34 11.88 -18.27
N MET H 195 15.50 12.42 -19.18
CA MET H 195 15.86 12.63 -20.56
C MET H 195 16.45 14.00 -20.84
N VAL H 196 16.28 14.95 -19.92
CA VAL H 196 16.77 16.32 -20.13
C VAL H 196 18.29 16.37 -20.44
N LEU H 197 19.08 15.87 -19.49
CA LEU H 197 20.51 15.87 -19.55
C LEU H 197 21.07 15.20 -20.86
N PRO H 198 20.66 13.94 -21.18
CA PRO H 198 21.19 13.41 -22.47
C PRO H 198 20.68 14.16 -23.73
N VAL H 199 19.47 14.70 -23.70
CA VAL H 199 19.01 15.42 -24.88
C VAL H 199 19.71 16.76 -24.97
N ALA H 200 19.74 17.50 -23.86
CA ALA H 200 20.53 18.74 -23.79
C ALA H 200 21.97 18.56 -24.27
N MET H 201 22.62 17.49 -23.81
CA MET H 201 23.98 17.21 -24.20
C MET H 201 24.15 17.20 -25.72
N PHE H 202 23.40 16.37 -26.43
CA PHE H 202 23.51 16.22 -27.88
C PHE H 202 23.13 17.47 -28.65
N VAL H 203 22.14 18.20 -28.16
CA VAL H 203 21.72 19.41 -28.87
C VAL H 203 22.73 20.56 -28.72
N ALA H 204 23.17 20.78 -27.48
CA ALA H 204 24.15 21.84 -27.19
C ALA H 204 25.49 21.55 -27.88
N SER H 205 25.85 20.27 -27.98
CA SER H 205 27.07 19.84 -28.66
C SER H 205 26.92 19.86 -30.18
N GLY H 206 25.72 20.07 -30.70
CA GLY H 206 25.51 20.17 -32.14
C GLY H 206 25.60 18.83 -32.84
N PHE H 207 25.31 17.73 -32.15
CA PHE H 207 25.23 16.45 -32.85
C PHE H 207 24.04 16.50 -33.81
N GLU H 208 23.91 15.55 -34.72
CA GLU H 208 22.94 15.68 -35.81
C GLU H 208 21.83 14.63 -35.79
N HIS H 209 20.61 15.08 -35.52
CA HIS H 209 19.49 14.21 -35.63
C HIS H 209 18.71 14.45 -36.94
N SER H 210 18.54 13.40 -37.77
CA SER H 210 17.87 13.53 -39.08
C SER H 210 16.44 14.11 -39.00
N ILE H 211 15.68 13.66 -38.02
CA ILE H 211 14.30 14.13 -37.88
C ILE H 211 14.25 15.60 -37.45
N ALA H 212 15.04 15.95 -36.43
CA ALA H 212 15.24 17.36 -36.11
C ALA H 212 15.62 18.18 -37.36
N ASN H 213 16.55 17.68 -38.18
CA ASN H 213 16.96 18.38 -39.40
C ASN H 213 15.87 18.49 -40.48
N MET H 214 14.91 17.56 -40.48
CA MET H 214 13.76 17.65 -41.35
C MET H 214 12.86 18.82 -41.02
N PHE H 215 12.94 19.34 -39.79
CA PHE H 215 12.33 20.67 -39.54
C PHE H 215 13.31 21.80 -39.88
N MET H 216 14.47 21.79 -39.20
CA MET H 216 15.41 22.93 -39.20
C MET H 216 15.92 23.48 -40.58
N ILE H 217 16.39 22.60 -41.45
CA ILE H 217 16.94 23.01 -42.74
C ILE H 217 15.82 23.45 -43.71
N PRO H 218 14.76 22.61 -43.91
CA PRO H 218 13.62 23.14 -44.67
C PRO H 218 13.09 24.47 -44.11
N MET H 219 12.99 24.61 -42.78
CA MET H 219 12.59 25.91 -42.23
C MET H 219 13.51 27.04 -42.75
N GLY H 220 14.84 26.77 -42.75
CA GLY H 220 15.86 27.67 -43.28
C GLY H 220 15.64 27.96 -44.76
N ILE H 221 15.51 26.91 -45.56
CA ILE H 221 15.17 27.05 -47.01
C ILE H 221 13.94 27.97 -47.32
N VAL H 222 12.85 27.75 -46.62
CA VAL H 222 11.65 28.58 -46.75
C VAL H 222 11.97 30.01 -46.32
N ILE H 223 12.73 30.19 -45.22
CA ILE H 223 13.06 31.57 -44.82
C ILE H 223 13.93 32.24 -45.89
N ARG H 224 14.97 31.54 -46.33
CA ARG H 224 15.85 32.03 -47.38
C ARG H 224 15.12 32.41 -48.65
N ASP H 225 14.16 31.60 -49.06
CA ASP H 225 13.44 31.79 -50.34
C ASP H 225 12.27 32.76 -50.33
N PHE H 226 11.62 32.88 -49.19
CA PHE H 226 10.40 33.66 -49.13
C PHE H 226 10.43 34.86 -48.21
N ALA H 227 11.54 35.14 -47.54
CA ALA H 227 11.62 36.30 -46.67
C ALA H 227 11.51 37.57 -47.51
N THR H 228 10.91 38.61 -46.95
CA THR H 228 10.76 39.86 -47.66
C THR H 228 12.06 40.68 -47.76
N PRO H 229 12.11 41.67 -48.66
CA PRO H 229 13.30 42.50 -48.62
C PRO H 229 13.42 43.18 -47.28
N GLU H 230 12.32 43.62 -46.69
CA GLU H 230 12.39 44.22 -45.36
C GLU H 230 13.15 43.37 -44.31
N PHE H 231 12.99 42.04 -44.37
CA PHE H 231 13.63 41.14 -43.41
C PHE H 231 15.13 41.19 -43.57
N TRP H 232 15.61 41.05 -44.82
CA TRP H 232 17.06 41.11 -45.13
C TRP H 232 17.79 42.42 -44.74
N THR H 233 17.10 43.55 -44.90
CA THR H 233 17.60 44.83 -44.41
C THR H 233 17.70 44.85 -42.91
N ALA H 234 16.63 44.46 -42.20
CA ALA H 234 16.65 44.41 -40.73
C ALA H 234 17.74 43.54 -40.18
N VAL H 235 18.00 42.39 -40.77
CA VAL H 235 18.98 41.50 -40.17
C VAL H 235 20.37 41.62 -40.80
N GLY H 236 20.50 42.46 -41.82
CA GLY H 236 21.79 42.81 -42.38
C GLY H 236 22.46 41.68 -43.14
N SER H 237 21.69 41.00 -43.97
CA SER H 237 22.19 39.86 -44.73
C SER H 237 21.37 39.79 -46.02
N SER H 238 21.55 38.71 -46.78
CA SER H 238 20.86 38.58 -48.06
C SER H 238 20.62 37.10 -48.32
N PRO H 239 19.71 36.76 -49.27
CA PRO H 239 19.57 35.31 -49.59
C PRO H 239 20.85 34.62 -50.13
N GLU H 240 21.77 35.41 -50.69
CA GLU H 240 23.05 34.89 -51.16
C GLU H 240 23.96 34.41 -50.07
N SER H 241 23.87 35.02 -48.88
CA SER H 241 24.69 34.63 -47.77
C SER H 241 24.41 33.19 -47.29
N PHE H 242 23.37 32.59 -47.86
CA PHE H 242 22.92 31.28 -47.45
C PHE H 242 22.70 30.38 -48.62
N SER H 243 23.69 30.33 -49.51
CA SER H 243 23.61 29.56 -50.74
C SER H 243 23.54 28.03 -50.59
N HIS H 244 23.91 27.49 -49.44
CA HIS H 244 23.82 26.03 -49.28
C HIS H 244 22.44 25.54 -48.82
N LEU H 245 21.57 26.46 -48.38
CA LEU H 245 20.21 26.08 -48.03
C LEU H 245 19.38 25.86 -49.28
N THR H 246 19.51 24.66 -49.86
CA THR H 246 18.61 24.21 -50.92
C THR H 246 18.15 22.79 -50.62
N VAL H 247 17.01 22.37 -51.16
CA VAL H 247 16.53 20.98 -51.03
C VAL H 247 17.60 19.96 -51.51
N MET H 248 18.17 20.18 -52.69
CA MET H 248 19.18 19.25 -53.21
C MET H 248 20.40 19.08 -52.30
N SER H 249 20.98 20.20 -51.83
CA SER H 249 22.07 20.17 -50.86
C SER H 249 21.68 19.56 -49.51
N PHE H 250 20.51 19.92 -48.98
CA PHE H 250 20.01 19.33 -47.77
C PHE H 250 20.03 17.80 -47.88
N ILE H 251 19.40 17.25 -48.93
CA ILE H 251 19.38 15.76 -49.11
C ILE H 251 20.76 15.09 -49.17
N THR H 252 21.64 15.62 -50.03
CA THR H 252 22.97 15.04 -50.18
C THR H 252 23.95 15.30 -49.00
N ASP H 253 24.16 16.58 -48.65
CA ASP H 253 25.17 16.96 -47.69
C ASP H 253 24.80 16.82 -46.22
N ASN H 254 23.50 16.67 -45.95
CA ASN H 254 23.09 16.47 -44.58
C ASN H 254 22.25 15.20 -44.36
N LEU H 255 21.10 15.14 -45.02
CA LEU H 255 20.07 14.17 -44.63
C LEU H 255 20.57 12.74 -44.76
N ILE H 256 21.14 12.43 -45.93
CA ILE H 256 21.67 11.09 -46.20
C ILE H 256 22.73 10.69 -45.14
N PRO H 257 23.87 11.42 -45.08
CA PRO H 257 24.93 10.99 -44.15
C PRO H 257 24.49 11.00 -42.70
N VAL H 258 23.68 11.99 -42.31
CA VAL H 258 23.16 12.05 -40.93
C VAL H 258 22.26 10.86 -40.57
N THR H 259 21.37 10.48 -41.48
CA THR H 259 20.46 9.31 -41.28
C THR H 259 21.28 7.99 -41.21
N ILE H 260 22.24 7.82 -42.12
CA ILE H 260 23.10 6.65 -42.04
C ILE H 260 23.69 6.63 -40.64
N GLY H 261 24.34 7.73 -40.25
CA GLY H 261 24.85 7.90 -38.89
C GLY H 261 23.89 7.61 -37.73
N ASN H 262 22.66 8.14 -37.77
CA ASN H 262 21.63 7.78 -36.78
C ASN H 262 21.36 6.26 -36.70
N ILE H 263 21.32 5.59 -37.85
CA ILE H 263 21.14 4.12 -37.88
C ILE H 263 22.28 3.37 -37.18
N ILE H 264 23.50 3.72 -37.51
CA ILE H 264 24.64 3.14 -36.82
C ILE H 264 24.57 3.46 -35.32
N GLY H 265 24.12 4.68 -35.03
CA GLY H 265 24.18 5.22 -33.69
C GLY H 265 23.20 4.54 -32.77
N GLY H 266 21.99 4.30 -33.27
CA GLY H 266 20.98 3.56 -32.53
C GLY H 266 21.32 2.07 -32.45
N GLY H 267 21.94 1.54 -33.52
CA GLY H 267 22.33 0.13 -33.58
C GLY H 267 23.76 -0.22 -33.17
N LEU H 268 24.24 0.34 -32.04
CA LEU H 268 25.43 -0.14 -31.34
C LEU H 268 25.04 -0.91 -30.06
N LEU H 269 24.72 -2.21 -30.18
CA LEU H 269 24.37 -3.09 -29.03
C LEU H 269 25.53 -4.04 -28.71
N LEU I 9 12.13 -3.73 17.93
CA LEU I 9 13.26 -3.20 17.12
C LEU I 9 14.52 -4.12 17.15
N LEU I 10 15.23 -4.17 16.02
CA LEU I 10 16.40 -5.07 15.79
C LEU I 10 17.64 -4.31 15.29
N LEU I 11 18.82 -4.66 15.82
CA LEU I 11 20.07 -4.03 15.37
C LEU I 11 21.13 -4.88 14.62
N PRO I 12 20.70 -5.92 13.86
CA PRO I 12 21.65 -6.28 12.79
C PRO I 12 21.55 -5.31 11.59
N ALA I 13 21.32 -5.83 10.39
CA ALA I 13 21.62 -5.11 9.16
C ALA I 13 23.17 -5.07 8.99
N ALA I 14 23.75 -6.28 9.03
CA ALA I 14 25.03 -6.57 8.39
C ALA I 14 24.63 -6.82 6.94
N MET I 15 24.38 -5.68 6.28
CA MET I 15 24.25 -5.51 4.83
C MET I 15 25.59 -5.77 4.17
N ALA I 16 26.66 -5.82 4.98
CA ALA I 16 28.00 -6.21 4.54
C ALA I 16 27.95 -7.51 3.76
N LYS I 17 27.18 -8.47 4.27
CA LYS I 17 27.00 -9.76 3.62
C LYS I 17 26.42 -9.63 2.21
N VAL I 18 25.35 -8.85 2.11
CA VAL I 18 24.74 -8.54 0.82
C VAL I 18 25.78 -7.81 -0.04
N ALA I 19 26.41 -6.78 0.54
CA ALA I 19 27.53 -6.08 -0.11
C ALA I 19 28.60 -7.08 -0.60
N GLU I 20 29.00 -8.00 0.28
CA GLU I 20 30.03 -9.02 -0.02
C GLU I 20 29.68 -10.03 -1.11
N GLU I 21 28.45 -10.54 -1.11
CA GLU I 21 28.02 -11.51 -2.11
C GLU I 21 27.92 -10.88 -3.50
N ALA I 22 27.21 -9.74 -3.58
CA ALA I 22 27.22 -8.84 -4.74
C ALA I 22 28.63 -8.72 -5.34
N GLY I 23 29.61 -8.49 -4.45
CA GLY I 23 31.01 -8.36 -4.82
C GLY I 23 31.64 -9.64 -5.32
N VAL I 24 31.19 -10.78 -4.80
CA VAL I 24 31.71 -12.05 -5.23
C VAL I 24 31.18 -12.38 -6.62
N TYR I 25 29.94 -11.97 -6.95
CA TYR I 25 29.40 -12.23 -8.29
C TYR I 25 30.11 -11.37 -9.30
N LYS I 26 30.28 -10.10 -8.94
CA LYS I 26 30.81 -9.08 -9.86
C LYS I 26 32.27 -9.34 -10.16
N ALA I 27 32.99 -9.79 -9.13
CA ALA I 27 34.44 -10.06 -9.21
C ALA I 27 34.87 -11.27 -10.06
N THR I 28 34.05 -12.32 -10.11
CA THR I 28 34.50 -13.58 -10.70
C THR I 28 33.59 -14.11 -11.80
N LYS I 29 32.34 -13.69 -11.77
CA LYS I 29 31.34 -14.32 -12.60
C LYS I 29 31.14 -13.67 -13.95
N HIS I 30 29.95 -13.87 -14.50
CA HIS I 30 29.69 -13.86 -15.94
C HIS I 30 30.84 -13.39 -16.85
N PRO I 31 31.01 -14.09 -18.01
CA PRO I 31 32.37 -14.26 -18.56
C PRO I 31 33.26 -12.99 -18.37
N LEU I 32 32.76 -11.93 -19.02
CA LEU I 32 33.43 -10.71 -19.35
C LEU I 32 32.35 -9.85 -20.04
N LYS I 33 31.07 -10.18 -19.81
CA LYS I 33 30.00 -9.21 -20.00
C LYS I 33 30.36 -7.97 -19.16
N THR I 34 31.24 -8.17 -18.18
CA THR I 34 31.92 -7.13 -17.37
C THR I 34 32.83 -6.24 -18.20
N PHE I 35 33.78 -6.85 -18.88
CA PHE I 35 34.59 -6.15 -19.87
C PHE I 35 33.68 -5.25 -20.72
N TYR I 36 32.68 -5.84 -21.39
CA TYR I 36 31.82 -5.02 -22.24
C TYR I 36 30.99 -3.96 -21.47
N LEU I 37 30.63 -4.26 -20.24
CA LEU I 37 30.04 -3.23 -19.43
C LEU I 37 31.03 -2.11 -19.11
N ALA I 38 32.31 -2.43 -19.02
CA ALA I 38 33.32 -1.45 -18.64
C ALA I 38 33.63 -0.53 -19.81
N ILE I 39 33.55 -1.06 -21.03
CA ILE I 39 33.73 -0.29 -22.25
C ILE I 39 32.62 0.70 -22.27
N THR I 40 31.45 0.23 -21.90
CA THR I 40 30.25 1.08 -21.88
C THR I 40 30.41 2.26 -20.91
N ALA I 41 30.96 2.01 -19.74
CA ALA I 41 31.19 3.07 -18.77
C ALA I 41 32.25 4.03 -19.30
N GLY I 42 33.22 3.54 -20.07
CA GLY I 42 34.23 4.42 -20.61
C GLY I 42 33.56 5.42 -21.53
N VAL I 43 32.52 4.96 -22.23
CA VAL I 43 31.81 5.78 -23.19
C VAL I 43 31.02 6.77 -22.38
N PHE I 44 30.42 6.31 -21.29
CA PHE I 44 29.56 7.18 -20.53
C PHE I 44 30.36 8.27 -19.93
N ILE I 45 31.55 7.95 -19.40
CA ILE I 45 32.37 9.01 -18.78
C ILE I 45 32.96 10.00 -19.81
N SER I 46 33.22 9.53 -21.02
CA SER I 46 33.59 10.39 -22.14
C SER I 46 32.48 11.37 -22.48
N ILE I 47 31.25 10.89 -22.49
CA ILE I 47 30.06 11.68 -22.74
C ILE I 47 29.95 12.81 -21.71
N ALA I 48 30.16 12.43 -20.47
CA ALA I 48 30.16 13.39 -19.42
C ALA I 48 31.18 14.48 -19.70
N PHE I 49 32.36 14.12 -20.24
CA PHE I 49 33.41 15.12 -20.38
C PHE I 49 33.19 15.96 -21.61
N VAL I 50 32.53 15.38 -22.61
CA VAL I 50 32.17 16.12 -23.82
C VAL I 50 31.08 17.13 -23.46
N PHE I 51 30.15 16.68 -22.61
CA PHE I 51 29.10 17.58 -22.10
C PHE I 51 29.76 18.74 -21.37
N TYR I 52 30.68 18.46 -20.46
CA TYR I 52 31.36 19.51 -19.71
C TYR I 52 32.06 20.53 -20.62
N ILE I 53 32.72 20.04 -21.66
CA ILE I 53 33.43 20.93 -22.60
C ILE I 53 32.49 21.86 -23.37
N THR I 54 31.35 21.30 -23.79
CA THR I 54 30.39 22.03 -24.56
C THR I 54 29.83 23.14 -23.70
N ALA I 55 29.32 22.79 -22.52
CA ALA I 55 28.74 23.81 -21.61
C ALA I 55 29.69 24.92 -21.18
N THR I 56 30.99 24.62 -21.10
CA THR I 56 31.95 25.61 -20.63
C THR I 56 32.67 26.38 -21.74
N THR I 57 32.44 26.00 -23.00
CA THR I 57 33.02 26.68 -24.15
C THR I 57 32.62 28.16 -24.15
N GLY I 58 33.60 29.04 -24.30
CA GLY I 58 33.40 30.48 -24.29
C GLY I 58 33.03 31.10 -22.95
N THR I 59 33.32 30.40 -21.86
CA THR I 59 32.98 30.94 -20.54
C THR I 59 34.12 31.69 -19.84
N GLY I 60 35.20 31.93 -20.58
CA GLY I 60 36.38 32.71 -20.11
C GLY I 60 36.12 33.99 -19.33
N ALA I 61 35.03 34.68 -19.66
CA ALA I 61 34.62 35.93 -19.06
C ALA I 61 33.52 35.79 -17.96
N MET I 62 32.94 34.59 -17.80
CA MET I 62 32.07 34.31 -16.65
C MET I 62 32.91 34.26 -15.36
N PRO I 63 32.29 34.51 -14.22
CA PRO I 63 33.03 34.10 -13.00
C PRO I 63 33.58 32.69 -13.13
N TYR I 64 34.81 32.50 -12.66
CA TYR I 64 35.44 31.19 -12.62
C TYR I 64 34.50 30.12 -12.07
N GLY I 65 34.19 30.24 -10.77
CA GLY I 65 33.37 29.29 -10.05
C GLY I 65 32.08 28.87 -10.68
N MET I 66 31.38 29.83 -11.31
CA MET I 66 30.05 29.63 -11.92
C MET I 66 30.09 28.78 -13.18
N ALA I 67 31.09 29.02 -14.02
CA ALA I 67 31.31 28.20 -15.23
C ALA I 67 31.60 26.72 -14.88
N LYS I 68 32.61 26.50 -14.05
CA LYS I 68 32.92 25.23 -13.44
C LYS I 68 31.74 24.51 -12.80
N LEU I 69 30.99 25.22 -11.92
CA LEU I 69 29.79 24.64 -11.36
C LEU I 69 28.84 24.15 -12.48
N ILE I 70 28.58 24.96 -13.52
CA ILE I 70 27.62 24.55 -14.54
C ILE I 70 28.10 23.32 -15.28
N GLY I 71 29.35 23.35 -15.68
CA GLY I 71 30.00 22.20 -16.29
C GLY I 71 29.93 20.95 -15.42
N GLY I 72 30.15 21.08 -14.12
CA GLY I 72 30.06 19.96 -13.20
C GLY I 72 28.69 19.30 -13.19
N ILE I 73 27.62 20.09 -13.06
CA ILE I 73 26.29 19.57 -13.20
C ILE I 73 26.16 18.79 -14.51
N CYS I 74 26.59 19.37 -15.62
CA CYS I 74 26.43 18.66 -16.90
C CYS I 74 27.21 17.36 -16.91
N PHE I 75 28.38 17.38 -16.27
CA PHE I 75 29.23 16.22 -16.13
C PHE I 75 28.50 15.03 -15.53
N SER I 76 27.61 15.32 -14.58
CA SER I 76 26.94 14.27 -13.80
C SER I 76 26.13 13.30 -14.64
N LEU I 77 25.79 13.70 -15.88
CA LEU I 77 25.17 12.81 -16.87
C LEU I 77 25.89 11.47 -16.95
N GLY I 78 27.22 11.54 -16.92
CA GLY I 78 27.98 10.32 -17.06
C GLY I 78 27.72 9.29 -15.97
N LEU I 79 27.77 9.73 -14.71
CA LEU I 79 27.61 8.81 -13.63
C LEU I 79 26.16 8.29 -13.59
N ILE I 80 25.21 9.16 -13.96
CA ILE I 80 23.80 8.82 -14.04
C ILE I 80 23.66 7.68 -15.05
N LEU I 81 24.23 7.91 -16.24
CA LEU I 81 24.30 6.87 -17.26
C LEU I 81 24.85 5.53 -16.69
N CYS I 82 25.90 5.60 -15.89
CA CYS I 82 26.53 4.38 -15.38
C CYS I 82 25.64 3.65 -14.40
N VAL I 83 25.14 4.39 -13.41
CA VAL I 83 24.26 3.81 -12.39
C VAL I 83 22.89 3.34 -12.91
N ILE I 84 22.20 4.17 -13.71
CA ILE I 84 20.90 3.77 -14.29
C ILE I 84 21.00 2.62 -15.31
N CYS I 85 22.01 2.63 -16.19
CA CYS I 85 22.15 1.51 -17.18
C CYS I 85 23.02 0.36 -16.69
N GLY I 86 23.63 0.47 -15.52
CA GLY I 86 24.43 -0.63 -14.97
C GLY I 86 25.73 -0.89 -15.72
N ALA I 87 26.38 0.18 -16.18
CA ALA I 87 27.71 0.06 -16.74
C ALA I 87 28.73 -0.05 -15.61
N ASP I 88 29.95 -0.50 -15.95
CA ASP I 88 31.03 -0.75 -14.96
C ASP I 88 32.15 0.28 -14.90
N LEU I 89 32.09 1.21 -13.96
CA LEU I 89 33.13 2.22 -13.83
C LEU I 89 34.13 1.90 -12.73
N PHE I 90 35.40 1.84 -13.10
CA PHE I 90 36.50 1.57 -12.18
C PHE I 90 36.34 2.17 -10.78
N THR I 91 36.47 1.30 -9.78
CA THR I 91 36.46 1.66 -8.36
C THR I 91 35.41 2.63 -7.87
N SER I 92 34.26 2.61 -8.55
CA SER I 92 33.03 2.85 -7.84
C SER I 92 31.78 2.75 -8.59
N THR I 93 30.78 2.22 -7.87
CA THR I 93 31.03 1.69 -6.49
C THR I 93 31.49 0.23 -6.59
N VAL I 94 32.74 0.10 -7.01
CA VAL I 94 33.41 -1.16 -6.77
C VAL I 94 34.10 -0.96 -5.36
N LEU I 95 33.27 -0.40 -4.45
CA LEU I 95 33.31 -0.63 -2.98
C LEU I 95 32.73 -1.99 -2.64
N ILE I 96 32.55 -2.82 -3.63
CA ILE I 96 31.78 -4.01 -3.48
C ILE I 96 32.75 -5.11 -3.88
N VAL I 97 33.70 -4.73 -4.73
CA VAL I 97 34.76 -5.61 -5.18
C VAL I 97 35.92 -5.59 -4.19
N VAL I 98 36.34 -4.39 -3.78
CA VAL I 98 37.40 -4.24 -2.76
C VAL I 98 36.76 -4.54 -1.42
N ALA I 99 36.68 -3.48 -0.63
CA ALA I 99 35.64 -3.26 0.35
C ALA I 99 34.60 -4.34 0.34
N LYS I 100 34.30 -4.83 1.53
CA LYS I 100 33.62 -6.09 1.62
C LYS I 100 34.39 -6.99 0.61
N ALA I 101 33.73 -7.73 -0.26
CA ALA I 101 34.38 -8.86 -0.98
C ALA I 101 35.69 -9.34 -0.33
N SER I 102 35.68 -9.40 1.01
CA SER I 102 36.84 -9.87 1.81
C SER I 102 36.46 -11.05 2.67
N GLY I 103 37.41 -11.99 2.75
CA GLY I 103 37.09 -13.38 2.97
C GLY I 103 37.26 -14.07 1.62
N ARG I 104 36.23 -13.94 0.77
CA ARG I 104 36.07 -14.81 -0.43
C ARG I 104 36.65 -14.35 -1.77
N ILE I 105 37.82 -13.68 -1.75
CA ILE I 105 38.44 -13.21 -2.99
C ILE I 105 39.98 -13.17 -2.92
N THR I 106 40.64 -14.01 -3.74
CA THR I 106 42.12 -14.02 -3.85
C THR I 106 42.61 -12.74 -4.53
N TRP I 107 43.59 -12.07 -3.92
CA TRP I 107 44.18 -10.85 -4.46
C TRP I 107 44.24 -10.87 -5.99
N GLY I 108 44.52 -12.04 -6.56
CA GLY I 108 44.59 -12.23 -8.02
C GLY I 108 43.25 -12.29 -8.76
N GLN I 109 42.16 -12.23 -8.01
CA GLN I 109 40.82 -12.03 -8.60
C GLN I 109 40.46 -10.53 -8.59
N LEU I 110 40.85 -9.81 -7.54
CA LEU I 110 40.86 -8.36 -7.59
C LEU I 110 41.56 -7.96 -8.87
N ALA I 111 42.88 -8.18 -8.91
CA ALA I 111 43.75 -7.88 -10.06
C ALA I 111 43.04 -8.09 -11.38
N LYS I 112 42.84 -9.37 -11.72
CA LYS I 112 42.20 -9.81 -12.98
C LYS I 112 40.93 -9.02 -13.31
N ASN I 113 40.21 -8.58 -12.27
CA ASN I 113 38.95 -7.88 -12.42
C ASN I 113 39.10 -6.35 -12.51
N TRP I 114 39.77 -5.74 -11.51
CA TRP I 114 40.12 -4.31 -11.52
C TRP I 114 40.91 -3.99 -12.78
N LEU I 115 41.73 -4.95 -13.19
CA LEU I 115 42.50 -4.85 -14.42
C LEU I 115 41.59 -4.99 -15.61
N ASN I 116 40.58 -5.83 -15.46
CA ASN I 116 39.57 -6.04 -16.52
C ASN I 116 38.74 -4.77 -16.81
N VAL I 117 38.21 -4.18 -15.74
CA VAL I 117 37.39 -2.99 -15.78
C VAL I 117 38.24 -1.80 -16.26
N TYR I 118 39.35 -1.58 -15.59
CA TYR I 118 40.24 -0.52 -16.00
C TYR I 118 40.52 -0.63 -17.50
N PHE I 119 41.03 -1.74 -17.97
CA PHE I 119 41.44 -1.78 -19.36
C PHE I 119 40.26 -1.52 -20.31
N GLY I 120 39.10 -1.97 -19.91
CA GLY I 120 37.89 -1.71 -20.69
C GLY I 120 37.35 -0.28 -20.59
N ASN I 121 37.39 0.32 -19.39
CA ASN I 121 37.13 1.73 -19.26
C ASN I 121 37.98 2.53 -20.24
N LEU I 122 39.30 2.28 -20.29
CA LEU I 122 40.19 2.87 -21.31
C LEU I 122 39.73 2.67 -22.75
N ILE I 123 39.30 1.46 -23.09
CA ILE I 123 38.95 1.19 -24.49
C ILE I 123 37.75 2.00 -24.93
N GLY I 124 36.72 2.06 -24.08
CA GLY I 124 35.57 2.97 -24.22
C GLY I 124 35.98 4.45 -24.39
N ALA I 125 36.77 4.94 -23.44
CA ALA I 125 37.30 6.28 -23.53
C ALA I 125 37.97 6.53 -24.89
N LEU I 126 38.87 5.62 -25.28
CA LEU I 126 39.64 5.82 -26.51
C LEU I 126 38.75 5.74 -27.75
N LEU I 127 37.73 4.88 -27.73
CA LEU I 127 36.81 4.82 -28.90
C LEU I 127 36.02 6.10 -29.01
N PHE I 128 35.69 6.71 -27.87
CA PHE I 128 34.99 7.96 -27.95
C PHE I 128 35.91 9.04 -28.46
N VAL I 129 37.13 9.10 -27.94
CA VAL I 129 38.12 9.98 -28.54
C VAL I 129 38.12 9.93 -30.07
N LEU I 130 38.25 8.73 -30.65
CA LEU I 130 38.30 8.57 -32.13
C LEU I 130 37.01 9.04 -32.81
N LEU I 131 35.89 8.78 -32.17
CA LEU I 131 34.57 9.26 -32.65
C LEU I 131 34.47 10.78 -32.58
N MET I 132 34.90 11.39 -31.47
CA MET I 132 34.81 12.83 -31.34
C MET I 132 35.71 13.48 -32.36
N TRP I 133 36.87 12.86 -32.58
CA TRP I 133 37.84 13.38 -33.56
C TRP I 133 37.27 13.34 -35.01
N LEU I 134 36.70 12.21 -35.39
CA LEU I 134 36.08 12.08 -36.69
C LEU I 134 34.90 13.04 -36.92
N SER I 135 34.23 13.44 -35.84
CA SER I 135 33.03 14.28 -35.91
C SER I 135 33.35 15.70 -36.30
N GLY I 136 34.59 16.12 -36.05
CA GLY I 136 35.02 17.47 -36.39
C GLY I 136 34.72 18.48 -35.32
N GLU I 137 34.12 18.05 -34.20
CA GLU I 137 33.74 18.88 -33.03
C GLU I 137 34.75 19.90 -32.54
N TYR I 138 36.03 19.62 -32.69
CA TYR I 138 37.07 20.53 -32.19
C TYR I 138 36.99 21.89 -32.87
N MET I 139 36.47 21.94 -34.10
CA MET I 139 36.32 23.17 -34.83
C MET I 139 35.11 23.99 -34.42
N THR I 140 34.23 23.44 -33.59
CA THR I 140 33.03 24.15 -33.04
C THR I 140 33.41 25.41 -32.33
N ALA I 141 32.55 26.42 -32.50
CA ALA I 141 32.65 27.77 -31.91
C ALA I 141 33.94 28.43 -32.38
N ASN I 142 34.23 28.19 -33.66
CA ASN I 142 35.36 28.78 -34.35
C ASN I 142 36.68 28.29 -33.73
N GLY I 143 36.70 27.02 -33.32
CA GLY I 143 37.82 26.41 -32.61
C GLY I 143 37.82 26.48 -31.07
N GLN I 144 36.92 27.28 -30.50
CA GLN I 144 36.88 27.45 -29.05
C GLN I 144 36.58 26.14 -28.25
N TRP I 145 35.82 25.25 -28.88
CA TRP I 145 35.58 23.92 -28.33
C TRP I 145 36.93 23.16 -28.16
N GLY I 146 37.69 23.10 -29.27
CA GLY I 146 39.00 22.47 -29.28
C GLY I 146 39.95 23.12 -28.27
N LEU I 147 40.07 24.43 -28.31
CA LEU I 147 40.91 25.10 -27.35
C LEU I 147 40.54 24.74 -25.90
N ASN I 148 39.24 24.59 -25.67
CA ASN I 148 38.75 24.27 -24.34
C ASN I 148 39.26 22.90 -23.91
N VAL I 149 39.28 21.93 -24.83
CA VAL I 149 39.88 20.62 -24.53
C VAL I 149 41.39 20.72 -24.29
N LEU I 150 42.10 21.45 -25.14
CA LEU I 150 43.55 21.68 -24.93
C LEU I 150 43.84 22.18 -23.52
N GLN I 151 43.13 23.25 -23.12
CA GLN I 151 43.29 23.92 -21.83
C GLN I 151 42.86 23.08 -20.60
N THR I 152 41.76 22.36 -20.74
CA THR I 152 41.26 21.53 -19.68
C THR I 152 42.22 20.39 -19.38
N ALA I 153 42.68 19.75 -20.46
CA ALA I 153 43.72 18.76 -20.42
C ALA I 153 45.02 19.29 -19.81
N ASP I 154 45.56 20.36 -20.38
CA ASP I 154 46.78 20.92 -19.90
C ASP I 154 46.76 21.25 -18.38
N HIS I 155 45.61 21.74 -17.86
CA HIS I 155 45.53 22.02 -16.43
C HIS I 155 45.58 20.74 -15.60
N LYS I 156 45.49 19.59 -16.24
CA LYS I 156 45.62 18.34 -15.50
C LYS I 156 47.06 17.80 -15.50
N MET I 157 47.97 18.50 -16.18
CA MET I 157 49.32 18.03 -16.45
C MET I 157 50.43 18.70 -15.62
N HIS I 158 50.09 19.66 -14.77
CA HIS I 158 51.16 20.33 -14.01
C HIS I 158 51.17 20.06 -12.50
N HIS I 159 50.71 18.89 -12.09
CA HIS I 159 50.61 18.58 -10.65
C HIS I 159 51.89 17.94 -10.16
N THR I 160 52.33 18.23 -8.94
CA THR I 160 53.36 17.36 -8.32
C THR I 160 52.72 16.01 -8.03
N PHE I 161 53.52 14.98 -7.76
CA PHE I 161 53.01 13.60 -7.59
C PHE I 161 52.01 13.52 -6.40
N ILE I 162 52.42 14.11 -5.28
CA ILE I 162 51.57 14.19 -4.08
C ILE I 162 50.25 14.86 -4.39
N GLU I 163 50.31 16.04 -5.03
CA GLU I 163 49.11 16.69 -5.56
C GLU I 163 48.21 15.79 -6.42
N ALA I 164 48.75 15.09 -7.39
CA ALA I 164 47.86 14.31 -8.23
C ALA I 164 47.15 13.21 -7.41
N VAL I 165 47.91 12.48 -6.59
CA VAL I 165 47.37 11.45 -5.71
C VAL I 165 46.24 12.02 -4.83
N CYS I 166 46.45 13.19 -4.27
CA CYS I 166 45.38 13.78 -3.43
C CYS I 166 44.11 14.20 -4.20
N LEU I 167 44.29 14.87 -5.34
CA LEU I 167 43.18 15.15 -6.21
C LEU I 167 42.50 13.84 -6.69
N GLY I 168 43.29 12.77 -6.80
CA GLY I 168 42.73 11.44 -7.17
C GLY I 168 41.85 10.91 -6.03
N ILE I 169 42.28 11.15 -4.79
CA ILE I 169 41.58 10.68 -3.64
C ILE I 169 40.31 11.44 -3.59
N LEU I 170 40.41 12.77 -3.79
CA LEU I 170 39.25 13.68 -3.57
C LEU I 170 38.10 13.37 -4.54
N ALA I 171 38.48 13.04 -5.76
CA ALA I 171 37.52 12.81 -6.82
C ALA I 171 36.80 11.54 -6.47
N ASN I 172 37.55 10.44 -6.30
CA ASN I 172 36.91 9.13 -6.15
C ASN I 172 36.11 8.97 -4.85
N LEU I 173 36.45 9.77 -3.81
CA LEU I 173 35.62 9.88 -2.59
C LEU I 173 34.24 10.28 -3.05
N MET I 174 34.17 11.35 -3.85
CA MET I 174 32.91 11.90 -4.31
C MET I 174 32.13 10.94 -5.23
N VAL I 175 32.76 10.37 -6.24
CA VAL I 175 32.11 9.39 -7.08
C VAL I 175 31.46 8.27 -6.26
N CYS I 176 32.19 7.74 -5.28
CA CYS I 176 31.69 6.71 -4.36
C CYS I 176 30.59 7.13 -3.41
N LEU I 177 30.71 8.29 -2.78
CA LEU I 177 29.59 8.80 -1.98
C LEU I 177 28.33 9.00 -2.82
N ALA I 178 28.51 9.37 -4.10
CA ALA I 178 27.38 9.57 -4.99
C ALA I 178 26.72 8.21 -5.29
N VAL I 179 27.53 7.19 -5.59
CA VAL I 179 26.98 5.91 -5.95
C VAL I 179 26.32 5.31 -4.69
N TRP I 180 26.93 5.56 -3.53
CA TRP I 180 26.49 4.99 -2.26
C TRP I 180 25.13 5.56 -1.90
N MET I 181 25.00 6.88 -2.00
CA MET I 181 23.70 7.53 -1.79
C MET I 181 22.63 7.00 -2.78
N SER I 182 23.04 6.69 -4.01
CA SER I 182 22.19 6.11 -5.04
C SER I 182 21.50 4.82 -4.58
N TYR I 183 22.11 4.08 -3.69
CA TYR I 183 21.52 2.84 -3.23
C TYR I 183 20.25 3.08 -2.42
N SER I 184 20.20 4.21 -1.70
CA SER I 184 18.99 4.62 -0.99
C SER I 184 17.88 5.06 -1.92
N GLY I 185 18.16 5.12 -3.21
CA GLY I 185 17.18 5.60 -4.15
C GLY I 185 16.04 4.62 -4.39
N ARG I 186 14.83 5.15 -4.31
CA ARG I 186 13.65 4.37 -4.65
C ARG I 186 13.24 4.56 -6.12
N SER I 187 13.08 5.82 -6.54
CA SER I 187 12.77 6.16 -7.97
C SER I 187 13.99 6.29 -8.92
N LEU I 188 13.73 6.51 -10.21
CA LEU I 188 14.73 6.99 -11.16
C LEU I 188 15.21 8.38 -10.75
N MET I 189 14.28 9.29 -10.54
CA MET I 189 14.55 10.60 -9.95
C MET I 189 15.56 10.55 -8.80
N ASP I 190 15.32 9.63 -7.87
CA ASP I 190 16.09 9.53 -6.64
C ASP I 190 17.51 9.17 -6.93
N LYS I 191 17.69 8.11 -7.70
CA LYS I 191 19.00 7.61 -8.02
C LYS I 191 19.83 8.56 -8.85
N ALA I 192 19.24 9.17 -9.88
CA ALA I 192 19.96 10.13 -10.75
C ALA I 192 20.32 11.39 -10.00
N PHE I 193 19.31 12.10 -9.50
CA PHE I 193 19.49 13.43 -8.96
C PHE I 193 20.25 13.56 -7.65
N ILE I 194 20.38 12.50 -6.87
CA ILE I 194 21.16 12.56 -5.61
C ILE I 194 22.64 12.59 -5.93
N MET I 195 22.98 12.15 -7.14
CA MET I 195 24.32 12.23 -7.65
C MET I 195 24.81 13.57 -8.27
N VAL I 196 23.89 14.44 -8.72
CA VAL I 196 24.29 15.71 -9.32
C VAL I 196 25.23 16.54 -8.43
N LEU I 197 24.78 16.92 -7.22
CA LEU I 197 25.60 17.76 -6.32
C LEU I 197 26.97 17.19 -6.01
N PRO I 198 27.08 15.91 -5.59
CA PRO I 198 28.45 15.53 -5.27
C PRO I 198 29.37 15.28 -6.56
N VAL I 199 28.78 14.99 -7.72
CA VAL I 199 29.64 14.87 -8.90
C VAL I 199 30.09 16.26 -9.33
N ALA I 200 29.15 17.20 -9.25
CA ALA I 200 29.41 18.54 -9.70
C ALA I 200 30.50 19.13 -8.78
N MET I 201 30.43 18.77 -7.49
CA MET I 201 31.39 19.25 -6.51
C MET I 201 32.82 18.83 -6.86
N PHE I 202 32.96 17.55 -7.26
CA PHE I 202 34.29 17.09 -7.66
C PHE I 202 34.79 17.69 -8.97
N VAL I 203 33.94 17.77 -9.99
CA VAL I 203 34.36 18.28 -11.29
C VAL I 203 34.62 19.82 -11.28
N ALA I 204 33.73 20.59 -10.67
CA ALA I 204 33.98 22.04 -10.58
C ALA I 204 35.25 22.42 -9.77
N SER I 205 35.55 21.67 -8.70
CA SER I 205 36.77 21.90 -7.90
C SER I 205 38.05 21.33 -8.53
N GLY I 206 37.93 20.77 -9.74
CA GLY I 206 39.04 20.21 -10.47
C GLY I 206 39.74 19.04 -9.84
N PHE I 207 39.02 18.22 -9.08
CA PHE I 207 39.56 16.94 -8.55
C PHE I 207 39.77 15.95 -9.73
N GLU I 208 40.59 14.92 -9.54
CA GLU I 208 41.09 14.08 -10.67
C GLU I 208 40.57 12.65 -10.69
N HIS I 209 39.88 12.32 -11.77
CA HIS I 209 39.33 11.02 -11.92
C HIS I 209 40.03 10.32 -13.13
N SER I 210 40.55 9.11 -12.89
CA SER I 210 41.46 8.47 -13.83
C SER I 210 40.78 8.11 -15.12
N ILE I 211 39.59 7.54 -15.03
CA ILE I 211 38.86 7.18 -16.26
C ILE I 211 38.43 8.43 -17.06
N ALA I 212 38.05 9.49 -16.36
CA ALA I 212 37.57 10.66 -17.04
C ALA I 212 38.73 11.23 -17.83
N ASN I 213 39.92 11.23 -17.22
CA ASN I 213 41.16 11.72 -17.86
C ASN I 213 41.63 10.81 -19.01
N MET I 214 41.14 9.57 -19.02
CA MET I 214 41.43 8.66 -20.12
C MET I 214 40.76 9.15 -21.38
N PHE I 215 39.64 9.85 -21.25
CA PHE I 215 39.10 10.58 -22.41
C PHE I 215 39.78 11.95 -22.59
N MET I 216 39.87 12.75 -21.51
CA MET I 216 40.20 14.18 -21.64
C MET I 216 41.60 14.46 -22.16
N ILE I 217 42.57 13.75 -21.62
CA ILE I 217 43.94 14.01 -22.00
C ILE I 217 44.29 13.47 -23.42
N PRO I 218 43.93 12.20 -23.71
CA PRO I 218 44.04 11.71 -25.11
C PRO I 218 43.38 12.64 -26.18
N MET I 219 42.23 13.22 -25.83
CA MET I 219 41.54 14.07 -26.77
C MET I 219 42.38 15.32 -26.94
N GLY I 220 43.07 15.72 -25.86
CA GLY I 220 43.93 16.91 -25.84
C GLY I 220 45.11 16.67 -26.74
N ILE I 221 45.78 15.53 -26.51
CA ILE I 221 46.86 15.04 -27.38
C ILE I 221 46.39 14.93 -28.83
N VAL I 222 45.30 14.22 -29.09
CA VAL I 222 44.83 14.13 -30.50
C VAL I 222 44.69 15.51 -31.16
N ILE I 223 44.09 16.46 -30.45
CA ILE I 223 43.85 17.77 -31.02
C ILE I 223 45.16 18.50 -31.29
N ARG I 224 46.04 18.48 -30.29
CA ARG I 224 47.38 19.04 -30.39
C ARG I 224 48.17 18.55 -31.59
N ASP I 225 48.06 17.26 -31.90
CA ASP I 225 48.86 16.62 -32.93
C ASP I 225 48.29 16.68 -34.32
N PHE I 226 46.97 16.79 -34.42
CA PHE I 226 46.32 16.71 -35.71
C PHE I 226 45.50 17.93 -36.08
N ALA I 227 45.40 18.89 -35.17
CA ALA I 227 44.73 20.12 -35.56
C ALA I 227 45.40 20.75 -36.82
N THR I 228 44.60 21.30 -37.73
CA THR I 228 45.11 21.97 -38.90
C THR I 228 45.67 23.39 -38.61
N PRO I 229 46.49 23.95 -39.53
CA PRO I 229 46.93 25.32 -39.33
C PRO I 229 45.78 26.30 -39.18
N GLU I 230 44.66 26.07 -39.87
CA GLU I 230 43.48 26.92 -39.75
C GLU I 230 42.93 26.97 -38.31
N PHE I 231 42.82 25.82 -37.63
CA PHE I 231 42.45 25.78 -36.23
C PHE I 231 43.30 26.65 -35.33
N TRP I 232 44.63 26.45 -35.39
CA TRP I 232 45.59 27.25 -34.58
C TRP I 232 45.47 28.77 -34.80
N THR I 233 45.32 29.20 -36.04
CA THR I 233 45.16 30.63 -36.33
C THR I 233 43.86 31.23 -35.76
N ALA I 234 42.76 30.52 -35.97
CA ALA I 234 41.46 30.83 -35.38
C ALA I 234 41.51 31.00 -33.88
N VAL I 235 42.21 30.15 -33.15
CA VAL I 235 42.15 30.20 -31.71
C VAL I 235 43.29 31.00 -31.13
N GLY I 236 44.28 31.33 -31.96
CA GLY I 236 45.47 32.06 -31.53
C GLY I 236 46.32 31.26 -30.57
N SER I 237 46.71 30.06 -30.97
CA SER I 237 47.56 29.22 -30.16
C SER I 237 48.43 28.33 -31.06
N SER I 238 49.25 27.45 -30.47
CA SER I 238 50.10 26.56 -31.25
C SER I 238 50.27 25.24 -30.50
N PRO I 239 50.62 24.13 -31.22
CA PRO I 239 50.90 22.89 -30.54
C PRO I 239 51.96 23.06 -29.48
N GLU I 240 52.92 23.96 -29.70
CA GLU I 240 53.95 24.22 -28.67
C GLU I 240 53.42 24.82 -27.37
N SER I 241 52.34 25.56 -27.43
CA SER I 241 51.78 26.08 -26.21
C SER I 241 51.17 24.98 -25.28
N PHE I 242 51.16 23.73 -25.75
CA PHE I 242 50.67 22.62 -24.95
C PHE I 242 51.66 21.46 -25.04
N SER I 243 52.89 21.75 -24.67
CA SER I 243 54.02 20.84 -24.86
C SER I 243 53.93 19.63 -23.95
N HIS I 244 53.23 19.72 -22.82
CA HIS I 244 53.01 18.56 -21.93
C HIS I 244 51.95 17.52 -22.37
N LEU I 245 51.22 17.79 -23.45
CA LEU I 245 50.25 16.84 -23.88
C LEU I 245 50.93 15.78 -24.76
N THR I 246 51.44 14.73 -24.11
CA THR I 246 52.09 13.60 -24.80
C THR I 246 51.65 12.35 -24.05
N VAL I 247 51.62 11.21 -24.74
CA VAL I 247 51.21 9.93 -24.14
C VAL I 247 52.10 9.65 -22.93
N MET I 248 53.40 9.87 -23.09
CA MET I 248 54.37 9.60 -22.01
C MET I 248 54.08 10.42 -20.76
N SER I 249 53.95 11.73 -20.95
CA SER I 249 53.62 12.65 -19.85
C SER I 249 52.26 12.37 -19.24
N PHE I 250 51.30 11.95 -20.07
CA PHE I 250 49.99 11.57 -19.58
C PHE I 250 50.13 10.43 -18.57
N ILE I 251 50.75 9.33 -19.00
CA ILE I 251 50.89 8.18 -18.10
C ILE I 251 51.63 8.50 -16.77
N THR I 252 52.76 9.22 -16.87
CA THR I 252 53.63 9.34 -15.70
C THR I 252 53.23 10.47 -14.80
N ASP I 253 52.76 11.57 -15.36
CA ASP I 253 52.50 12.75 -14.55
C ASP I 253 51.06 12.85 -14.08
N ASN I 254 50.14 12.12 -14.76
CA ASN I 254 48.73 12.10 -14.41
C ASN I 254 48.15 10.71 -14.08
N LEU I 255 48.12 9.84 -15.05
CA LEU I 255 47.36 8.61 -14.90
C LEU I 255 47.83 7.73 -13.75
N ILE I 256 49.15 7.51 -13.63
CA ILE I 256 49.68 6.71 -12.53
C ILE I 256 49.34 7.31 -11.18
N PRO I 257 49.78 8.54 -10.86
CA PRO I 257 49.44 9.05 -9.51
C PRO I 257 47.95 9.23 -9.28
N VAL I 258 47.18 9.60 -10.32
CA VAL I 258 45.73 9.83 -10.15
C VAL I 258 45.03 8.50 -9.88
N THR I 259 45.48 7.43 -10.53
CA THR I 259 44.87 6.09 -10.35
C THR I 259 45.13 5.56 -8.92
N ILE I 260 46.39 5.62 -8.50
CA ILE I 260 46.77 5.35 -7.13
C ILE I 260 45.81 6.10 -6.21
N GLY I 261 45.59 7.39 -6.45
CA GLY I 261 44.76 8.21 -5.55
C GLY I 261 43.30 7.77 -5.55
N ASN I 262 42.75 7.55 -6.74
CA ASN I 262 41.43 7.00 -6.89
C ASN I 262 41.19 5.75 -6.04
N ILE I 263 42.10 4.77 -6.09
CA ILE I 263 42.04 3.57 -5.24
C ILE I 263 42.03 3.88 -3.73
N ILE I 264 43.01 4.64 -3.25
CA ILE I 264 43.00 5.02 -1.87
C ILE I 264 41.60 5.63 -1.58
N GLY I 265 41.15 6.51 -2.47
CA GLY I 265 39.95 7.34 -2.30
C GLY I 265 38.58 6.67 -2.16
N GLY I 266 38.31 5.65 -2.97
CA GLY I 266 37.06 4.88 -2.85
C GLY I 266 36.98 3.70 -1.86
N GLY I 267 38.14 3.15 -1.46
CA GLY I 267 38.26 2.00 -0.49
C GLY I 267 38.32 2.53 0.94
N LEU I 268 38.70 3.81 1.03
CA LEU I 268 38.46 4.65 2.20
C LEU I 268 37.02 4.47 2.65
N LEU I 269 36.11 4.43 1.69
CA LEU I 269 34.67 4.50 1.98
C LEU I 269 34.16 3.22 2.62
N VAL I 270 35.09 2.40 3.09
CA VAL I 270 34.68 1.07 3.46
C VAL I 270 35.48 0.52 4.61
N GLY I 271 36.80 0.69 4.56
CA GLY I 271 37.64 0.49 5.73
C GLY I 271 37.18 1.55 6.71
N LEU I 272 35.84 1.73 6.80
CA LEU I 272 35.15 2.95 7.26
C LEU I 272 33.68 2.75 7.64
N THR I 273 32.90 2.10 6.77
CA THR I 273 31.62 1.51 7.20
C THR I 273 31.96 0.43 8.25
N TYR I 274 33.13 -0.21 8.03
CA TYR I 274 33.65 -1.22 8.91
C TYR I 274 34.05 -0.66 10.25
N TRP I 275 34.93 0.33 10.31
CA TRP I 275 35.19 0.84 11.64
C TRP I 275 33.95 1.52 12.30
N VAL I 276 32.85 1.67 11.55
CA VAL I 276 31.58 2.19 12.11
C VAL I 276 30.62 1.13 12.67
N ILE I 277 30.46 -0.02 11.99
CA ILE I 277 29.77 -1.17 12.62
C ILE I 277 30.63 -2.44 12.77
N TYR I 278 31.45 -2.38 13.84
CA TYR I 278 32.12 -3.50 14.57
C TYR I 278 33.29 -3.09 15.52
N LEU I 279 34.13 -2.13 15.09
CA LEU I 279 35.11 -1.41 15.96
C LEU I 279 34.45 -0.37 16.91
N ALA J 13 6.89 -7.50 -3.89
CA ALA J 13 7.93 -6.54 -4.34
C ALA J 13 8.92 -6.17 -3.21
N ALA J 14 10.19 -6.52 -3.40
CA ALA J 14 11.30 -5.92 -2.65
C ALA J 14 11.81 -4.61 -3.32
N MET J 15 13.03 -4.18 -2.95
CA MET J 15 13.45 -2.75 -2.81
C MET J 15 13.58 -2.49 -1.28
N ALA J 16 14.20 -3.48 -0.63
CA ALA J 16 14.41 -3.45 0.78
C ALA J 16 15.45 -2.38 1.12
N LYS J 17 16.20 -1.90 0.12
CA LYS J 17 17.16 -0.78 0.35
C LYS J 17 16.53 0.61 0.56
N VAL J 18 16.69 1.04 1.80
CA VAL J 18 15.66 1.60 2.68
C VAL J 18 15.85 0.80 3.98
N ALA J 19 16.63 -0.29 3.85
CA ALA J 19 17.48 -0.78 4.91
C ALA J 19 18.65 0.22 5.06
N GLU J 20 19.04 0.87 3.96
CA GLU J 20 20.03 1.95 4.02
C GLU J 20 19.62 3.06 5.00
N GLU J 21 18.34 3.48 4.95
CA GLU J 21 17.84 4.55 5.83
C GLU J 21 17.54 4.11 7.26
N ALA J 22 17.20 2.84 7.46
CA ALA J 22 17.11 2.30 8.83
C ALA J 22 18.50 2.35 9.47
N GLY J 23 19.51 1.83 8.74
CA GLY J 23 20.93 1.93 9.10
C GLY J 23 21.34 3.33 9.52
N VAL J 24 20.39 4.26 9.59
CA VAL J 24 20.60 5.59 10.17
C VAL J 24 19.62 6.03 11.30
N TYR J 25 20.14 6.16 12.52
CA TYR J 25 19.71 7.20 13.52
C TYR J 25 20.27 7.23 14.95
N LYS J 26 20.34 8.45 15.48
CA LYS J 26 20.79 8.74 16.85
C LYS J 26 19.89 8.10 17.90
N ALA J 27 20.42 7.89 19.11
CA ALA J 27 19.63 7.33 20.21
C ALA J 27 20.42 7.26 21.52
N THR J 28 21.65 6.78 21.40
CA THR J 28 22.40 6.22 22.54
C THR J 28 23.93 6.17 22.24
N LYS J 29 24.69 5.36 23.00
CA LYS J 29 26.14 5.16 22.71
C LYS J 29 26.92 3.88 23.18
N HIS J 30 27.26 3.02 22.20
CA HIS J 30 28.64 2.54 22.10
C HIS J 30 29.34 3.81 21.51
N PRO J 31 30.19 4.50 22.32
CA PRO J 31 30.56 5.91 22.07
C PRO J 31 31.74 6.11 21.12
N LEU J 32 32.39 5.03 20.73
CA LEU J 32 33.55 5.08 19.88
C LEU J 32 33.13 5.04 18.40
N LYS J 33 31.84 4.72 18.18
CA LYS J 33 31.17 4.73 16.86
C LYS J 33 30.52 6.09 16.68
N THR J 34 30.05 6.66 17.79
CA THR J 34 29.63 8.04 17.83
C THR J 34 30.78 8.95 17.38
N PHE J 35 31.96 8.65 17.82
CA PHE J 35 33.12 9.41 17.42
C PHE J 35 33.39 9.25 15.89
N TYR J 36 33.39 8.02 15.37
CA TYR J 36 33.52 7.78 13.89
C TYR J 36 32.49 8.44 12.97
N LEU J 37 31.23 8.40 13.36
CA LEU J 37 30.21 9.09 12.60
C LEU J 37 30.35 10.61 12.71
N ALA J 38 30.93 11.08 13.81
CA ALA J 38 31.21 12.51 13.97
C ALA J 38 32.39 13.02 13.10
N ILE J 39 33.46 12.23 13.03
CA ILE J 39 34.52 12.45 12.04
C ILE J 39 33.93 12.56 10.63
N THR J 40 33.11 11.59 10.28
CA THR J 40 32.37 11.55 9.01
C THR J 40 31.64 12.85 8.79
N ALA J 41 30.85 13.29 9.76
CA ALA J 41 30.17 14.58 9.65
C ALA J 41 31.13 15.77 9.47
N GLY J 42 32.24 15.81 10.19
CA GLY J 42 33.22 16.86 9.98
C GLY J 42 33.75 16.88 8.56
N VAL J 43 33.97 15.68 7.99
CA VAL J 43 34.41 15.58 6.61
C VAL J 43 33.34 16.21 5.68
N PHE J 44 32.06 15.92 5.98
CA PHE J 44 30.97 16.26 5.09
C PHE J 44 30.77 17.76 5.07
N ILE J 45 30.83 18.37 6.23
CA ILE J 45 30.68 19.79 6.26
C ILE J 45 31.86 20.45 5.56
N SER J 46 33.05 19.85 5.68
CA SER J 46 34.23 20.44 5.02
C SER J 46 34.04 20.43 3.50
N ILE J 47 33.46 19.34 3.00
CA ILE J 47 33.07 19.22 1.62
C ILE J 47 32.13 20.41 1.25
N ALA J 48 30.99 20.51 1.91
CA ALA J 48 30.14 21.70 1.78
C ALA J 48 30.95 22.98 1.55
N PHE J 49 31.84 23.31 2.49
CA PHE J 49 32.57 24.55 2.39
C PHE J 49 33.52 24.57 1.21
N VAL J 50 34.24 23.48 0.98
CA VAL J 50 35.01 23.40 -0.29
C VAL J 50 34.14 23.70 -1.54
N PHE J 51 32.99 23.06 -1.62
CA PHE J 51 32.08 23.31 -2.73
C PHE J 51 31.78 24.80 -2.80
N TYR J 52 31.47 25.39 -1.66
CA TYR J 52 31.10 26.79 -1.61
C TYR J 52 32.22 27.65 -2.19
N ILE J 53 33.45 27.30 -1.80
CA ILE J 53 34.60 28.06 -2.20
C ILE J 53 34.81 27.85 -3.67
N THR J 54 34.57 26.65 -4.16
CA THR J 54 34.74 26.45 -5.58
C THR J 54 33.75 27.34 -6.35
N ALA J 55 32.47 27.17 -6.06
CA ALA J 55 31.39 27.95 -6.69
C ALA J 55 31.61 29.48 -6.73
N THR J 56 32.11 30.07 -5.64
CA THR J 56 32.17 31.54 -5.54
C THR J 56 33.52 32.15 -5.89
N THR J 57 34.51 31.31 -6.23
CA THR J 57 35.81 31.80 -6.69
C THR J 57 35.62 32.61 -7.96
N GLY J 58 36.22 33.79 -8.00
CA GLY J 58 36.03 34.71 -9.12
C GLY J 58 34.73 35.52 -9.15
N THR J 59 33.91 35.43 -8.11
CA THR J 59 32.59 36.05 -8.22
C THR J 59 32.52 37.49 -7.66
N GLY J 60 33.71 38.09 -7.49
CA GLY J 60 33.83 39.47 -7.03
C GLY J 60 33.00 40.48 -7.81
N ALA J 61 32.77 40.24 -9.12
CA ALA J 61 32.05 41.21 -9.94
C ALA J 61 30.59 40.89 -10.05
N MET J 62 30.19 39.72 -9.58
CA MET J 62 28.79 39.35 -9.59
C MET J 62 28.04 40.16 -8.53
N PRO J 63 26.71 40.32 -8.69
CA PRO J 63 25.96 40.90 -7.55
C PRO J 63 26.12 40.05 -6.31
N TYR J 64 26.40 40.70 -5.19
CA TYR J 64 26.71 40.01 -3.93
C TYR J 64 25.75 38.84 -3.60
N GLY J 65 24.49 39.20 -3.32
CA GLY J 65 23.45 38.19 -3.00
C GLY J 65 23.44 36.97 -3.94
N MET J 66 23.67 37.18 -5.23
CA MET J 66 23.54 36.10 -6.21
C MET J 66 24.69 35.09 -6.10
N ALA J 67 25.89 35.62 -5.93
CA ALA J 67 27.04 34.77 -5.70
C ALA J 67 26.84 34.03 -4.37
N LYS J 68 26.37 34.72 -3.33
CA LYS J 68 26.24 34.06 -2.01
C LYS J 68 25.23 32.93 -2.09
N LEU J 69 24.11 33.22 -2.78
CA LEU J 69 22.99 32.30 -2.84
C LEU J 69 23.47 31.02 -3.50
N ILE J 70 24.18 31.18 -4.64
CA ILE J 70 24.67 30.01 -5.37
C ILE J 70 25.62 29.14 -4.49
N GLY J 71 26.60 29.81 -3.86
CA GLY J 71 27.45 29.20 -2.86
C GLY J 71 26.66 28.45 -1.79
N GLY J 72 25.56 29.07 -1.36
CA GLY J 72 24.71 28.52 -0.31
C GLY J 72 23.98 27.27 -0.78
N ILE J 73 23.46 27.28 -2.02
CA ILE J 73 22.88 26.05 -2.61
C ILE J 73 23.92 24.90 -2.60
N CYS J 74 25.07 25.12 -3.25
CA CYS J 74 26.19 24.16 -3.24
C CYS J 74 26.50 23.60 -1.83
N PHE J 75 26.55 24.49 -0.84
CA PHE J 75 26.93 24.10 0.52
C PHE J 75 26.09 22.94 1.01
N SER J 76 24.84 22.88 0.56
CA SER J 76 23.81 22.01 1.15
C SER J 76 24.12 20.54 0.86
N LEU J 77 25.08 20.31 -0.02
CA LEU J 77 25.64 18.98 -0.18
C LEU J 77 26.02 18.40 1.14
N GLY J 78 26.77 19.15 1.94
CA GLY J 78 27.24 18.64 3.22
C GLY J 78 26.12 17.97 4.02
N LEU J 79 25.06 18.76 4.28
CA LEU J 79 24.00 18.36 5.17
C LEU J 79 23.21 17.21 4.53
N ILE J 80 23.08 17.26 3.21
CA ILE J 80 22.51 16.13 2.46
C ILE J 80 23.33 14.84 2.71
N LEU J 81 24.66 14.95 2.68
CA LEU J 81 25.53 13.82 2.92
C LEU J 81 25.34 13.32 4.37
N CYS J 82 25.26 14.24 5.35
CA CYS J 82 25.05 13.91 6.76
C CYS J 82 23.75 13.15 6.99
N VAL J 83 22.66 13.74 6.54
CA VAL J 83 21.37 13.09 6.76
C VAL J 83 21.20 11.73 6.00
N ILE J 84 21.48 11.68 4.70
CA ILE J 84 21.28 10.47 3.92
C ILE J 84 22.27 9.40 4.32
N CYS J 85 23.45 9.77 4.78
CA CYS J 85 24.48 8.76 5.18
C CYS J 85 24.44 8.44 6.66
N GLY J 86 23.71 9.23 7.44
CA GLY J 86 23.66 9.04 8.89
C GLY J 86 24.92 9.45 9.66
N ALA J 87 25.65 10.45 9.18
CA ALA J 87 26.79 10.99 9.90
C ALA J 87 26.27 11.81 11.05
N ASP J 88 27.13 12.02 12.08
CA ASP J 88 26.79 12.75 13.33
C ASP J 88 27.26 14.19 13.41
N LEU J 89 26.36 15.13 13.12
CA LEU J 89 26.72 16.55 13.12
C LEU J 89 26.30 17.26 14.40
N PHE J 90 27.26 17.88 15.08
CA PHE J 90 27.03 18.64 16.35
C PHE J 90 25.73 19.44 16.47
N THR J 91 24.85 18.96 17.37
CA THR J 91 23.53 19.57 17.69
C THR J 91 22.67 19.80 16.44
N SER J 92 22.85 18.98 15.41
CA SER J 92 22.12 19.18 14.17
C SER J 92 20.75 18.51 14.29
N THR J 93 20.72 17.26 14.77
CA THR J 93 19.45 16.59 15.10
C THR J 93 18.82 16.98 16.48
N VAL J 94 19.16 18.15 17.05
CA VAL J 94 18.62 18.53 18.36
C VAL J 94 17.14 18.19 18.47
N LEU J 95 16.35 18.60 17.48
CA LEU J 95 14.89 18.54 17.57
C LEU J 95 14.35 17.09 17.56
N ILE J 96 15.02 16.23 18.32
CA ILE J 96 14.68 14.81 18.52
C ILE J 96 15.28 14.36 19.89
N VAL J 97 14.53 14.43 21.01
CA VAL J 97 13.21 15.08 21.24
C VAL J 97 11.96 14.66 20.41
N VAL J 98 11.93 13.38 19.99
CA VAL J 98 10.79 12.74 19.28
C VAL J 98 10.94 11.19 19.24
N GLY J 108 17.03 10.05 30.01
CA GLY J 108 18.46 9.93 30.18
C GLY J 108 19.16 11.27 30.17
N GLN J 109 19.97 11.53 31.20
CA GLN J 109 20.65 12.82 31.32
C GLN J 109 22.18 12.73 31.13
N LEU J 110 22.67 13.68 30.32
CA LEU J 110 24.08 14.03 30.04
C LEU J 110 24.38 14.04 28.53
N ALA J 111 24.22 15.21 27.93
CA ALA J 111 24.74 15.49 26.61
C ALA J 111 26.23 15.86 26.71
N LYS J 112 27.04 14.97 27.30
CA LYS J 112 28.51 14.98 27.12
C LYS J 112 28.77 13.98 25.98
N ASN J 113 27.66 13.49 25.44
CA ASN J 113 27.57 12.90 24.12
C ASN J 113 27.98 13.99 23.09
N TRP J 114 27.64 15.23 23.43
CA TRP J 114 28.01 16.43 22.68
C TRP J 114 29.49 16.62 22.54
N LEU J 115 30.21 16.53 23.64
CA LEU J 115 31.66 16.68 23.60
C LEU J 115 32.23 15.64 22.65
N ASN J 116 31.63 14.45 22.63
CA ASN J 116 32.19 13.36 21.83
C ASN J 116 32.04 13.70 20.34
N VAL J 117 30.84 14.12 19.97
CA VAL J 117 30.53 14.54 18.61
C VAL J 117 31.34 15.78 18.24
N TYR J 118 31.31 16.80 19.08
CA TYR J 118 32.06 18.01 18.84
C TYR J 118 33.50 17.66 18.50
N PHE J 119 34.16 16.83 19.30
CA PHE J 119 35.61 16.60 19.15
C PHE J 119 35.86 15.79 17.87
N GLY J 120 34.89 14.94 17.55
CA GLY J 120 34.90 14.14 16.31
C GLY J 120 34.70 15.03 15.09
N ASN J 121 33.77 15.96 15.18
CA ASN J 121 33.55 16.86 14.09
C ASN J 121 34.88 17.57 13.77
N LEU J 122 35.53 18.05 14.82
CA LEU J 122 36.81 18.78 14.68
C LEU J 122 37.87 17.91 13.97
N ILE J 123 37.90 16.62 14.28
CA ILE J 123 38.99 15.82 13.76
C ILE J 123 38.82 15.62 12.28
N GLY J 124 37.56 15.32 11.91
CA GLY J 124 37.11 15.23 10.51
C GLY J 124 37.41 16.51 9.73
N ALA J 125 36.99 17.66 10.26
CA ALA J 125 37.30 18.93 9.63
C ALA J 125 38.80 19.07 9.38
N LEU J 126 39.63 18.94 10.43
CA LEU J 126 41.13 19.09 10.32
C LEU J 126 41.77 18.05 9.37
N LEU J 127 41.24 16.83 9.31
CA LEU J 127 41.79 15.90 8.32
C LEU J 127 41.54 16.44 6.91
N PHE J 128 40.32 16.97 6.71
CA PHE J 128 40.02 17.54 5.40
C PHE J 128 40.93 18.76 5.12
N VAL J 129 41.14 19.65 6.12
CA VAL J 129 42.13 20.70 5.97
C VAL J 129 43.46 20.16 5.45
N LEU J 130 43.99 19.10 6.05
CA LEU J 130 45.29 18.59 5.63
C LEU J 130 45.22 18.03 4.21
N LEU J 131 44.20 17.24 3.92
CA LEU J 131 44.03 16.73 2.58
C LEU J 131 43.81 17.82 1.50
N MET J 132 43.10 18.89 1.84
CA MET J 132 42.90 19.96 0.89
C MET J 132 44.24 20.62 0.61
N TRP J 133 45.08 20.74 1.65
CA TRP J 133 46.33 21.47 1.55
C TRP J 133 47.32 20.65 0.72
N LEU J 134 47.32 19.36 0.97
CA LEU J 134 48.18 18.49 0.23
C LEU J 134 47.78 18.55 -1.21
N SER J 135 46.50 18.80 -1.47
CA SER J 135 46.01 18.74 -2.86
C SER J 135 46.53 19.83 -3.74
N GLY J 136 46.90 20.98 -3.17
CA GLY J 136 47.36 22.11 -3.98
C GLY J 136 46.25 23.07 -4.42
N GLU J 137 45.01 22.69 -4.10
CA GLU J 137 43.80 23.48 -4.42
C GLU J 137 43.93 24.99 -4.29
N TYR J 138 44.65 25.49 -3.27
CA TYR J 138 44.76 26.94 -3.02
C TYR J 138 45.33 27.69 -4.22
N MET J 139 46.06 26.98 -5.09
CA MET J 139 46.64 27.60 -6.29
C MET J 139 45.63 27.72 -7.48
N THR J 140 44.45 27.12 -7.29
CA THR J 140 43.44 27.14 -8.33
C THR J 140 43.07 28.55 -8.70
N ALA J 141 42.78 28.73 -9.99
CA ALA J 141 42.30 30.01 -10.48
C ALA J 141 43.33 31.16 -10.26
N ASN J 142 44.58 30.90 -10.61
CA ASN J 142 45.65 31.83 -10.33
C ASN J 142 45.68 32.30 -8.88
N GLY J 143 45.41 31.33 -7.99
CA GLY J 143 45.39 31.55 -6.55
C GLY J 143 44.14 32.22 -5.98
N GLN J 144 43.20 32.56 -6.83
CA GLN J 144 41.92 33.08 -6.36
C GLN J 144 41.13 32.09 -5.46
N TRP J 145 41.31 30.79 -5.65
CA TRP J 145 40.72 29.85 -4.72
C TRP J 145 41.18 30.05 -3.23
N GLY J 146 42.50 30.18 -3.02
CA GLY J 146 43.08 30.34 -1.69
C GLY J 146 42.78 31.71 -1.16
N LEU J 147 42.85 32.72 -2.04
CA LEU J 147 42.43 34.08 -1.66
C LEU J 147 40.96 34.09 -1.19
N ASN J 148 40.10 33.35 -1.89
CA ASN J 148 38.71 33.21 -1.52
C ASN J 148 38.64 32.64 -0.11
N VAL J 149 39.38 31.57 0.15
CA VAL J 149 39.44 30.99 1.53
C VAL J 149 39.92 31.98 2.56
N LEU J 150 41.00 32.70 2.25
CA LEU J 150 41.53 33.66 3.19
C LEU J 150 40.45 34.70 3.57
N GLN J 151 39.74 35.22 2.56
CA GLN J 151 38.75 36.31 2.78
C GLN J 151 37.50 35.82 3.45
N THR J 152 37.05 34.65 3.06
CA THR J 152 35.88 34.04 3.68
C THR J 152 36.11 33.88 5.16
N ALA J 153 37.32 33.46 5.54
CA ALA J 153 37.68 33.17 6.94
C ALA J 153 37.87 34.45 7.74
N ASP J 154 38.60 35.39 7.16
CA ASP J 154 38.84 36.64 7.80
C ASP J 154 37.54 37.41 8.12
N HIS J 155 36.54 37.32 7.23
CA HIS J 155 35.22 37.91 7.41
C HIS J 155 34.46 37.33 8.58
N LYS J 156 34.87 36.15 9.03
CA LYS J 156 34.27 35.54 10.21
C LYS J 156 35.07 35.79 11.47
N MET J 157 36.04 36.69 11.43
CA MET J 157 36.91 36.97 12.59
C MET J 157 36.73 38.33 13.27
N HIS J 158 35.87 39.18 12.73
CA HIS J 158 35.76 40.54 13.24
C HIS J 158 34.46 40.85 13.97
N HIS J 159 33.70 39.85 14.37
CA HIS J 159 32.46 40.08 15.13
C HIS J 159 32.74 40.38 16.60
N THR J 160 32.04 41.36 17.16
CA THR J 160 31.91 41.46 18.62
C THR J 160 31.32 40.16 19.15
N PHE J 161 31.51 39.87 20.44
CA PHE J 161 31.07 38.58 21.06
C PHE J 161 29.55 38.35 20.93
N ILE J 162 28.76 39.43 21.12
CA ILE J 162 27.28 39.33 20.93
C ILE J 162 26.83 39.07 19.45
N GLU J 163 27.42 39.79 18.49
CA GLU J 163 27.26 39.42 17.10
C GLU J 163 27.49 37.91 16.84
N ALA J 164 28.63 37.38 17.32
CA ALA J 164 29.00 36.01 16.96
C ALA J 164 28.01 35.03 17.58
N VAL J 165 27.57 35.30 18.81
CA VAL J 165 26.61 34.39 19.47
C VAL J 165 25.39 34.35 18.56
N CYS J 166 24.88 35.54 18.26
CA CYS J 166 23.68 35.72 17.41
C CYS J 166 23.76 35.05 16.04
N LEU J 167 24.85 35.29 15.29
CA LEU J 167 25.07 34.54 14.06
C LEU J 167 25.11 33.02 14.30
N GLY J 168 25.50 32.62 15.52
CA GLY J 168 25.51 31.22 15.94
C GLY J 168 24.12 30.66 16.16
N ILE J 169 23.29 31.46 16.83
CA ILE J 169 21.87 31.10 16.98
C ILE J 169 21.25 30.89 15.58
N LEU J 170 21.37 31.95 14.76
CA LEU J 170 20.77 32.04 13.45
C LEU J 170 21.09 30.81 12.61
N ALA J 171 22.39 30.57 12.38
CA ALA J 171 22.84 29.37 11.67
C ALA J 171 22.21 28.07 12.19
N ASN J 172 22.32 27.79 13.48
CA ASN J 172 21.90 26.46 13.91
C ASN J 172 20.37 26.24 13.87
N LEU J 173 19.61 27.33 14.11
CA LEU J 173 18.15 27.35 13.81
C LEU J 173 17.87 26.71 12.43
N MET J 174 18.52 27.26 11.41
CA MET J 174 18.36 26.83 10.03
C MET J 174 18.71 25.35 9.81
N VAL J 175 19.86 24.94 10.32
CA VAL J 175 20.28 23.55 10.25
C VAL J 175 19.29 22.62 10.97
N CYS J 176 18.91 22.96 12.18
CA CYS J 176 17.88 22.20 12.89
C CYS J 176 16.52 22.03 12.17
N LEU J 177 15.95 23.17 11.73
CA LEU J 177 14.76 23.19 10.86
C LEU J 177 14.91 22.31 9.61
N ALA J 178 16.05 22.43 8.93
CA ALA J 178 16.39 21.60 7.75
C ALA J 178 16.31 20.09 8.02
N VAL J 179 16.94 19.64 9.09
CA VAL J 179 16.98 18.24 9.50
C VAL J 179 15.60 17.76 9.96
N TRP J 180 14.92 18.62 10.73
CA TRP J 180 13.57 18.35 11.14
C TRP J 180 12.66 18.12 9.98
N MET J 181 12.71 18.97 8.95
CA MET J 181 11.81 18.85 7.81
C MET J 181 12.14 17.59 7.09
N SER J 182 13.42 17.24 7.13
CA SER J 182 13.91 16.06 6.41
C SER J 182 13.28 14.78 6.94
N TYR J 183 12.92 14.77 8.24
CA TYR J 183 12.05 13.71 8.82
C TYR J 183 10.73 13.42 8.12
N SER J 184 9.95 14.45 7.78
CA SER J 184 8.70 14.25 7.03
C SER J 184 8.95 13.50 5.74
N GLY J 185 10.23 13.45 5.32
CA GLY J 185 10.61 13.04 3.98
C GLY J 185 10.51 11.56 3.77
N ARG J 186 9.82 11.13 2.72
CA ARG J 186 9.70 9.70 2.47
C ARG J 186 10.75 9.27 1.43
N SER J 187 10.95 10.03 0.34
CA SER J 187 11.96 9.72 -0.67
C SER J 187 13.33 10.33 -0.39
N LEU J 188 14.30 9.95 -1.24
CA LEU J 188 15.63 10.54 -1.25
C LEU J 188 15.56 11.96 -1.79
N MET J 189 14.68 12.17 -2.76
CA MET J 189 14.31 13.49 -3.29
C MET J 189 13.76 14.41 -2.21
N ASP J 190 12.74 13.97 -1.48
CA ASP J 190 12.13 14.66 -0.34
C ASP J 190 13.16 15.12 0.70
N LYS J 191 13.94 14.17 1.19
CA LYS J 191 14.87 14.40 2.29
C LYS J 191 16.03 15.32 1.86
N ALA J 192 16.53 15.14 0.65
CA ALA J 192 17.66 15.94 0.23
C ALA J 192 17.17 17.33 -0.05
N PHE J 193 16.21 17.45 -0.96
CA PHE J 193 15.79 18.74 -1.50
C PHE J 193 15.02 19.71 -0.57
N ILE J 194 14.44 19.22 0.52
CA ILE J 194 13.80 20.09 1.49
C ILE J 194 14.83 20.82 2.34
N MET J 195 16.11 20.50 2.14
CA MET J 195 17.16 21.10 2.96
C MET J 195 17.91 22.20 2.21
N VAL J 196 17.82 22.15 0.88
CA VAL J 196 18.50 23.14 0.04
C VAL J 196 18.18 24.60 0.42
N LEU J 197 16.89 24.95 0.50
CA LEU J 197 16.47 26.33 0.81
C LEU J 197 16.92 26.81 2.21
N PRO J 198 16.57 26.04 3.29
CA PRO J 198 17.07 26.49 4.63
C PRO J 198 18.58 26.62 4.76
N VAL J 199 19.36 25.72 4.13
CA VAL J 199 20.81 25.78 4.31
C VAL J 199 21.38 26.89 3.45
N ALA J 200 20.90 26.96 2.23
CA ALA J 200 21.30 27.99 1.30
C ALA J 200 21.15 29.33 2.00
N MET J 201 19.96 29.55 2.59
CA MET J 201 19.63 30.76 3.38
C MET J 201 20.73 31.11 4.32
N PHE J 202 21.12 30.17 5.22
CA PHE J 202 22.07 30.51 6.34
C PHE J 202 23.48 30.77 5.88
N VAL J 203 23.91 30.00 4.92
CA VAL J 203 25.23 30.19 4.41
C VAL J 203 25.30 31.51 3.67
N ALA J 204 24.37 31.76 2.73
CA ALA J 204 24.35 33.02 1.96
C ALA J 204 24.23 34.29 2.86
N SER J 205 23.43 34.20 3.91
CA SER J 205 23.29 35.33 4.85
C SER J 205 24.52 35.48 5.76
N GLY J 206 25.45 34.53 5.67
CA GLY J 206 26.66 34.61 6.45
C GLY J 206 26.47 34.29 7.92
N PHE J 207 25.46 33.49 8.26
CA PHE J 207 25.33 33.03 9.66
C PHE J 207 26.51 32.12 10.05
N GLU J 208 26.67 31.76 11.33
CA GLU J 208 27.94 31.15 11.76
C GLU J 208 27.74 29.78 12.34
N HIS J 209 28.23 28.77 11.62
CA HIS J 209 28.19 27.38 12.10
C HIS J 209 29.56 26.90 12.61
N SER J 210 29.57 26.34 13.81
CA SER J 210 30.82 26.11 14.54
C SER J 210 31.70 25.12 13.82
N ILE J 211 31.08 24.00 13.44
CA ILE J 211 31.75 22.91 12.71
C ILE J 211 32.20 23.36 11.34
N ALA J 212 31.35 24.10 10.62
CA ALA J 212 31.73 24.54 9.29
C ALA J 212 32.99 25.37 9.46
N ASN J 213 32.97 26.26 10.44
CA ASN J 213 34.14 27.05 10.82
C ASN J 213 35.41 26.22 11.10
N MET J 214 35.26 25.03 11.68
CA MET J 214 36.43 24.22 12.01
C MET J 214 37.12 23.75 10.73
N PHE J 215 36.41 23.83 9.60
CA PHE J 215 37.14 23.71 8.36
C PHE J 215 37.66 25.09 7.95
N MET J 216 36.77 26.00 7.60
CA MET J 216 37.19 27.27 7.01
C MET J 216 38.36 28.01 7.70
N ILE J 217 38.27 28.26 9.00
CA ILE J 217 39.28 29.14 9.60
C ILE J 217 40.72 28.49 9.69
N PRO J 218 40.81 27.22 10.17
CA PRO J 218 42.05 26.48 10.01
C PRO J 218 42.56 26.46 8.56
N MET J 219 41.65 26.35 7.60
CA MET J 219 42.02 26.31 6.19
C MET J 219 42.72 27.61 5.87
N GLY J 220 42.12 28.72 6.32
CA GLY J 220 42.68 30.03 6.10
C GLY J 220 44.02 30.15 6.80
N ILE J 221 44.10 29.68 8.05
CA ILE J 221 45.36 29.76 8.81
C ILE J 221 46.46 29.03 8.02
N VAL J 222 46.21 27.75 7.69
CA VAL J 222 47.18 26.98 6.93
C VAL J 222 47.66 27.71 5.68
N ILE J 223 46.75 28.34 4.92
CA ILE J 223 47.13 29.09 3.72
C ILE J 223 47.99 30.29 4.11
N ARG J 224 47.51 31.07 5.10
CA ARG J 224 48.23 32.29 5.51
C ARG J 224 49.68 32.01 5.88
N ASP J 225 49.87 30.88 6.56
CA ASP J 225 51.15 30.46 7.10
C ASP J 225 52.08 29.73 6.14
N PHE J 226 51.52 29.01 5.18
CA PHE J 226 52.35 28.16 4.36
C PHE J 226 52.32 28.46 2.86
N ALA J 227 51.51 29.44 2.44
CA ALA J 227 51.47 29.84 1.04
C ALA J 227 52.85 30.33 0.61
N THR J 228 53.30 29.89 -0.56
CA THR J 228 54.51 30.40 -1.20
C THR J 228 54.55 31.92 -1.55
N PRO J 229 55.76 32.45 -1.86
CA PRO J 229 55.81 33.87 -2.25
C PRO J 229 55.04 34.15 -3.52
N GLU J 230 55.17 33.22 -4.47
CA GLU J 230 54.51 33.27 -5.75
C GLU J 230 52.98 33.36 -5.57
N PHE J 231 52.41 32.64 -4.59
CA PHE J 231 50.98 32.80 -4.28
C PHE J 231 50.59 34.23 -3.88
N TRP J 232 51.27 34.85 -2.92
CA TRP J 232 50.94 36.24 -2.49
C TRP J 232 51.07 37.27 -3.62
N THR J 233 52.06 37.08 -4.51
CA THR J 233 52.22 38.01 -5.63
C THR J 233 51.12 37.86 -6.68
N ALA J 234 50.74 36.61 -6.93
CA ALA J 234 49.68 36.29 -7.88
C ALA J 234 48.36 36.88 -7.47
N VAL J 235 48.04 36.80 -6.19
CA VAL J 235 46.76 37.31 -5.70
C VAL J 235 46.82 38.75 -5.19
N GLY J 236 48.04 39.33 -5.20
CA GLY J 236 48.27 40.68 -4.69
C GLY J 236 47.85 40.94 -3.24
N SER J 237 48.22 40.05 -2.32
CA SER J 237 48.05 40.28 -0.89
C SER J 237 49.34 39.91 -0.14
N SER J 238 49.29 39.77 1.19
CA SER J 238 50.45 39.33 1.97
C SER J 238 49.95 38.74 3.28
N PRO J 239 50.75 37.86 3.95
CA PRO J 239 50.21 37.22 5.18
C PRO J 239 49.82 38.23 6.27
N GLU J 240 50.43 39.42 6.21
CA GLU J 240 50.10 40.55 7.11
C GLU J 240 48.68 41.04 6.93
N SER J 241 48.13 40.85 5.74
CA SER J 241 46.79 41.39 5.45
C SER J 241 45.73 40.59 6.16
N PHE J 242 46.11 39.45 6.72
CA PHE J 242 45.20 38.52 7.39
C PHE J 242 45.76 38.19 8.79
N SER J 243 46.11 39.25 9.51
CA SER J 243 46.66 39.12 10.86
C SER J 243 45.78 38.35 11.89
N HIS J 244 44.44 38.40 11.77
CA HIS J 244 43.56 37.72 12.76
C HIS J 244 43.39 36.23 12.57
N LEU J 245 44.03 35.71 11.53
CA LEU J 245 43.98 34.29 11.26
C LEU J 245 45.08 33.63 12.09
N THR J 246 44.70 33.11 13.25
CA THR J 246 45.64 32.42 14.18
C THR J 246 44.79 31.54 15.10
N VAL J 247 45.34 30.39 15.50
CA VAL J 247 44.58 29.42 16.29
C VAL J 247 44.00 30.05 17.53
N MET J 248 44.74 30.97 18.18
CA MET J 248 44.25 31.64 19.40
C MET J 248 43.02 32.49 19.13
N SER J 249 43.14 33.39 18.15
CA SER J 249 42.05 34.27 17.74
C SER J 249 40.86 33.47 17.23
N PHE J 250 41.14 32.43 16.47
CA PHE J 250 40.07 31.58 16.04
C PHE J 250 39.22 31.19 17.26
N ILE J 251 39.84 30.55 18.25
CA ILE J 251 39.12 30.00 19.39
C ILE J 251 38.36 31.10 20.17
N THR J 252 39.04 32.19 20.44
CA THR J 252 38.46 33.17 21.32
C THR J 252 37.47 34.03 20.60
N ASP J 253 37.79 34.46 19.39
CA ASP J 253 36.91 35.40 18.71
C ASP J 253 35.78 34.82 17.87
N ASN J 254 35.87 33.54 17.55
CA ASN J 254 34.85 32.90 16.74
C ASN J 254 34.25 31.63 17.39
N LEU J 255 35.13 30.66 17.62
CA LEU J 255 34.66 29.31 17.96
C LEU J 255 33.85 29.27 19.24
N ILE J 256 34.33 29.96 20.27
CA ILE J 256 33.62 29.94 21.56
C ILE J 256 32.23 30.58 21.44
N PRO J 257 32.18 31.84 20.95
CA PRO J 257 30.87 32.46 20.88
C PRO J 257 29.95 31.78 19.87
N VAL J 258 30.49 31.40 18.71
CA VAL J 258 29.65 30.76 17.73
C VAL J 258 29.10 29.44 18.27
N THR J 259 29.93 28.64 18.96
CA THR J 259 29.46 27.36 19.55
C THR J 259 28.34 27.59 20.56
N ILE J 260 28.57 28.55 21.47
CA ILE J 260 27.58 28.97 22.47
C ILE J 260 26.32 29.30 21.71
N GLY J 261 26.49 30.11 20.64
CA GLY J 261 25.42 30.46 19.70
C GLY J 261 24.64 29.30 19.10
N ASN J 262 25.34 28.36 18.49
CA ASN J 262 24.67 27.19 17.97
C ASN J 262 23.82 26.48 19.04
N ILE J 263 24.40 26.21 20.22
CA ILE J 263 23.63 25.48 21.26
C ILE J 263 22.28 26.18 21.52
N ILE J 264 22.34 27.47 21.90
CA ILE J 264 21.13 28.27 22.08
C ILE J 264 20.18 28.16 20.86
N GLY J 265 20.76 28.28 19.67
CA GLY J 265 19.98 28.23 18.42
C GLY J 265 19.22 26.93 18.27
N GLY J 266 19.91 25.81 18.45
CA GLY J 266 19.35 24.46 18.33
C GLY J 266 18.21 24.11 19.27
N GLY J 267 18.06 24.83 20.39
CA GLY J 267 16.82 24.72 21.21
C GLY J 267 15.97 26.00 21.21
N LEU J 268 14.81 25.99 20.53
CA LEU J 268 13.94 27.20 20.43
C LEU J 268 12.44 26.95 20.08
C FMT K . -5.90 -33.61 29.16
O1 FMT K . -4.72 -33.30 28.97
O2 FMT K . -6.56 -34.31 28.39
C FMT L . -9.64 -43.87 6.64
O1 FMT L . -8.56 -44.02 6.07
O2 FMT L . -10.25 -44.77 7.20
C FMT M . -14.09 -46.44 18.08
O1 FMT M . -13.12 -46.92 18.70
O2 FMT M . -14.62 -46.91 17.05
C FMT N . -28.48 -43.93 4.71
O1 FMT N . -28.69 -42.84 5.29
O2 FMT N . -27.44 -44.62 4.73
C FMT O . -29.48 -32.82 -3.05
O1 FMT O . -29.31 -32.43 -4.21
O2 FMT O . -29.47 -33.99 -2.62
C FMT P . -40.44 -30.14 11.65
O1 FMT P . -39.85 -29.50 12.53
O2 FMT P . -41.66 -30.09 11.41
C FMT Q . 8.60 41.17 -32.00
O1 FMT Q . 8.78 42.16 -32.73
O2 FMT Q . 9.41 40.68 -31.20
C FMT R . 3.85 36.90 -24.98
O1 FMT R . 3.29 37.39 -25.97
O2 FMT R . 4.78 37.47 -24.40
C FMT S . 3.94 40.65 -36.00
O1 FMT S . 3.83 41.36 -34.99
O2 FMT S . 3.42 39.54 -36.16
C FMT T . 22.57 23.37 -32.92
O1 FMT T . 23.64 23.64 -32.28
O2 FMT T . 21.94 22.28 -32.95
C FMT U . 37.61 28.36 -23.44
O1 FMT U . 37.12 28.05 -24.54
O2 FMT U . 37.04 28.88 -22.46
C FMT V . 37.00 35.60 -5.15
O1 FMT V . 38.17 35.86 -4.84
O2 FMT V . 36.00 36.13 -4.67
C FMT W . 29.24 32.90 4.02
O1 FMT W . 29.24 34.09 3.64
O2 FMT W . 29.47 32.42 5.15
#